data_6VGW
# 
_entry.id   6VGW 
# 
_audit_conform.dict_name       mmcif_pdbx.dic 
_audit_conform.dict_version    5.398 
_audit_conform.dict_location   http://mmcif.pdb.org/dictionaries/ascii/mmcif_pdbx.dic 
# 
loop_
_database_2.database_id 
_database_2.database_code 
_database_2.pdbx_database_accession 
_database_2.pdbx_DOI 
PDB   6VGW         pdb_00006vgw 10.2210/pdb6vgw/pdb 
WWPDB D_1000246353 ?            ?                   
# 
loop_
_pdbx_audit_revision_history.ordinal 
_pdbx_audit_revision_history.data_content_type 
_pdbx_audit_revision_history.major_revision 
_pdbx_audit_revision_history.minor_revision 
_pdbx_audit_revision_history.revision_date 
1 'Structure model' 1 0 2020-05-27 
2 'Structure model' 1 1 2020-06-03 
3 'Structure model' 1 2 2020-06-17 
4 'Structure model' 1 3 2024-11-06 
# 
_pdbx_audit_revision_details.ordinal             1 
_pdbx_audit_revision_details.revision_ordinal    1 
_pdbx_audit_revision_details.data_content_type   'Structure model' 
_pdbx_audit_revision_details.provider            repository 
_pdbx_audit_revision_details.type                'Initial release' 
_pdbx_audit_revision_details.description         ? 
_pdbx_audit_revision_details.details             ? 
# 
loop_
_pdbx_audit_revision_group.ordinal 
_pdbx_audit_revision_group.revision_ordinal 
_pdbx_audit_revision_group.data_content_type 
_pdbx_audit_revision_group.group 
1 2 'Structure model' 'Database references' 
2 3 'Structure model' 'Database references' 
3 4 'Structure model' Advisory              
4 4 'Structure model' 'Data collection'     
5 4 'Structure model' 'Database references' 
6 4 'Structure model' 'Structure summary'   
# 
loop_
_pdbx_audit_revision_category.ordinal 
_pdbx_audit_revision_category.revision_ordinal 
_pdbx_audit_revision_category.data_content_type 
_pdbx_audit_revision_category.category 
1 2 'Structure model' citation                     
2 2 'Structure model' citation_author              
3 3 'Structure model' citation                     
4 4 'Structure model' chem_comp_atom               
5 4 'Structure model' chem_comp_bond               
6 4 'Structure model' database_2                   
7 4 'Structure model' pdbx_entry_details           
8 4 'Structure model' pdbx_modification_feature    
9 4 'Structure model' pdbx_unobs_or_zero_occ_atoms 
# 
loop_
_pdbx_audit_revision_item.ordinal 
_pdbx_audit_revision_item.revision_ordinal 
_pdbx_audit_revision_item.data_content_type 
_pdbx_audit_revision_item.item 
1 2 'Structure model' '_citation.pdbx_database_id_PubMed'            
2 2 'Structure model' '_citation.title'                              
3 2 'Structure model' '_citation_author.identifier_ORCID'            
4 3 'Structure model' '_citation.journal_volume'                     
5 3 'Structure model' '_citation.page_first'                         
6 3 'Structure model' '_citation.page_last'                          
7 4 'Structure model' '_database_2.pdbx_DOI'                         
8 4 'Structure model' '_database_2.pdbx_database_accession'          
9 4 'Structure model' '_pdbx_entry_details.has_protein_modification' 
# 
_pdbx_database_status.status_code                     REL 
_pdbx_database_status.status_code_sf                  REL 
_pdbx_database_status.status_code_mr                  ? 
_pdbx_database_status.entry_id                        6VGW 
_pdbx_database_status.recvd_initial_deposition_date   2020-01-09 
_pdbx_database_status.SG_entry                        N 
_pdbx_database_status.deposit_site                    RCSB 
_pdbx_database_status.process_site                    RCSB 
_pdbx_database_status.status_code_cs                  ? 
_pdbx_database_status.status_code_nmr_data            ? 
_pdbx_database_status.methods_development_category    ? 
_pdbx_database_status.pdb_format_compatible           Y 
# 
loop_
_audit_author.name 
_audit_author.pdbx_ordinal 
_audit_author.identifier_ORCID 
'Burton, A.J.' 1 0000-0002-2340-3262 
'Haugbro, M.'  2 0000-0001-7797-8259 
'Parisi, E.'   3 0000-0001-7567-9845 
'Muir, T.W.'   4 0000-0001-9635-0344 
# 
_citation.abstract                  ? 
_citation.abstract_id_CAS           ? 
_citation.book_id_ISBN              ? 
_citation.book_publisher            ? 
_citation.book_publisher_city       ? 
_citation.book_title                ? 
_citation.coordinate_linkage        ? 
_citation.country                   US 
_citation.database_id_Medline       ? 
_citation.details                   ? 
_citation.id                        primary 
_citation.journal_abbrev            Proc.Natl.Acad.Sci.USA 
_citation.journal_id_ASTM           PNASA6 
_citation.journal_id_CSD            0040 
_citation.journal_id_ISSN           1091-6490 
_citation.journal_full              ? 
_citation.journal_issue             ? 
_citation.journal_volume            117 
_citation.language                  ? 
_citation.page_first                12041 
_citation.page_last                 12049 
_citation.title                     'Live-cell protein engineering with an ultra-short split intein.' 
_citation.year                      2020 
_citation.database_id_CSD           ? 
_citation.pdbx_database_id_DOI      10.1073/pnas.2003613117 
_citation.pdbx_database_id_PubMed   32424098 
_citation.unpublished_flag          ? 
# 
loop_
_citation_author.citation_id 
_citation_author.name 
_citation_author.ordinal 
_citation_author.identifier_ORCID 
primary 'Burton, A.J.' 1 ? 
primary 'Haugbro, M.'  2 ? 
primary 'Parisi, E.'   3 ? 
primary 'Muir, T.W.'   4 ? 
# 
loop_
_entity.id 
_entity.type 
_entity.src_method 
_entity.pdbx_description 
_entity.formula_weight 
_entity.pdbx_number_of_molecules 
_entity.pdbx_ec 
_entity.pdbx_mutation 
_entity.pdbx_fragment 
_entity.details 
1 polymer     man VidaL         16413.723 1  ? 'C4A, N142A' ? ? 
2 non-polymer syn 'SULFATE ION' 96.063    1  ? ?            ? ? 
3 non-polymer syn GLYCEROL      92.094    4  ? ?            ? ? 
4 water       nat water         18.015    94 ? ?            ? ? 
# 
_entity_poly.entity_id                      1 
_entity_poly.type                           'polypeptide(L)' 
_entity_poly.nstd_linkage                   no 
_entity_poly.nstd_monomer                   yes 
_entity_poly.pdbx_seq_one_letter_code       
;ESGALPKEAVVQIRLTKKG(MSE)IEEKKVTVQELRELYLSGEYTIEIDTPDGYQTIGKWFDKGVLS(MSE)VRVATATY
ETVCAFNH(MSE)IQLADNTWVQACELDVGVDIQTAAGIQPV(MSE)LVEDTSDAECYDFEV(MSE)HPNHRYYGDGIVS
HASGK
;
_entity_poly.pdbx_seq_one_letter_code_can   
;ESGALPKEAVVQIRLTKKGMIEEKKVTVQELRELYLSGEYTIEIDTPDGYQTIGKWFDKGVLSMVRVATATYETVCAFNH
MIQLADNTWVQACELDVGVDIQTAAGIQPVMLVEDTSDAECYDFEVMHPNHRYYGDGIVSHASGK
;
_entity_poly.pdbx_strand_id                 A 
_entity_poly.pdbx_target_identifier         ? 
# 
loop_
_pdbx_entity_nonpoly.entity_id 
_pdbx_entity_nonpoly.name 
_pdbx_entity_nonpoly.comp_id 
2 'SULFATE ION' SO4 
3 GLYCEROL      GOL 
4 water         HOH 
# 
loop_
_entity_poly_seq.entity_id 
_entity_poly_seq.num 
_entity_poly_seq.mon_id 
_entity_poly_seq.hetero 
1 1   GLU n 
1 2   SER n 
1 3   GLY n 
1 4   ALA n 
1 5   LEU n 
1 6   PRO n 
1 7   LYS n 
1 8   GLU n 
1 9   ALA n 
1 10  VAL n 
1 11  VAL n 
1 12  GLN n 
1 13  ILE n 
1 14  ARG n 
1 15  LEU n 
1 16  THR n 
1 17  LYS n 
1 18  LYS n 
1 19  GLY n 
1 20  MSE n 
1 21  ILE n 
1 22  GLU n 
1 23  GLU n 
1 24  LYS n 
1 25  LYS n 
1 26  VAL n 
1 27  THR n 
1 28  VAL n 
1 29  GLN n 
1 30  GLU n 
1 31  LEU n 
1 32  ARG n 
1 33  GLU n 
1 34  LEU n 
1 35  TYR n 
1 36  LEU n 
1 37  SER n 
1 38  GLY n 
1 39  GLU n 
1 40  TYR n 
1 41  THR n 
1 42  ILE n 
1 43  GLU n 
1 44  ILE n 
1 45  ASP n 
1 46  THR n 
1 47  PRO n 
1 48  ASP n 
1 49  GLY n 
1 50  TYR n 
1 51  GLN n 
1 52  THR n 
1 53  ILE n 
1 54  GLY n 
1 55  LYS n 
1 56  TRP n 
1 57  PHE n 
1 58  ASP n 
1 59  LYS n 
1 60  GLY n 
1 61  VAL n 
1 62  LEU n 
1 63  SER n 
1 64  MSE n 
1 65  VAL n 
1 66  ARG n 
1 67  VAL n 
1 68  ALA n 
1 69  THR n 
1 70  ALA n 
1 71  THR n 
1 72  TYR n 
1 73  GLU n 
1 74  THR n 
1 75  VAL n 
1 76  CYS n 
1 77  ALA n 
1 78  PHE n 
1 79  ASN n 
1 80  HIS n 
1 81  MSE n 
1 82  ILE n 
1 83  GLN n 
1 84  LEU n 
1 85  ALA n 
1 86  ASP n 
1 87  ASN n 
1 88  THR n 
1 89  TRP n 
1 90  VAL n 
1 91  GLN n 
1 92  ALA n 
1 93  CYS n 
1 94  GLU n 
1 95  LEU n 
1 96  ASP n 
1 97  VAL n 
1 98  GLY n 
1 99  VAL n 
1 100 ASP n 
1 101 ILE n 
1 102 GLN n 
1 103 THR n 
1 104 ALA n 
1 105 ALA n 
1 106 GLY n 
1 107 ILE n 
1 108 GLN n 
1 109 PRO n 
1 110 VAL n 
1 111 MSE n 
1 112 LEU n 
1 113 VAL n 
1 114 GLU n 
1 115 ASP n 
1 116 THR n 
1 117 SER n 
1 118 ASP n 
1 119 ALA n 
1 120 GLU n 
1 121 CYS n 
1 122 TYR n 
1 123 ASP n 
1 124 PHE n 
1 125 GLU n 
1 126 VAL n 
1 127 MSE n 
1 128 HIS n 
1 129 PRO n 
1 130 ASN n 
1 131 HIS n 
1 132 ARG n 
1 133 TYR n 
1 134 TYR n 
1 135 GLY n 
1 136 ASP n 
1 137 GLY n 
1 138 ILE n 
1 139 VAL n 
1 140 SER n 
1 141 HIS n 
1 142 ALA n 
1 143 SER n 
1 144 GLY n 
1 145 LYS n 
# 
_entity_src_gen.entity_id                          1 
_entity_src_gen.pdbx_src_id                        1 
_entity_src_gen.pdbx_alt_source_flag               sample 
_entity_src_gen.pdbx_seq_type                      'Biological sequence' 
_entity_src_gen.pdbx_beg_seq_num                   1 
_entity_src_gen.pdbx_end_seq_num                   145 
_entity_src_gen.gene_src_common_name               'artificial gene' 
_entity_src_gen.gene_src_genus                     ? 
_entity_src_gen.pdbx_gene_src_gene                 ? 
_entity_src_gen.gene_src_species                   ? 
_entity_src_gen.gene_src_strain                    ? 
_entity_src_gen.gene_src_tissue                    ? 
_entity_src_gen.gene_src_tissue_fraction           ? 
_entity_src_gen.gene_src_details                   ? 
_entity_src_gen.pdbx_gene_src_fragment             ? 
_entity_src_gen.pdbx_gene_src_scientific_name      'synthetic construct' 
_entity_src_gen.pdbx_gene_src_ncbi_taxonomy_id     32630 
_entity_src_gen.pdbx_gene_src_variant              ? 
_entity_src_gen.pdbx_gene_src_cell_line            ? 
_entity_src_gen.pdbx_gene_src_atcc                 ? 
_entity_src_gen.pdbx_gene_src_organ                ? 
_entity_src_gen.pdbx_gene_src_organelle            ? 
_entity_src_gen.pdbx_gene_src_cell                 ? 
_entity_src_gen.pdbx_gene_src_cellular_location    ? 
_entity_src_gen.host_org_common_name               ? 
_entity_src_gen.pdbx_host_org_scientific_name      'Escherichia coli' 
_entity_src_gen.pdbx_host_org_ncbi_taxonomy_id     562 
_entity_src_gen.host_org_genus                     ? 
_entity_src_gen.pdbx_host_org_gene                 ? 
_entity_src_gen.pdbx_host_org_organ                ? 
_entity_src_gen.host_org_species                   ? 
_entity_src_gen.pdbx_host_org_tissue               ? 
_entity_src_gen.pdbx_host_org_tissue_fraction      ? 
_entity_src_gen.pdbx_host_org_strain               ? 
_entity_src_gen.pdbx_host_org_variant              ? 
_entity_src_gen.pdbx_host_org_cell_line            ? 
_entity_src_gen.pdbx_host_org_atcc                 ? 
_entity_src_gen.pdbx_host_org_culture_collection   ? 
_entity_src_gen.pdbx_host_org_cell                 ? 
_entity_src_gen.pdbx_host_org_organelle            ? 
_entity_src_gen.pdbx_host_org_cellular_location    ? 
_entity_src_gen.pdbx_host_org_vector_type          ? 
_entity_src_gen.pdbx_host_org_vector               ? 
_entity_src_gen.host_org_details                   ? 
_entity_src_gen.expression_system_id               ? 
_entity_src_gen.plasmid_name                       ? 
_entity_src_gen.plasmid_details                    ? 
_entity_src_gen.pdbx_description                   ? 
# 
loop_
_chem_comp.id 
_chem_comp.type 
_chem_comp.mon_nstd_flag 
_chem_comp.name 
_chem_comp.pdbx_synonyms 
_chem_comp.formula 
_chem_comp.formula_weight 
ALA 'L-peptide linking' y ALANINE          ?                               'C3 H7 N O2'     89.093  
ARG 'L-peptide linking' y ARGININE         ?                               'C6 H15 N4 O2 1' 175.209 
ASN 'L-peptide linking' y ASPARAGINE       ?                               'C4 H8 N2 O3'    132.118 
ASP 'L-peptide linking' y 'ASPARTIC ACID'  ?                               'C4 H7 N O4'     133.103 
CYS 'L-peptide linking' y CYSTEINE         ?                               'C3 H7 N O2 S'   121.158 
GLN 'L-peptide linking' y GLUTAMINE        ?                               'C5 H10 N2 O3'   146.144 
GLU 'L-peptide linking' y 'GLUTAMIC ACID'  ?                               'C5 H9 N O4'     147.129 
GLY 'peptide linking'   y GLYCINE          ?                               'C2 H5 N O2'     75.067  
GOL non-polymer         . GLYCEROL         'GLYCERIN; PROPANE-1,2,3-TRIOL' 'C3 H8 O3'       92.094  
HIS 'L-peptide linking' y HISTIDINE        ?                               'C6 H10 N3 O2 1' 156.162 
HOH non-polymer         . WATER            ?                               'H2 O'           18.015  
ILE 'L-peptide linking' y ISOLEUCINE       ?                               'C6 H13 N O2'    131.173 
LEU 'L-peptide linking' y LEUCINE          ?                               'C6 H13 N O2'    131.173 
LYS 'L-peptide linking' y LYSINE           ?                               'C6 H15 N2 O2 1' 147.195 
MSE 'L-peptide linking' n SELENOMETHIONINE ?                               'C5 H11 N O2 Se' 196.106 
PHE 'L-peptide linking' y PHENYLALANINE    ?                               'C9 H11 N O2'    165.189 
PRO 'L-peptide linking' y PROLINE          ?                               'C5 H9 N O2'     115.130 
SER 'L-peptide linking' y SERINE           ?                               'C3 H7 N O3'     105.093 
SO4 non-polymer         . 'SULFATE ION'    ?                               'O4 S -2'        96.063  
THR 'L-peptide linking' y THREONINE        ?                               'C4 H9 N O3'     119.119 
TRP 'L-peptide linking' y TRYPTOPHAN       ?                               'C11 H12 N2 O2'  204.225 
TYR 'L-peptide linking' y TYROSINE         ?                               'C9 H11 N O3'    181.189 
VAL 'L-peptide linking' y VALINE           ?                               'C5 H11 N O2'    117.146 
# 
loop_
_pdbx_poly_seq_scheme.asym_id 
_pdbx_poly_seq_scheme.entity_id 
_pdbx_poly_seq_scheme.seq_id 
_pdbx_poly_seq_scheme.mon_id 
_pdbx_poly_seq_scheme.ndb_seq_num 
_pdbx_poly_seq_scheme.pdb_seq_num 
_pdbx_poly_seq_scheme.auth_seq_num 
_pdbx_poly_seq_scheme.pdb_mon_id 
_pdbx_poly_seq_scheme.auth_mon_id 
_pdbx_poly_seq_scheme.pdb_strand_id 
_pdbx_poly_seq_scheme.pdb_ins_code 
_pdbx_poly_seq_scheme.hetero 
A 1 1   GLU 1   0   0   GLU GLU A . n 
A 1 2   SER 2   1   1   SER SER A . n 
A 1 3   GLY 3   2   2   GLY GLY A . n 
A 1 4   ALA 4   3   3   ALA ALA A . n 
A 1 5   LEU 5   4   4   LEU LEU A . n 
A 1 6   PRO 6   5   5   PRO PRO A . n 
A 1 7   LYS 7   6   6   LYS LYS A . n 
A 1 8   GLU 8   7   7   GLU GLU A . n 
A 1 9   ALA 9   8   8   ALA ALA A . n 
A 1 10  VAL 10  9   9   VAL VAL A . n 
A 1 11  VAL 11  10  10  VAL VAL A . n 
A 1 12  GLN 12  11  11  GLN GLN A . n 
A 1 13  ILE 13  12  12  ILE ILE A . n 
A 1 14  ARG 14  13  13  ARG ARG A . n 
A 1 15  LEU 15  14  14  LEU LEU A . n 
A 1 16  THR 16  15  15  THR THR A . n 
A 1 17  LYS 17  16  16  LYS LYS A . n 
A 1 18  LYS 18  17  17  LYS LYS A . n 
A 1 19  GLY 19  18  18  GLY GLY A . n 
A 1 20  MSE 20  19  19  MSE MSE A . n 
A 1 21  ILE 21  20  20  ILE ILE A . n 
A 1 22  GLU 22  21  21  GLU GLU A . n 
A 1 23  GLU 23  22  22  GLU GLU A . n 
A 1 24  LYS 24  23  23  LYS LYS A . n 
A 1 25  LYS 25  24  24  LYS LYS A . n 
A 1 26  VAL 26  25  25  VAL VAL A . n 
A 1 27  THR 27  26  26  THR THR A . n 
A 1 28  VAL 28  27  27  VAL VAL A . n 
A 1 29  GLN 29  28  28  GLN GLN A . n 
A 1 30  GLU 30  29  29  GLU GLU A . n 
A 1 31  LEU 31  30  30  LEU LEU A . n 
A 1 32  ARG 32  31  31  ARG ARG A . n 
A 1 33  GLU 33  32  32  GLU GLU A . n 
A 1 34  LEU 34  33  33  LEU LEU A . n 
A 1 35  TYR 35  34  34  TYR TYR A . n 
A 1 36  LEU 36  35  35  LEU LEU A . n 
A 1 37  SER 37  36  36  SER SER A . n 
A 1 38  GLY 38  37  37  GLY GLY A . n 
A 1 39  GLU 39  38  38  GLU GLU A . n 
A 1 40  TYR 40  39  39  TYR TYR A . n 
A 1 41  THR 41  40  40  THR THR A . n 
A 1 42  ILE 42  41  41  ILE ILE A . n 
A 1 43  GLU 43  42  42  GLU GLU A . n 
A 1 44  ILE 44  43  43  ILE ILE A . n 
A 1 45  ASP 45  44  44  ASP ASP A . n 
A 1 46  THR 46  45  45  THR THR A . n 
A 1 47  PRO 47  46  46  PRO PRO A . n 
A 1 48  ASP 48  47  47  ASP ASP A . n 
A 1 49  GLY 49  48  48  GLY GLY A . n 
A 1 50  TYR 50  49  49  TYR TYR A . n 
A 1 51  GLN 51  50  50  GLN GLN A . n 
A 1 52  THR 52  51  51  THR THR A . n 
A 1 53  ILE 53  52  52  ILE ILE A . n 
A 1 54  GLY 54  53  53  GLY GLY A . n 
A 1 55  LYS 55  54  54  LYS LYS A . n 
A 1 56  TRP 56  55  55  TRP TRP A . n 
A 1 57  PHE 57  56  56  PHE PHE A . n 
A 1 58  ASP 58  57  57  ASP ASP A . n 
A 1 59  LYS 59  58  58  LYS LYS A . n 
A 1 60  GLY 60  59  59  GLY GLY A . n 
A 1 61  VAL 61  60  60  VAL VAL A . n 
A 1 62  LEU 62  61  61  LEU LEU A . n 
A 1 63  SER 63  62  62  SER SER A . n 
A 1 64  MSE 64  63  63  MSE MSE A . n 
A 1 65  VAL 65  64  64  VAL VAL A . n 
A 1 66  ARG 66  65  65  ARG ARG A . n 
A 1 67  VAL 67  66  66  VAL VAL A . n 
A 1 68  ALA 68  67  67  ALA ALA A . n 
A 1 69  THR 69  68  68  THR THR A . n 
A 1 70  ALA 70  69  69  ALA ALA A . n 
A 1 71  THR 71  70  70  THR THR A . n 
A 1 72  TYR 72  71  71  TYR TYR A . n 
A 1 73  GLU 73  72  72  GLU GLU A . n 
A 1 74  THR 74  73  73  THR THR A . n 
A 1 75  VAL 75  74  74  VAL VAL A . n 
A 1 76  CYS 76  75  75  CYS CYS A . n 
A 1 77  ALA 77  76  76  ALA ALA A . n 
A 1 78  PHE 78  77  77  PHE PHE A . n 
A 1 79  ASN 79  78  78  ASN ASN A . n 
A 1 80  HIS 80  79  79  HIS HIS A . n 
A 1 81  MSE 81  80  80  MSE MSE A . n 
A 1 82  ILE 82  81  81  ILE ILE A . n 
A 1 83  GLN 83  82  82  GLN GLN A . n 
A 1 84  LEU 84  83  83  LEU LEU A . n 
A 1 85  ALA 85  84  84  ALA ALA A . n 
A 1 86  ASP 86  85  85  ASP ASP A . n 
A 1 87  ASN 87  86  86  ASN ASN A . n 
A 1 88  THR 88  87  87  THR THR A . n 
A 1 89  TRP 89  88  88  TRP TRP A . n 
A 1 90  VAL 90  89  89  VAL VAL A . n 
A 1 91  GLN 91  90  90  GLN GLN A . n 
A 1 92  ALA 92  91  91  ALA ALA A . n 
A 1 93  CYS 93  92  92  CYS CYS A . n 
A 1 94  GLU 94  93  93  GLU GLU A . n 
A 1 95  LEU 95  94  94  LEU LEU A . n 
A 1 96  ASP 96  95  95  ASP ASP A . n 
A 1 97  VAL 97  96  96  VAL VAL A . n 
A 1 98  GLY 98  97  97  GLY GLY A . n 
A 1 99  VAL 99  98  98  VAL VAL A . n 
A 1 100 ASP 100 99  99  ASP ASP A . n 
A 1 101 ILE 101 100 100 ILE ILE A . n 
A 1 102 GLN 102 101 101 GLN GLN A . n 
A 1 103 THR 103 102 102 THR THR A . n 
A 1 104 ALA 104 103 103 ALA ALA A . n 
A 1 105 ALA 105 104 104 ALA ALA A . n 
A 1 106 GLY 106 105 105 GLY GLY A . n 
A 1 107 ILE 107 106 106 ILE ILE A . n 
A 1 108 GLN 108 107 107 GLN GLN A . n 
A 1 109 PRO 109 108 108 PRO PRO A . n 
A 1 110 VAL 110 109 109 VAL VAL A . n 
A 1 111 MSE 111 110 110 MSE MSE A . n 
A 1 112 LEU 112 111 111 LEU LEU A . n 
A 1 113 VAL 113 112 112 VAL VAL A . n 
A 1 114 GLU 114 113 113 GLU GLU A . n 
A 1 115 ASP 115 114 114 ASP ASP A . n 
A 1 116 THR 116 115 115 THR THR A . n 
A 1 117 SER 117 116 116 SER SER A . n 
A 1 118 ASP 118 117 117 ASP ASP A . n 
A 1 119 ALA 119 118 118 ALA ALA A . n 
A 1 120 GLU 120 119 119 GLU GLU A . n 
A 1 121 CYS 121 120 120 CYS CYS A . n 
A 1 122 TYR 122 121 121 TYR TYR A . n 
A 1 123 ASP 123 122 122 ASP ASP A . n 
A 1 124 PHE 124 123 123 PHE PHE A . n 
A 1 125 GLU 125 124 124 GLU GLU A . n 
A 1 126 VAL 126 125 125 VAL VAL A . n 
A 1 127 MSE 127 126 126 MSE MSE A . n 
A 1 128 HIS 128 127 127 HIS HIS A . n 
A 1 129 PRO 129 128 128 PRO PRO A . n 
A 1 130 ASN 130 129 129 ASN ASN A . n 
A 1 131 HIS 131 130 130 HIS HIS A . n 
A 1 132 ARG 132 131 131 ARG ARG A . n 
A 1 133 TYR 133 132 132 TYR TYR A . n 
A 1 134 TYR 134 133 133 TYR TYR A . n 
A 1 135 GLY 135 134 134 GLY GLY A . n 
A 1 136 ASP 136 135 135 ASP ASP A . n 
A 1 137 GLY 137 136 136 GLY GLY A . n 
A 1 138 ILE 138 137 137 ILE ILE A . n 
A 1 139 VAL 139 138 138 VAL VAL A . n 
A 1 140 SER 140 139 139 SER SER A . n 
A 1 141 HIS 141 140 140 HIS HIS A . n 
A 1 142 ALA 142 141 141 ALA ALA A . n 
A 1 143 SER 143 142 142 SER SER A . n 
A 1 144 GLY 144 143 143 GLY GLY A . n 
A 1 145 LYS 145 144 144 LYS LYS A . n 
# 
loop_
_pdbx_nonpoly_scheme.asym_id 
_pdbx_nonpoly_scheme.entity_id 
_pdbx_nonpoly_scheme.mon_id 
_pdbx_nonpoly_scheme.ndb_seq_num 
_pdbx_nonpoly_scheme.pdb_seq_num 
_pdbx_nonpoly_scheme.auth_seq_num 
_pdbx_nonpoly_scheme.pdb_mon_id 
_pdbx_nonpoly_scheme.auth_mon_id 
_pdbx_nonpoly_scheme.pdb_strand_id 
_pdbx_nonpoly_scheme.pdb_ins_code 
B 2 SO4 1  201 1   SO4 SO4 A . 
C 3 GOL 1  202 1   GOL GOL A . 
D 3 GOL 1  203 2   GOL GOL A . 
E 3 GOL 1  204 3   GOL GOL A . 
F 3 GOL 1  205 4   GOL GOL A . 
G 4 HOH 1  301 69  HOH HOH A . 
G 4 HOH 2  302 67  HOH HOH A . 
G 4 HOH 3  303 76  HOH HOH A . 
G 4 HOH 4  304 82  HOH HOH A . 
G 4 HOH 5  305 77  HOH HOH A . 
G 4 HOH 6  306 79  HOH HOH A . 
G 4 HOH 7  307 49  HOH HOH A . 
G 4 HOH 8  308 41  HOH HOH A . 
G 4 HOH 9  309 63  HOH HOH A . 
G 4 HOH 10 310 19  HOH HOH A . 
G 4 HOH 11 311 46  HOH HOH A . 
G 4 HOH 12 312 28  HOH HOH A . 
G 4 HOH 13 313 24  HOH HOH A . 
G 4 HOH 14 314 90  HOH HOH A . 
G 4 HOH 15 315 93  HOH HOH A . 
G 4 HOH 16 316 30  HOH HOH A . 
G 4 HOH 17 317 42  HOH HOH A . 
G 4 HOH 18 318 12  HOH HOH A . 
G 4 HOH 19 319 40  HOH HOH A . 
G 4 HOH 20 320 102 HOH HOH A . 
G 4 HOH 21 321 43  HOH HOH A . 
G 4 HOH 22 322 81  HOH HOH A . 
G 4 HOH 23 323 65  HOH HOH A . 
G 4 HOH 24 324 4   HOH HOH A . 
G 4 HOH 25 325 38  HOH HOH A . 
G 4 HOH 26 326 74  HOH HOH A . 
G 4 HOH 27 327 27  HOH HOH A . 
G 4 HOH 28 328 31  HOH HOH A . 
G 4 HOH 29 329 14  HOH HOH A . 
G 4 HOH 30 330 97  HOH HOH A . 
G 4 HOH 31 331 36  HOH HOH A . 
G 4 HOH 32 332 8   HOH HOH A . 
G 4 HOH 33 333 85  HOH HOH A . 
G 4 HOH 34 334 16  HOH HOH A . 
G 4 HOH 35 335 51  HOH HOH A . 
G 4 HOH 36 336 103 HOH HOH A . 
G 4 HOH 37 337 89  HOH HOH A . 
G 4 HOH 38 338 3   HOH HOH A . 
G 4 HOH 39 339 55  HOH HOH A . 
G 4 HOH 40 340 5   HOH HOH A . 
G 4 HOH 41 341 25  HOH HOH A . 
G 4 HOH 42 342 59  HOH HOH A . 
G 4 HOH 43 343 32  HOH HOH A . 
G 4 HOH 44 344 84  HOH HOH A . 
G 4 HOH 45 345 64  HOH HOH A . 
G 4 HOH 46 346 80  HOH HOH A . 
G 4 HOH 47 347 54  HOH HOH A . 
G 4 HOH 48 348 26  HOH HOH A . 
G 4 HOH 49 349 83  HOH HOH A . 
G 4 HOH 50 350 18  HOH HOH A . 
G 4 HOH 51 351 62  HOH HOH A . 
G 4 HOH 52 352 44  HOH HOH A . 
G 4 HOH 53 353 60  HOH HOH A . 
G 4 HOH 54 354 2   HOH HOH A . 
G 4 HOH 55 355 100 HOH HOH A . 
G 4 HOH 56 356 101 HOH HOH A . 
G 4 HOH 57 357 78  HOH HOH A . 
G 4 HOH 58 358 20  HOH HOH A . 
G 4 HOH 59 359 48  HOH HOH A . 
G 4 HOH 60 360 99  HOH HOH A . 
G 4 HOH 61 361 52  HOH HOH A . 
G 4 HOH 62 362 104 HOH HOH A . 
G 4 HOH 63 363 45  HOH HOH A . 
G 4 HOH 64 364 21  HOH HOH A . 
G 4 HOH 65 365 1   HOH HOH A . 
G 4 HOH 66 366 7   HOH HOH A . 
G 4 HOH 67 367 34  HOH HOH A . 
G 4 HOH 68 368 15  HOH HOH A . 
G 4 HOH 69 369 29  HOH HOH A . 
G 4 HOH 70 370 88  HOH HOH A . 
G 4 HOH 71 371 95  HOH HOH A . 
G 4 HOH 72 372 22  HOH HOH A . 
G 4 HOH 73 373 17  HOH HOH A . 
G 4 HOH 74 374 11  HOH HOH A . 
G 4 HOH 75 375 13  HOH HOH A . 
G 4 HOH 76 376 37  HOH HOH A . 
G 4 HOH 77 377 70  HOH HOH A . 
G 4 HOH 78 378 61  HOH HOH A . 
G 4 HOH 79 379 75  HOH HOH A . 
G 4 HOH 80 380 106 HOH HOH A . 
G 4 HOH 81 381 23  HOH HOH A . 
G 4 HOH 82 382 10  HOH HOH A . 
G 4 HOH 83 383 96  HOH HOH A . 
G 4 HOH 84 384 50  HOH HOH A . 
G 4 HOH 85 385 9   HOH HOH A . 
G 4 HOH 86 386 105 HOH HOH A . 
G 4 HOH 87 387 87  HOH HOH A . 
G 4 HOH 88 388 98  HOH HOH A . 
G 4 HOH 89 389 94  HOH HOH A . 
G 4 HOH 90 390 71  HOH HOH A . 
G 4 HOH 91 391 73  HOH HOH A . 
G 4 HOH 92 392 72  HOH HOH A . 
G 4 HOH 93 393 35  HOH HOH A . 
G 4 HOH 94 394 92  HOH HOH A . 
# 
loop_
_pdbx_unobs_or_zero_occ_atoms.id 
_pdbx_unobs_or_zero_occ_atoms.PDB_model_num 
_pdbx_unobs_or_zero_occ_atoms.polymer_flag 
_pdbx_unobs_or_zero_occ_atoms.occupancy_flag 
_pdbx_unobs_or_zero_occ_atoms.auth_asym_id 
_pdbx_unobs_or_zero_occ_atoms.auth_comp_id 
_pdbx_unobs_or_zero_occ_atoms.auth_seq_id 
_pdbx_unobs_or_zero_occ_atoms.PDB_ins_code 
_pdbx_unobs_or_zero_occ_atoms.auth_atom_id 
_pdbx_unobs_or_zero_occ_atoms.label_alt_id 
_pdbx_unobs_or_zero_occ_atoms.label_asym_id 
_pdbx_unobs_or_zero_occ_atoms.label_comp_id 
_pdbx_unobs_or_zero_occ_atoms.label_seq_id 
_pdbx_unobs_or_zero_occ_atoms.label_atom_id 
1 1 Y 0 A LYS 17  ? CD ? A LYS 18  CD 
2 1 Y 0 A LYS 17  ? CE ? A LYS 18  CE 
3 1 Y 0 A LYS 17  ? NZ ? A LYS 18  NZ 
4 1 Y 0 A LYS 144 ? CG ? A LYS 145 CG 
5 1 Y 0 A LYS 144 ? CD ? A LYS 145 CD 
6 1 Y 0 A LYS 144 ? CE ? A LYS 145 CE 
7 1 Y 0 A LYS 144 ? NZ ? A LYS 145 NZ 
# 
loop_
_software.citation_id 
_software.classification 
_software.compiler_name 
_software.compiler_version 
_software.contact_author 
_software.contact_author_email 
_software.date 
_software.description 
_software.dependencies 
_software.hardware 
_software.language 
_software.location 
_software.mods 
_software.name 
_software.os 
_software.os_version 
_software.type 
_software.version 
_software.pdbx_ordinal 
? refinement       ? ? ? ? ? ? ? ? ? ? ? PHENIX   ? ? ? 1.13_2998 1 
? 'data reduction' ? ? ? ? ? ? ? ? ? ? ? HKL-3000 ? ? ? .         2 
? 'data scaling'   ? ? ? ? ? ? ? ? ? ? ? Aimless  ? ? ? .         3 
? phasing          ? ? ? ? ? ? ? ? ? ? ? SHELXDE  ? ? ? .         4 
# 
_cell.angle_alpha                  90.000 
_cell.angle_alpha_esd              ? 
_cell.angle_beta                   103.554 
_cell.angle_beta_esd               ? 
_cell.angle_gamma                  90.000 
_cell.angle_gamma_esd              ? 
_cell.entry_id                     6VGW 
_cell.details                      ? 
_cell.formula_units_Z              ? 
_cell.length_a                     101.486 
_cell.length_a_esd                 ? 
_cell.length_b                     40.632 
_cell.length_b_esd                 ? 
_cell.length_c                     36.023 
_cell.length_c_esd                 ? 
_cell.volume                       144406.671 
_cell.volume_esd                   ? 
_cell.Z_PDB                        4 
_cell.reciprocal_angle_alpha       ? 
_cell.reciprocal_angle_beta        ? 
_cell.reciprocal_angle_gamma       ? 
_cell.reciprocal_angle_alpha_esd   ? 
_cell.reciprocal_angle_beta_esd    ? 
_cell.reciprocal_angle_gamma_esd   ? 
_cell.reciprocal_length_a          ? 
_cell.reciprocal_length_b          ? 
_cell.reciprocal_length_c          ? 
_cell.reciprocal_length_a_esd      ? 
_cell.reciprocal_length_b_esd      ? 
_cell.reciprocal_length_c_esd      ? 
_cell.pdbx_unique_axis             ? 
# 
_symmetry.entry_id                         6VGW 
_symmetry.cell_setting                     ? 
_symmetry.Int_Tables_number                5 
_symmetry.space_group_name_Hall            'C 2y' 
_symmetry.space_group_name_H-M             'C 1 2 1' 
_symmetry.pdbx_full_space_group_name_H-M   ? 
# 
_exptl.absorpt_coefficient_mu     ? 
_exptl.absorpt_correction_T_max   ? 
_exptl.absorpt_correction_T_min   ? 
_exptl.absorpt_correction_type    ? 
_exptl.absorpt_process_details    ? 
_exptl.entry_id                   6VGW 
_exptl.crystals_number            1 
_exptl.details                    ? 
_exptl.method                     'X-RAY DIFFRACTION' 
_exptl.method_details             ? 
# 
_exptl_crystal.colour                      ? 
_exptl_crystal.density_diffrn              ? 
_exptl_crystal.density_Matthews            2.20 
_exptl_crystal.density_method              ? 
_exptl_crystal.density_percent_sol         44.08 
_exptl_crystal.description                 ? 
_exptl_crystal.F_000                       ? 
_exptl_crystal.id                          1 
_exptl_crystal.preparation                 ? 
_exptl_crystal.size_max                    ? 
_exptl_crystal.size_mid                    ? 
_exptl_crystal.size_min                    ? 
_exptl_crystal.size_rad                    ? 
_exptl_crystal.colour_lustre               ? 
_exptl_crystal.colour_modifier             ? 
_exptl_crystal.colour_primary              ? 
_exptl_crystal.density_meas                ? 
_exptl_crystal.density_meas_esd            ? 
_exptl_crystal.density_meas_gt             ? 
_exptl_crystal.density_meas_lt             ? 
_exptl_crystal.density_meas_temp           ? 
_exptl_crystal.density_meas_temp_esd       ? 
_exptl_crystal.density_meas_temp_gt        ? 
_exptl_crystal.density_meas_temp_lt        ? 
_exptl_crystal.pdbx_crystal_image_url      ? 
_exptl_crystal.pdbx_crystal_image_format   ? 
_exptl_crystal.pdbx_mosaicity              ? 
_exptl_crystal.pdbx_mosaicity_esd          ? 
# 
_exptl_crystal_grow.apparatus       ? 
_exptl_crystal_grow.atmosphere      ? 
_exptl_crystal_grow.crystal_id      1 
_exptl_crystal_grow.details         ? 
_exptl_crystal_grow.method          'VAPOR DIFFUSION, SITTING DROP' 
_exptl_crystal_grow.method_ref      ? 
_exptl_crystal_grow.pH              4.6 
_exptl_crystal_grow.pressure        ? 
_exptl_crystal_grow.pressure_esd    ? 
_exptl_crystal_grow.seeding         ? 
_exptl_crystal_grow.seeding_ref     ? 
_exptl_crystal_grow.temp            293 
_exptl_crystal_grow.temp_details    ? 
_exptl_crystal_grow.temp_esd        ? 
_exptl_crystal_grow.time            ? 
_exptl_crystal_grow.pdbx_details    '0.1 M sodium acetate (pH 4.6) with 2 M ammonium sulfate' 
_exptl_crystal_grow.pdbx_pH_range   ? 
# 
_diffrn.ambient_environment              ? 
_diffrn.ambient_temp                     100 
_diffrn.ambient_temp_details             ? 
_diffrn.ambient_temp_esd                 ? 
_diffrn.crystal_id                       1 
_diffrn.crystal_support                  ? 
_diffrn.crystal_treatment                ? 
_diffrn.details                          ? 
_diffrn.id                               1 
_diffrn.ambient_pressure                 ? 
_diffrn.ambient_pressure_esd             ? 
_diffrn.ambient_pressure_gt              ? 
_diffrn.ambient_pressure_lt              ? 
_diffrn.ambient_temp_gt                  ? 
_diffrn.ambient_temp_lt                  ? 
_diffrn.pdbx_serial_crystal_experiment   N 
# 
_diffrn_detector.details                      ? 
_diffrn_detector.detector                     PIXEL 
_diffrn_detector.diffrn_id                    1 
_diffrn_detector.type                         'DECTRIS EIGER X 16M' 
_diffrn_detector.area_resol_mean              ? 
_diffrn_detector.dtime                        ? 
_diffrn_detector.pdbx_frames_total            ? 
_diffrn_detector.pdbx_collection_time_total   ? 
_diffrn_detector.pdbx_collection_date         2018-10-02 
_diffrn_detector.pdbx_frequency               ? 
# 
_diffrn_radiation.collimation                      ? 
_diffrn_radiation.diffrn_id                        1 
_diffrn_radiation.filter_edge                      ? 
_diffrn_radiation.inhomogeneity                    ? 
_diffrn_radiation.monochromator                    ? 
_diffrn_radiation.polarisn_norm                    ? 
_diffrn_radiation.polarisn_ratio                   ? 
_diffrn_radiation.probe                            ? 
_diffrn_radiation.type                             ? 
_diffrn_radiation.xray_symbol                      ? 
_diffrn_radiation.wavelength_id                    1 
_diffrn_radiation.pdbx_monochromatic_or_laue_m_l   M 
_diffrn_radiation.pdbx_wavelength_list             ? 
_diffrn_radiation.pdbx_wavelength                  ? 
_diffrn_radiation.pdbx_diffrn_protocol             'SINGLE WAVELENGTH' 
_diffrn_radiation.pdbx_analyzer                    ? 
_diffrn_radiation.pdbx_scattering_type             x-ray 
# 
_diffrn_radiation_wavelength.id           1 
_diffrn_radiation_wavelength.wavelength   0.979 
_diffrn_radiation_wavelength.wt           1.0 
# 
_diffrn_source.current                     ? 
_diffrn_source.details                     ? 
_diffrn_source.diffrn_id                   1 
_diffrn_source.power                       ? 
_diffrn_source.size                        ? 
_diffrn_source.source                      SYNCHROTRON 
_diffrn_source.target                      ? 
_diffrn_source.type                        'NSLS-II BEAMLINE 17-ID-2' 
_diffrn_source.voltage                     ? 
_diffrn_source.take-off_angle              ? 
_diffrn_source.pdbx_wavelength_list        0.979 
_diffrn_source.pdbx_wavelength             ? 
_diffrn_source.pdbx_synchrotron_beamline   17-ID-2 
_diffrn_source.pdbx_synchrotron_site       NSLS-II 
# 
_reflns.B_iso_Wilson_estimate            16.55 
_reflns.entry_id                         6VGW 
_reflns.data_reduction_details           ? 
_reflns.data_reduction_method            ? 
_reflns.d_resolution_high                1.51 
_reflns.d_resolution_low                 35.02 
_reflns.details                          ? 
_reflns.limit_h_max                      ? 
_reflns.limit_h_min                      ? 
_reflns.limit_k_max                      ? 
_reflns.limit_k_min                      ? 
_reflns.limit_l_max                      ? 
_reflns.limit_l_min                      ? 
_reflns.number_all                       ? 
_reflns.number_obs                       21755 
_reflns.observed_criterion               ? 
_reflns.observed_criterion_F_max         ? 
_reflns.observed_criterion_F_min         ? 
_reflns.observed_criterion_I_max         ? 
_reflns.observed_criterion_I_min         ? 
_reflns.observed_criterion_sigma_F       ? 
_reflns.observed_criterion_sigma_I       ? 
_reflns.percent_possible_obs             97.2 
_reflns.R_free_details                   ? 
_reflns.Rmerge_F_all                     ? 
_reflns.Rmerge_F_obs                     ? 
_reflns.Friedel_coverage                 ? 
_reflns.number_gt                        ? 
_reflns.threshold_expression             ? 
_reflns.pdbx_redundancy                  10.3 
_reflns.pdbx_Rmerge_I_obs                0.072 
_reflns.pdbx_Rmerge_I_all                ? 
_reflns.pdbx_Rsym_value                  ? 
_reflns.pdbx_netI_over_av_sigmaI         ? 
_reflns.pdbx_netI_over_sigmaI            14.3 
_reflns.pdbx_res_netI_over_av_sigmaI_2   ? 
_reflns.pdbx_res_netI_over_sigmaI_2      ? 
_reflns.pdbx_chi_squared                 ? 
_reflns.pdbx_scaling_rejects             ? 
_reflns.pdbx_d_res_high_opt              ? 
_reflns.pdbx_d_res_low_opt               ? 
_reflns.pdbx_d_res_opt_method            ? 
_reflns.phase_calculation_details        ? 
_reflns.pdbx_Rrim_I_all                  0.08 
_reflns.pdbx_Rpim_I_all                  0.034 
_reflns.pdbx_d_opt                       ? 
_reflns.pdbx_number_measured_all         ? 
_reflns.pdbx_diffrn_id                   1 
_reflns.pdbx_ordinal                     1 
_reflns.pdbx_CC_half                     0.999 
_reflns.pdbx_CC_star                     ? 
_reflns.pdbx_R_split                     ? 
# 
_reflns_shell.d_res_high                  1.51 
_reflns_shell.d_res_low                   1.55 
_reflns_shell.meanI_over_sigI_all         ? 
_reflns_shell.meanI_over_sigI_obs         2.3 
_reflns_shell.number_measured_all         ? 
_reflns_shell.number_measured_obs         ? 
_reflns_shell.number_possible             ? 
_reflns_shell.number_unique_all           ? 
_reflns_shell.number_unique_obs           1513 
_reflns_shell.percent_possible_all        91.3 
_reflns_shell.percent_possible_obs        ? 
_reflns_shell.Rmerge_F_all                ? 
_reflns_shell.Rmerge_F_obs                ? 
_reflns_shell.Rmerge_I_all                ? 
_reflns_shell.Rmerge_I_obs                0.689 
_reflns_shell.meanI_over_sigI_gt          ? 
_reflns_shell.meanI_over_uI_all           ? 
_reflns_shell.meanI_over_uI_gt            ? 
_reflns_shell.number_measured_gt          ? 
_reflns_shell.number_unique_gt            ? 
_reflns_shell.percent_possible_gt         ? 
_reflns_shell.Rmerge_F_gt                 ? 
_reflns_shell.Rmerge_I_gt                 ? 
_reflns_shell.pdbx_redundancy             10.0 
_reflns_shell.pdbx_Rsym_value             ? 
_reflns_shell.pdbx_chi_squared            ? 
_reflns_shell.pdbx_netI_over_sigmaI_all   ? 
_reflns_shell.pdbx_netI_over_sigmaI_obs   ? 
_reflns_shell.pdbx_Rrim_I_all             0.765 
_reflns_shell.pdbx_Rpim_I_all             0.328 
_reflns_shell.pdbx_rejects                ? 
_reflns_shell.pdbx_ordinal                1 
_reflns_shell.pdbx_diffrn_id              1 
_reflns_shell.pdbx_CC_half                0.839 
_reflns_shell.pdbx_CC_star                ? 
_reflns_shell.pdbx_R_split                ? 
# 
_refine.aniso_B[1][1]                            ? 
_refine.aniso_B[1][2]                            ? 
_refine.aniso_B[1][3]                            ? 
_refine.aniso_B[2][2]                            ? 
_refine.aniso_B[2][3]                            ? 
_refine.aniso_B[3][3]                            ? 
_refine.B_iso_max                                ? 
_refine.B_iso_mean                               20.86 
_refine.B_iso_min                                ? 
_refine.correlation_coeff_Fo_to_Fc               ? 
_refine.correlation_coeff_Fo_to_Fc_free          ? 
_refine.details                                  ? 
_refine.diff_density_max                         ? 
_refine.diff_density_max_esd                     ? 
_refine.diff_density_min                         ? 
_refine.diff_density_min_esd                     ? 
_refine.diff_density_rms                         ? 
_refine.diff_density_rms_esd                     ? 
_refine.entry_id                                 6VGW 
_refine.pdbx_refine_id                           'X-RAY DIFFRACTION' 
_refine.ls_abs_structure_details                 ? 
_refine.ls_abs_structure_Flack                   ? 
_refine.ls_abs_structure_Flack_esd               ? 
_refine.ls_abs_structure_Rogers                  ? 
_refine.ls_abs_structure_Rogers_esd              ? 
_refine.ls_d_res_high                            1.51 
_refine.ls_d_res_low                             35.02 
_refine.ls_extinction_coef                       ? 
_refine.ls_extinction_coef_esd                   ? 
_refine.ls_extinction_expression                 ? 
_refine.ls_extinction_method                     ? 
_refine.ls_goodness_of_fit_all                   ? 
_refine.ls_goodness_of_fit_all_esd               ? 
_refine.ls_goodness_of_fit_obs                   ? 
_refine.ls_goodness_of_fit_obs_esd               ? 
_refine.ls_hydrogen_treatment                    ? 
_refine.ls_matrix_type                           ? 
_refine.ls_number_constraints                    ? 
_refine.ls_number_parameters                     ? 
_refine.ls_number_reflns_all                     ? 
_refine.ls_number_reflns_obs                     21617 
_refine.ls_number_reflns_R_free                  1081 
_refine.ls_number_reflns_R_work                  ? 
_refine.ls_number_restraints                     ? 
_refine.ls_percent_reflns_obs                    96.29 
_refine.ls_percent_reflns_R_free                 5.00 
_refine.ls_R_factor_all                          ? 
_refine.ls_R_factor_obs                          0.1703 
_refine.ls_R_factor_R_free                       0.1901 
_refine.ls_R_factor_R_free_error                 ? 
_refine.ls_R_factor_R_free_error_details         ? 
_refine.ls_R_factor_R_work                       0.1692 
_refine.ls_R_Fsqd_factor_obs                     ? 
_refine.ls_R_I_factor_obs                        ? 
_refine.ls_redundancy_reflns_all                 ? 
_refine.ls_redundancy_reflns_obs                 ? 
_refine.ls_restrained_S_all                      ? 
_refine.ls_restrained_S_obs                      ? 
_refine.ls_shift_over_esd_max                    ? 
_refine.ls_shift_over_esd_mean                   ? 
_refine.ls_structure_factor_coef                 ? 
_refine.ls_weighting_details                     ? 
_refine.ls_weighting_scheme                      ? 
_refine.ls_wR_factor_all                         ? 
_refine.ls_wR_factor_obs                         ? 
_refine.ls_wR_factor_R_free                      ? 
_refine.ls_wR_factor_R_work                      ? 
_refine.occupancy_max                            ? 
_refine.occupancy_min                            ? 
_refine.solvent_model_details                    ? 
_refine.solvent_model_param_bsol                 ? 
_refine.solvent_model_param_ksol                 ? 
_refine.pdbx_R_complete                          ? 
_refine.ls_R_factor_gt                           ? 
_refine.ls_goodness_of_fit_gt                    ? 
_refine.ls_goodness_of_fit_ref                   ? 
_refine.ls_shift_over_su_max                     ? 
_refine.ls_shift_over_su_max_lt                  ? 
_refine.ls_shift_over_su_mean                    ? 
_refine.ls_shift_over_su_mean_lt                 ? 
_refine.pdbx_ls_sigma_I                          ? 
_refine.pdbx_ls_sigma_F                          0.00 
_refine.pdbx_ls_sigma_Fsqd                       ? 
_refine.pdbx_data_cutoff_high_absF               ? 
_refine.pdbx_data_cutoff_high_rms_absF           ? 
_refine.pdbx_data_cutoff_low_absF                ? 
_refine.pdbx_isotropic_thermal_model             ? 
_refine.pdbx_ls_cross_valid_method               'FREE R-VALUE' 
_refine.pdbx_method_to_determine_struct          SAD 
_refine.pdbx_starting_model                      ? 
_refine.pdbx_stereochemistry_target_values       ? 
_refine.pdbx_R_Free_selection_details            ? 
_refine.pdbx_stereochem_target_val_spec_case     ? 
_refine.pdbx_overall_ESU_R                       ? 
_refine.pdbx_overall_ESU_R_Free                  ? 
_refine.pdbx_solvent_vdw_probe_radii             1.1100 
_refine.pdbx_solvent_ion_probe_radii             ? 
_refine.pdbx_solvent_shrinkage_radii             0.9000 
_refine.pdbx_real_space_R                        ? 
_refine.pdbx_density_correlation                 ? 
_refine.pdbx_pd_number_of_powder_patterns        ? 
_refine.pdbx_pd_number_of_points                 ? 
_refine.pdbx_pd_meas_number_of_points            ? 
_refine.pdbx_pd_proc_ls_prof_R_factor            ? 
_refine.pdbx_pd_proc_ls_prof_wR_factor           ? 
_refine.pdbx_pd_Marquardt_correlation_coeff      ? 
_refine.pdbx_pd_Fsqrd_R_factor                   ? 
_refine.pdbx_pd_ls_matrix_band_width             ? 
_refine.pdbx_overall_phase_error                 19.8103 
_refine.pdbx_overall_SU_R_free_Cruickshank_DPI   ? 
_refine.pdbx_overall_SU_R_free_Blow_DPI          ? 
_refine.pdbx_overall_SU_R_Blow_DPI               ? 
_refine.pdbx_TLS_residual_ADP_flag               ? 
_refine.pdbx_diffrn_id                           1 
_refine.overall_SU_B                             ? 
_refine.overall_SU_ML                            0.1385 
_refine.overall_SU_R_Cruickshank_DPI             ? 
_refine.overall_SU_R_free                        ? 
_refine.overall_FOM_free_R_set                   ? 
_refine.overall_FOM_work_R_set                   ? 
_refine.pdbx_average_fsc_overall                 ? 
_refine.pdbx_average_fsc_work                    ? 
_refine.pdbx_average_fsc_free                    ? 
# 
_refine_hist.pdbx_refine_id                   'X-RAY DIFFRACTION' 
_refine_hist.cycle_id                         LAST 
_refine_hist.details                          ? 
_refine_hist.d_res_high                       1.51 
_refine_hist.d_res_low                        35.02 
_refine_hist.number_atoms_solvent             94 
_refine_hist.number_atoms_total               1255 
_refine_hist.number_reflns_all                ? 
_refine_hist.number_reflns_obs                ? 
_refine_hist.number_reflns_R_free             ? 
_refine_hist.number_reflns_R_work             ? 
_refine_hist.R_factor_all                     ? 
_refine_hist.R_factor_obs                     ? 
_refine_hist.R_factor_R_free                  ? 
_refine_hist.R_factor_R_work                  ? 
_refine_hist.pdbx_number_residues_total       ? 
_refine_hist.pdbx_B_iso_mean_ligand           ? 
_refine_hist.pdbx_B_iso_mean_solvent          ? 
_refine_hist.pdbx_number_atoms_protein        1132 
_refine_hist.pdbx_number_atoms_nucleic_acid   0 
_refine_hist.pdbx_number_atoms_ligand         29 
_refine_hist.pdbx_number_atoms_lipid          ? 
_refine_hist.pdbx_number_atoms_carb           ? 
_refine_hist.pdbx_pseudo_atom_details         ? 
# 
loop_
_refine_ls_restr.pdbx_refine_id 
_refine_ls_restr.criterion 
_refine_ls_restr.dev_ideal 
_refine_ls_restr.dev_ideal_target 
_refine_ls_restr.number 
_refine_ls_restr.rejects 
_refine_ls_restr.type 
_refine_ls_restr.weight 
_refine_ls_restr.pdbx_restraint_function 
'X-RAY DIFFRACTION' ? 0.0098  ? 1236 ? f_bond_d           ? ? 
'X-RAY DIFFRACTION' ? 0.8787  ? 1672 ? f_angle_d          ? ? 
'X-RAY DIFFRACTION' ? 0.0571  ? 187  ? f_chiral_restr     ? ? 
'X-RAY DIFFRACTION' ? 0.0053  ? 206  ? f_plane_restr      ? ? 
'X-RAY DIFFRACTION' ? 10.7485 ? 1004 ? f_dihedral_angle_d ? ? 
# 
loop_
_refine_ls_shell.pdbx_refine_id 
_refine_ls_shell.d_res_high 
_refine_ls_shell.d_res_low 
_refine_ls_shell.number_reflns_all 
_refine_ls_shell.number_reflns_obs 
_refine_ls_shell.number_reflns_R_free 
_refine_ls_shell.number_reflns_R_work 
_refine_ls_shell.percent_reflns_obs 
_refine_ls_shell.percent_reflns_R_free 
_refine_ls_shell.R_factor_all 
_refine_ls_shell.R_factor_obs 
_refine_ls_shell.R_factor_R_free 
_refine_ls_shell.R_factor_R_free_error 
_refine_ls_shell.R_factor_R_work 
_refine_ls_shell.redundancy_reflns_all 
_refine_ls_shell.redundancy_reflns_obs 
_refine_ls_shell.wR_factor_all 
_refine_ls_shell.wR_factor_obs 
_refine_ls_shell.wR_factor_R_free 
_refine_ls_shell.wR_factor_R_work 
_refine_ls_shell.pdbx_R_complete 
_refine_ls_shell.pdbx_total_number_of_bins_used 
_refine_ls_shell.pdbx_phase_error 
_refine_ls_shell.pdbx_fsc_work 
_refine_ls_shell.pdbx_fsc_free 
'X-RAY DIFFRACTION' 1.51 1.58  . . 122 2263 85.82  . . . 0.2533 . 0.2198 . . . . . . . . . . . 
'X-RAY DIFFRACTION' 1.58 1.67  . . 126 2417 91.84  . . . 0.2400 . 0.2027 . . . . . . . . . . . 
'X-RAY DIFFRACTION' 1.67 1.77  . . 132 2521 94.51  . . . 0.2589 . 0.1969 . . . . . . . . . . . 
'X-RAY DIFFRACTION' 1.77 1.91  . . 135 2600 98.49  . . . 0.2398 . 0.1772 . . . . . . . . . . . 
'X-RAY DIFFRACTION' 1.91 2.10  . . 140 2657 99.54  . . . 0.1654 . 0.1665 . . . . . . . . . . . 
'X-RAY DIFFRACTION' 2.10 2.40  . . 140 2663 100.00 . . . 0.1920 . 0.1668 . . . . . . . . . . . 
'X-RAY DIFFRACTION' 2.40 3.02  . . 142 2679 99.93  . . . 0.1976 . 0.1774 . . . . . . . . . . . 
'X-RAY DIFFRACTION' 3.02 35.02 . . 144 2736 100.00 . . . 0.1631 . 0.1526 . . . . . . . . . . . 
# 
_struct.entry_id                     6VGW 
_struct.title                        'Crystal structure of VidaL intein (selenomethionine variant)' 
_struct.pdbx_model_details           ? 
_struct.pdbx_formula_weight          ? 
_struct.pdbx_formula_weight_method   ? 
_struct.pdbx_model_type_details      ? 
_struct.pdbx_CASP_flag               N 
# 
_struct_keywords.entry_id        6VGW 
_struct_keywords.text            'Intein, split intein, atypical intein, protein splicing, SPLICING' 
_struct_keywords.pdbx_keywords   SPLICING 
# 
loop_
_struct_asym.id 
_struct_asym.pdbx_blank_PDB_chainid_flag 
_struct_asym.pdbx_modified 
_struct_asym.entity_id 
_struct_asym.details 
A N N 1 ? 
B N N 2 ? 
C N N 3 ? 
D N N 3 ? 
E N N 3 ? 
F N N 3 ? 
G N N 4 ? 
# 
_struct_ref.id                         1 
_struct_ref.db_name                    PDB 
_struct_ref.db_code                    6VGW 
_struct_ref.pdbx_db_accession          6VGW 
_struct_ref.pdbx_db_isoform            ? 
_struct_ref.entity_id                  1 
_struct_ref.pdbx_seq_one_letter_code   ? 
_struct_ref.pdbx_align_begin           1 
# 
_struct_ref_seq.align_id                      1 
_struct_ref_seq.ref_id                        1 
_struct_ref_seq.pdbx_PDB_id_code              6VGW 
_struct_ref_seq.pdbx_strand_id                A 
_struct_ref_seq.seq_align_beg                 1 
_struct_ref_seq.pdbx_seq_align_beg_ins_code   ? 
_struct_ref_seq.seq_align_end                 145 
_struct_ref_seq.pdbx_seq_align_end_ins_code   ? 
_struct_ref_seq.pdbx_db_accession             6VGW 
_struct_ref_seq.db_align_beg                  0 
_struct_ref_seq.pdbx_db_align_beg_ins_code    ? 
_struct_ref_seq.db_align_end                  144 
_struct_ref_seq.pdbx_db_align_end_ins_code    ? 
_struct_ref_seq.pdbx_auth_seq_align_beg       0 
_struct_ref_seq.pdbx_auth_seq_align_end       144 
# 
_pdbx_struct_assembly.id                   1 
_pdbx_struct_assembly.details              author_and_software_defined_assembly 
_pdbx_struct_assembly.method_details       PISA 
_pdbx_struct_assembly.oligomeric_details   monomeric 
_pdbx_struct_assembly.oligomeric_count     1 
# 
_pdbx_struct_assembly_gen.assembly_id       1 
_pdbx_struct_assembly_gen.oper_expression   1 
_pdbx_struct_assembly_gen.asym_id_list      A,B,C,D,E,F,G 
# 
_pdbx_struct_assembly_auth_evidence.id                     1 
_pdbx_struct_assembly_auth_evidence.assembly_id            1 
_pdbx_struct_assembly_auth_evidence.experimental_support   'gel filtration' 
_pdbx_struct_assembly_auth_evidence.details                ? 
# 
_pdbx_struct_oper_list.id                   1 
_pdbx_struct_oper_list.type                 'identity operation' 
_pdbx_struct_oper_list.name                 1_555 
_pdbx_struct_oper_list.symmetry_operation   x,y,z 
_pdbx_struct_oper_list.matrix[1][1]         1.0000000000 
_pdbx_struct_oper_list.matrix[1][2]         0.0000000000 
_pdbx_struct_oper_list.matrix[1][3]         0.0000000000 
_pdbx_struct_oper_list.vector[1]            0.0000000000 
_pdbx_struct_oper_list.matrix[2][1]         0.0000000000 
_pdbx_struct_oper_list.matrix[2][2]         1.0000000000 
_pdbx_struct_oper_list.matrix[2][3]         0.0000000000 
_pdbx_struct_oper_list.vector[2]            0.0000000000 
_pdbx_struct_oper_list.matrix[3][1]         0.0000000000 
_pdbx_struct_oper_list.matrix[3][2]         0.0000000000 
_pdbx_struct_oper_list.matrix[3][3]         1.0000000000 
_pdbx_struct_oper_list.vector[3]            0.0000000000 
# 
loop_
_struct_conf.conf_type_id 
_struct_conf.id 
_struct_conf.pdbx_PDB_helix_id 
_struct_conf.beg_label_comp_id 
_struct_conf.beg_label_asym_id 
_struct_conf.beg_label_seq_id 
_struct_conf.pdbx_beg_PDB_ins_code 
_struct_conf.end_label_comp_id 
_struct_conf.end_label_asym_id 
_struct_conf.end_label_seq_id 
_struct_conf.pdbx_end_PDB_ins_code 
_struct_conf.beg_auth_comp_id 
_struct_conf.beg_auth_asym_id 
_struct_conf.beg_auth_seq_id 
_struct_conf.end_auth_comp_id 
_struct_conf.end_auth_asym_id 
_struct_conf.end_auth_seq_id 
_struct_conf.pdbx_PDB_helix_class 
_struct_conf.details 
_struct_conf.pdbx_PDB_helix_length 
HELX_P HELX_P1 AA1 VAL A 28 ? GLY A 38 ? VAL A 27 GLY A 37 1 ? 11 
HELX_P HELX_P2 AA2 CYS A 93 ? LEU A 95 ? CYS A 92 LEU A 94 5 ? 3  
# 
_struct_conf_type.id          HELX_P 
_struct_conf_type.criteria    ? 
_struct_conf_type.reference   ? 
# 
loop_
_struct_conn.id 
_struct_conn.conn_type_id 
_struct_conn.pdbx_leaving_atom_flag 
_struct_conn.pdbx_PDB_id 
_struct_conn.ptnr1_label_asym_id 
_struct_conn.ptnr1_label_comp_id 
_struct_conn.ptnr1_label_seq_id 
_struct_conn.ptnr1_label_atom_id 
_struct_conn.pdbx_ptnr1_label_alt_id 
_struct_conn.pdbx_ptnr1_PDB_ins_code 
_struct_conn.pdbx_ptnr1_standard_comp_id 
_struct_conn.ptnr1_symmetry 
_struct_conn.ptnr2_label_asym_id 
_struct_conn.ptnr2_label_comp_id 
_struct_conn.ptnr2_label_seq_id 
_struct_conn.ptnr2_label_atom_id 
_struct_conn.pdbx_ptnr2_label_alt_id 
_struct_conn.pdbx_ptnr2_PDB_ins_code 
_struct_conn.ptnr1_auth_asym_id 
_struct_conn.ptnr1_auth_comp_id 
_struct_conn.ptnr1_auth_seq_id 
_struct_conn.ptnr2_auth_asym_id 
_struct_conn.ptnr2_auth_comp_id 
_struct_conn.ptnr2_auth_seq_id 
_struct_conn.ptnr2_symmetry 
_struct_conn.pdbx_ptnr3_label_atom_id 
_struct_conn.pdbx_ptnr3_label_seq_id 
_struct_conn.pdbx_ptnr3_label_comp_id 
_struct_conn.pdbx_ptnr3_label_asym_id 
_struct_conn.pdbx_ptnr3_label_alt_id 
_struct_conn.pdbx_ptnr3_PDB_ins_code 
_struct_conn.details 
_struct_conn.pdbx_dist_value 
_struct_conn.pdbx_value_order 
_struct_conn.pdbx_role 
covale1  covale both ? A GLY 19  C ? ? ? 1_555 A MSE 20  N ? ? A GLY 18  A MSE 19  1_555 ? ? ? ? ? ? ? 1.330 ? ? 
covale2  covale both ? A MSE 20  C ? ? ? 1_555 A ILE 21  N ? ? A MSE 19  A ILE 20  1_555 ? ? ? ? ? ? ? 1.336 ? ? 
covale3  covale both ? A SER 63  C ? ? ? 1_555 A MSE 64  N ? ? A SER 62  A MSE 63  1_555 ? ? ? ? ? ? ? 1.329 ? ? 
covale4  covale both ? A MSE 64  C ? ? ? 1_555 A VAL 65  N ? ? A MSE 63  A VAL 64  1_555 ? ? ? ? ? ? ? 1.328 ? ? 
covale5  covale both ? A HIS 80  C ? ? ? 1_555 A MSE 81  N ? ? A HIS 79  A MSE 80  1_555 ? ? ? ? ? ? ? 1.331 ? ? 
covale6  covale both ? A MSE 81  C ? ? ? 1_555 A ILE 82  N ? ? A MSE 80  A ILE 81  1_555 ? ? ? ? ? ? ? 1.325 ? ? 
covale7  covale both ? A VAL 110 C ? ? ? 1_555 A MSE 111 N ? ? A VAL 109 A MSE 110 1_555 ? ? ? ? ? ? ? 1.328 ? ? 
covale8  covale both ? A MSE 111 C ? ? ? 1_555 A LEU 112 N ? ? A MSE 110 A LEU 111 1_555 ? ? ? ? ? ? ? 1.333 ? ? 
covale9  covale both ? A VAL 126 C ? ? ? 1_555 A MSE 127 N ? ? A VAL 125 A MSE 126 1_555 ? ? ? ? ? ? ? 1.331 ? ? 
covale10 covale both ? A MSE 127 C ? ? ? 1_555 A HIS 128 N ? ? A MSE 126 A HIS 127 1_555 ? ? ? ? ? ? ? 1.335 ? ? 
# 
_struct_conn_type.id          covale 
_struct_conn_type.criteria    ? 
_struct_conn_type.reference   ? 
# 
loop_
_pdbx_modification_feature.ordinal 
_pdbx_modification_feature.label_comp_id 
_pdbx_modification_feature.label_asym_id 
_pdbx_modification_feature.label_seq_id 
_pdbx_modification_feature.label_alt_id 
_pdbx_modification_feature.modified_residue_label_comp_id 
_pdbx_modification_feature.modified_residue_label_asym_id 
_pdbx_modification_feature.modified_residue_label_seq_id 
_pdbx_modification_feature.modified_residue_label_alt_id 
_pdbx_modification_feature.auth_comp_id 
_pdbx_modification_feature.auth_asym_id 
_pdbx_modification_feature.auth_seq_id 
_pdbx_modification_feature.PDB_ins_code 
_pdbx_modification_feature.symmetry 
_pdbx_modification_feature.modified_residue_auth_comp_id 
_pdbx_modification_feature.modified_residue_auth_asym_id 
_pdbx_modification_feature.modified_residue_auth_seq_id 
_pdbx_modification_feature.modified_residue_PDB_ins_code 
_pdbx_modification_feature.modified_residue_symmetry 
_pdbx_modification_feature.comp_id_linking_atom 
_pdbx_modification_feature.modified_residue_id_linking_atom 
_pdbx_modification_feature.modified_residue_id 
_pdbx_modification_feature.ref_pcm_id 
_pdbx_modification_feature.ref_comp_id 
_pdbx_modification_feature.type 
_pdbx_modification_feature.category 
1 MSE A 20  ? . . . . MSE A 19  ? 1_555 . . . . . . . MET 1 MSE Selenomethionine 'Named protein modification' 
2 MSE A 64  ? . . . . MSE A 63  ? 1_555 . . . . . . . MET 1 MSE Selenomethionine 'Named protein modification' 
3 MSE A 81  ? . . . . MSE A 80  ? 1_555 . . . . . . . MET 1 MSE Selenomethionine 'Named protein modification' 
4 MSE A 111 ? . . . . MSE A 110 ? 1_555 . . . . . . . MET 1 MSE Selenomethionine 'Named protein modification' 
5 MSE A 127 ? . . . . MSE A 126 ? 1_555 . . . . . . . MET 1 MSE Selenomethionine 'Named protein modification' 
# 
loop_
_struct_sheet.id 
_struct_sheet.type 
_struct_sheet.number_strands 
_struct_sheet.details 
AA1 ? 6 ? 
AA2 ? 4 ? 
AA3 ? 2 ? 
AA4 ? 2 ? 
AA5 ? 2 ? 
# 
loop_
_struct_sheet_order.sheet_id 
_struct_sheet_order.range_id_1 
_struct_sheet_order.range_id_2 
_struct_sheet_order.offset 
_struct_sheet_order.sense 
AA1 1 2 ? anti-parallel 
AA1 2 3 ? anti-parallel 
AA1 3 4 ? anti-parallel 
AA1 4 5 ? anti-parallel 
AA1 5 6 ? anti-parallel 
AA2 1 2 ? anti-parallel 
AA2 2 3 ? anti-parallel 
AA2 3 4 ? anti-parallel 
AA3 1 2 ? anti-parallel 
AA4 1 2 ? anti-parallel 
AA5 1 2 ? anti-parallel 
# 
loop_
_struct_sheet_range.sheet_id 
_struct_sheet_range.id 
_struct_sheet_range.beg_label_comp_id 
_struct_sheet_range.beg_label_asym_id 
_struct_sheet_range.beg_label_seq_id 
_struct_sheet_range.pdbx_beg_PDB_ins_code 
_struct_sheet_range.end_label_comp_id 
_struct_sheet_range.end_label_asym_id 
_struct_sheet_range.end_label_seq_id 
_struct_sheet_range.pdbx_end_PDB_ins_code 
_struct_sheet_range.beg_auth_comp_id 
_struct_sheet_range.beg_auth_asym_id 
_struct_sheet_range.beg_auth_seq_id 
_struct_sheet_range.end_auth_comp_id 
_struct_sheet_range.end_auth_asym_id 
_struct_sheet_range.end_auth_seq_id 
AA1 1 LEU A 5   ? PRO A 6   ? LEU A 4   PRO A 5   
AA1 2 LEU A 112 ? VAL A 126 ? LEU A 111 VAL A 125 
AA1 3 GLN A 51  ? ALA A 68  ? GLN A 50  ALA A 67  
AA1 4 THR A 41  ? ILE A 44  ? THR A 40  ILE A 43  
AA1 5 VAL A 10  ? LYS A 17  ? VAL A 9   LYS A 16  
AA1 6 MSE A 20  ? THR A 27  ? MSE A 19  THR A 26  
AA2 1 LEU A 5   ? PRO A 6   ? LEU A 4   PRO A 5   
AA2 2 LEU A 112 ? VAL A 126 ? LEU A 111 VAL A 125 
AA2 3 GLN A 51  ? ALA A 68  ? GLN A 50  ALA A 67  
AA2 4 GLU A 73  ? ALA A 77  ? GLU A 72  ALA A 76  
AA3 1 MSE A 81  ? GLN A 83  ? MSE A 80  GLN A 82  
AA3 2 TRP A 89  ? GLN A 91  ? TRP A 88  GLN A 90  
AA4 1 ASP A 100 ? THR A 103 ? ASP A 99  THR A 102 
AA4 2 GLY A 106 ? PRO A 109 ? GLY A 105 PRO A 108 
AA5 1 ARG A 132 ? GLY A 135 ? ARG A 131 GLY A 134 
AA5 2 ILE A 138 ? HIS A 141 ? ILE A 137 HIS A 140 
# 
loop_
_pdbx_struct_sheet_hbond.sheet_id 
_pdbx_struct_sheet_hbond.range_id_1 
_pdbx_struct_sheet_hbond.range_id_2 
_pdbx_struct_sheet_hbond.range_1_label_atom_id 
_pdbx_struct_sheet_hbond.range_1_label_comp_id 
_pdbx_struct_sheet_hbond.range_1_label_asym_id 
_pdbx_struct_sheet_hbond.range_1_label_seq_id 
_pdbx_struct_sheet_hbond.range_1_PDB_ins_code 
_pdbx_struct_sheet_hbond.range_1_auth_atom_id 
_pdbx_struct_sheet_hbond.range_1_auth_comp_id 
_pdbx_struct_sheet_hbond.range_1_auth_asym_id 
_pdbx_struct_sheet_hbond.range_1_auth_seq_id 
_pdbx_struct_sheet_hbond.range_2_label_atom_id 
_pdbx_struct_sheet_hbond.range_2_label_comp_id 
_pdbx_struct_sheet_hbond.range_2_label_asym_id 
_pdbx_struct_sheet_hbond.range_2_label_seq_id 
_pdbx_struct_sheet_hbond.range_2_PDB_ins_code 
_pdbx_struct_sheet_hbond.range_2_auth_atom_id 
_pdbx_struct_sheet_hbond.range_2_auth_comp_id 
_pdbx_struct_sheet_hbond.range_2_auth_asym_id 
_pdbx_struct_sheet_hbond.range_2_auth_seq_id 
AA1 1 2 N LEU A 5   ? N LEU A 4   O TYR A 122 ? O TYR A 121 
AA1 2 3 O GLU A 114 ? O GLU A 113 N ARG A 66  ? N ARG A 65  
AA1 3 4 O ILE A 53  ? O ILE A 52  N ILE A 42  ? N ILE A 41  
AA1 4 5 O GLU A 43  ? O GLU A 42  N ARG A 14  ? N ARG A 13  
AA1 5 6 N LEU A 15  ? N LEU A 14  O GLU A 22  ? O GLU A 21  
AA2 1 2 N LEU A 5   ? N LEU A 4   O TYR A 122 ? O TYR A 121 
AA2 2 3 O GLU A 114 ? O GLU A 113 N ARG A 66  ? N ARG A 65  
AA2 3 4 N VAL A 65  ? N VAL A 64  O CYS A 76  ? O CYS A 75  
AA3 1 2 N ILE A 82  ? N ILE A 81  O VAL A 90  ? O VAL A 89  
AA4 1 2 N ILE A 101 ? N ILE A 100 O GLN A 108 ? O GLN A 107 
AA5 1 2 N TYR A 133 ? N TYR A 132 O SER A 140 ? O SER A 139 
# 
loop_
_struct_site.id 
_struct_site.pdbx_evidence_code 
_struct_site.pdbx_auth_asym_id 
_struct_site.pdbx_auth_comp_id 
_struct_site.pdbx_auth_seq_id 
_struct_site.pdbx_auth_ins_code 
_struct_site.pdbx_num_residues 
_struct_site.details 
AC1 Software A SO4 201 ? 5  'binding site for residue SO4 A 201' 
AC2 Software A GOL 202 ? 10 'binding site for residue GOL A 202' 
AC3 Software A GOL 203 ? 9  'binding site for residue GOL A 203' 
AC4 Software A GOL 204 ? 5  'binding site for residue GOL A 204' 
AC5 Software A GOL 205 ? 8  'binding site for residue GOL A 205' 
# 
loop_
_struct_site_gen.id 
_struct_site_gen.site_id 
_struct_site_gen.pdbx_num_res 
_struct_site_gen.label_comp_id 
_struct_site_gen.label_asym_id 
_struct_site_gen.label_seq_id 
_struct_site_gen.pdbx_auth_ins_code 
_struct_site_gen.auth_comp_id 
_struct_site_gen.auth_asym_id 
_struct_site_gen.auth_seq_id 
_struct_site_gen.label_atom_id 
_struct_site_gen.label_alt_id 
_struct_site_gen.symmetry 
_struct_site_gen.details 
1  AC1 5  GLU A 1   ? GLU A 0   . ? 1_555 ? 
2  AC1 5  SER A 2   ? SER A 1   . ? 1_555 ? 
3  AC1 5  LYS A 59  ? LYS A 58  . ? 1_555 ? 
4  AC1 5  ASN A 79  ? ASN A 78  . ? 1_555 ? 
5  AC1 5  HOH G .   ? HOH A 304 . ? 1_555 ? 
6  AC2 10 ASP A 86  ? ASP A 85  . ? 2_556 ? 
7  AC2 10 THR A 88  ? THR A 87  . ? 2_556 ? 
8  AC2 10 ASP A 96  ? ASP A 95  . ? 1_555 ? 
9  AC2 10 VAL A 113 ? VAL A 112 . ? 1_555 ? 
10 AC2 10 PRO A 129 ? PRO A 128 . ? 1_556 ? 
11 AC2 10 HOH G .   ? HOH A 324 . ? 1_556 ? 
12 AC2 10 HOH G .   ? HOH A 328 . ? 1_555 ? 
13 AC2 10 HOH G .   ? HOH A 333 . ? 1_555 ? 
14 AC2 10 HOH G .   ? HOH A 340 . ? 1_555 ? 
15 AC2 10 HOH G .   ? HOH A 353 . ? 2_556 ? 
16 AC3 9  GLN A 51  ? GLN A 50  . ? 1_556 ? 
17 AC3 9  ASP A 86  ? ASP A 85  . ? 2_556 ? 
18 AC3 9  VAL A 97  ? VAL A 96  . ? 1_555 ? 
19 AC3 9  LEU A 112 ? LEU A 111 . ? 1_555 ? 
20 AC3 9  VAL A 113 ? VAL A 112 . ? 1_555 ? 
21 AC3 9  HIS A 128 ? HIS A 127 . ? 1_556 ? 
22 AC3 9  HOH G .   ? HOH A 305 . ? 1_555 ? 
23 AC3 9  HOH G .   ? HOH A 325 . ? 1_556 ? 
24 AC3 9  HOH G .   ? HOH A 336 . ? 1_556 ? 
25 AC4 5  GLU A 23  ? GLU A 22  . ? 4_555 ? 
26 AC4 5  TYR A 40  ? TYR A 39  . ? 1_555 ? 
27 AC4 5  ILE A 42  ? ILE A 41  . ? 1_555 ? 
28 AC4 5  ILE A 53  ? ILE A 52  . ? 1_555 ? 
29 AC4 5  HOH G .   ? HOH A 374 . ? 1_555 ? 
30 AC5 8  TRP A 89  ? TRP A 88  . ? 1_555 ? 
31 AC5 8  PRO A 129 ? PRO A 128 . ? 1_555 ? 
32 AC5 8  ASN A 130 ? ASN A 129 . ? 1_555 ? 
33 AC5 8  HIS A 131 ? HIS A 130 . ? 1_555 ? 
34 AC5 8  HIS A 141 ? HIS A 140 . ? 1_555 ? 
35 AC5 8  LYS A 145 ? LYS A 144 . ? 1_555 ? 
36 AC5 8  HOH G .   ? HOH A 320 . ? 1_555 ? 
37 AC5 8  HOH G .   ? HOH A 342 . ? 1_555 ? 
# 
_pdbx_entry_details.entry_id                   6VGW 
_pdbx_entry_details.has_ligand_of_interest     N 
_pdbx_entry_details.compound_details           ? 
_pdbx_entry_details.source_details             ? 
_pdbx_entry_details.nonpolymer_details         ? 
_pdbx_entry_details.sequence_details           ? 
_pdbx_entry_details.has_protein_modification   Y 
# 
loop_
_pdbx_validate_close_contact.id 
_pdbx_validate_close_contact.PDB_model_num 
_pdbx_validate_close_contact.auth_atom_id_1 
_pdbx_validate_close_contact.auth_asym_id_1 
_pdbx_validate_close_contact.auth_comp_id_1 
_pdbx_validate_close_contact.auth_seq_id_1 
_pdbx_validate_close_contact.PDB_ins_code_1 
_pdbx_validate_close_contact.label_alt_id_1 
_pdbx_validate_close_contact.auth_atom_id_2 
_pdbx_validate_close_contact.auth_asym_id_2 
_pdbx_validate_close_contact.auth_comp_id_2 
_pdbx_validate_close_contact.auth_seq_id_2 
_pdbx_validate_close_contact.PDB_ins_code_2 
_pdbx_validate_close_contact.label_alt_id_2 
_pdbx_validate_close_contact.dist 
1 1 OG A SER 1  ? ? O A HOH 301 ? ? 2.07 
2 1 OH A TYR 49 ? ? O A HOH 302 ? ? 2.14 
# 
loop_
_pdbx_validate_torsion.id 
_pdbx_validate_torsion.PDB_model_num 
_pdbx_validate_torsion.auth_comp_id 
_pdbx_validate_torsion.auth_asym_id 
_pdbx_validate_torsion.auth_seq_id 
_pdbx_validate_torsion.PDB_ins_code 
_pdbx_validate_torsion.label_alt_id 
_pdbx_validate_torsion.phi 
_pdbx_validate_torsion.psi 
1 1 SER A 1   ? ? -150.33 -153.52 
2 1 ASN A 86  ? ? 83.71   -7.48   
3 1 SER A 142 ? ? 64.58   -166.05 
# 
loop_
_pdbx_validate_main_chain_plane.id 
_pdbx_validate_main_chain_plane.PDB_model_num 
_pdbx_validate_main_chain_plane.auth_comp_id 
_pdbx_validate_main_chain_plane.auth_asym_id 
_pdbx_validate_main_chain_plane.auth_seq_id 
_pdbx_validate_main_chain_plane.PDB_ins_code 
_pdbx_validate_main_chain_plane.label_alt_id 
_pdbx_validate_main_chain_plane.improper_torsion_angle 
1 1 MSE A 19 ? A 13.07  
2 1 MSE A 19 ? B -17.31 
# 
_pdbx_struct_special_symmetry.id              1 
_pdbx_struct_special_symmetry.PDB_model_num   1 
_pdbx_struct_special_symmetry.auth_asym_id    A 
_pdbx_struct_special_symmetry.auth_comp_id    HOH 
_pdbx_struct_special_symmetry.auth_seq_id     393 
_pdbx_struct_special_symmetry.PDB_ins_code    ? 
_pdbx_struct_special_symmetry.label_asym_id   G 
_pdbx_struct_special_symmetry.label_comp_id   HOH 
_pdbx_struct_special_symmetry.label_seq_id    . 
# 
loop_
_space_group_symop.id 
_space_group_symop.operation_xyz 
1 x,y,z           
2 -x,y,-z         
3 x+1/2,y+1/2,z   
4 -x+1/2,y+1/2,-z 
# 
loop_
_chem_comp_atom.comp_id 
_chem_comp_atom.atom_id 
_chem_comp_atom.type_symbol 
_chem_comp_atom.pdbx_aromatic_flag 
_chem_comp_atom.pdbx_stereo_config 
_chem_comp_atom.pdbx_ordinal 
ALA N    N  N N 1   
ALA CA   C  N S 2   
ALA C    C  N N 3   
ALA O    O  N N 4   
ALA CB   C  N N 5   
ALA OXT  O  N N 6   
ALA H    H  N N 7   
ALA H2   H  N N 8   
ALA HA   H  N N 9   
ALA HB1  H  N N 10  
ALA HB2  H  N N 11  
ALA HB3  H  N N 12  
ALA HXT  H  N N 13  
ARG N    N  N N 14  
ARG CA   C  N S 15  
ARG C    C  N N 16  
ARG O    O  N N 17  
ARG CB   C  N N 18  
ARG CG   C  N N 19  
ARG CD   C  N N 20  
ARG NE   N  N N 21  
ARG CZ   C  N N 22  
ARG NH1  N  N N 23  
ARG NH2  N  N N 24  
ARG OXT  O  N N 25  
ARG H    H  N N 26  
ARG H2   H  N N 27  
ARG HA   H  N N 28  
ARG HB2  H  N N 29  
ARG HB3  H  N N 30  
ARG HG2  H  N N 31  
ARG HG3  H  N N 32  
ARG HD2  H  N N 33  
ARG HD3  H  N N 34  
ARG HE   H  N N 35  
ARG HH11 H  N N 36  
ARG HH12 H  N N 37  
ARG HH21 H  N N 38  
ARG HH22 H  N N 39  
ARG HXT  H  N N 40  
ASN N    N  N N 41  
ASN CA   C  N S 42  
ASN C    C  N N 43  
ASN O    O  N N 44  
ASN CB   C  N N 45  
ASN CG   C  N N 46  
ASN OD1  O  N N 47  
ASN ND2  N  N N 48  
ASN OXT  O  N N 49  
ASN H    H  N N 50  
ASN H2   H  N N 51  
ASN HA   H  N N 52  
ASN HB2  H  N N 53  
ASN HB3  H  N N 54  
ASN HD21 H  N N 55  
ASN HD22 H  N N 56  
ASN HXT  H  N N 57  
ASP N    N  N N 58  
ASP CA   C  N S 59  
ASP C    C  N N 60  
ASP O    O  N N 61  
ASP CB   C  N N 62  
ASP CG   C  N N 63  
ASP OD1  O  N N 64  
ASP OD2  O  N N 65  
ASP OXT  O  N N 66  
ASP H    H  N N 67  
ASP H2   H  N N 68  
ASP HA   H  N N 69  
ASP HB2  H  N N 70  
ASP HB3  H  N N 71  
ASP HD2  H  N N 72  
ASP HXT  H  N N 73  
CYS N    N  N N 74  
CYS CA   C  N R 75  
CYS C    C  N N 76  
CYS O    O  N N 77  
CYS CB   C  N N 78  
CYS SG   S  N N 79  
CYS OXT  O  N N 80  
CYS H    H  N N 81  
CYS H2   H  N N 82  
CYS HA   H  N N 83  
CYS HB2  H  N N 84  
CYS HB3  H  N N 85  
CYS HG   H  N N 86  
CYS HXT  H  N N 87  
GLN N    N  N N 88  
GLN CA   C  N S 89  
GLN C    C  N N 90  
GLN O    O  N N 91  
GLN CB   C  N N 92  
GLN CG   C  N N 93  
GLN CD   C  N N 94  
GLN OE1  O  N N 95  
GLN NE2  N  N N 96  
GLN OXT  O  N N 97  
GLN H    H  N N 98  
GLN H2   H  N N 99  
GLN HA   H  N N 100 
GLN HB2  H  N N 101 
GLN HB3  H  N N 102 
GLN HG2  H  N N 103 
GLN HG3  H  N N 104 
GLN HE21 H  N N 105 
GLN HE22 H  N N 106 
GLN HXT  H  N N 107 
GLU N    N  N N 108 
GLU CA   C  N S 109 
GLU C    C  N N 110 
GLU O    O  N N 111 
GLU CB   C  N N 112 
GLU CG   C  N N 113 
GLU CD   C  N N 114 
GLU OE1  O  N N 115 
GLU OE2  O  N N 116 
GLU OXT  O  N N 117 
GLU H    H  N N 118 
GLU H2   H  N N 119 
GLU HA   H  N N 120 
GLU HB2  H  N N 121 
GLU HB3  H  N N 122 
GLU HG2  H  N N 123 
GLU HG3  H  N N 124 
GLU HE2  H  N N 125 
GLU HXT  H  N N 126 
GLY N    N  N N 127 
GLY CA   C  N N 128 
GLY C    C  N N 129 
GLY O    O  N N 130 
GLY OXT  O  N N 131 
GLY H    H  N N 132 
GLY H2   H  N N 133 
GLY HA2  H  N N 134 
GLY HA3  H  N N 135 
GLY HXT  H  N N 136 
GOL C1   C  N N 137 
GOL O1   O  N N 138 
GOL C2   C  N N 139 
GOL O2   O  N N 140 
GOL C3   C  N N 141 
GOL O3   O  N N 142 
GOL H11  H  N N 143 
GOL H12  H  N N 144 
GOL HO1  H  N N 145 
GOL H2   H  N N 146 
GOL HO2  H  N N 147 
GOL H31  H  N N 148 
GOL H32  H  N N 149 
GOL HO3  H  N N 150 
HIS N    N  N N 151 
HIS CA   C  N S 152 
HIS C    C  N N 153 
HIS O    O  N N 154 
HIS CB   C  N N 155 
HIS CG   C  Y N 156 
HIS ND1  N  Y N 157 
HIS CD2  C  Y N 158 
HIS CE1  C  Y N 159 
HIS NE2  N  Y N 160 
HIS OXT  O  N N 161 
HIS H    H  N N 162 
HIS H2   H  N N 163 
HIS HA   H  N N 164 
HIS HB2  H  N N 165 
HIS HB3  H  N N 166 
HIS HD1  H  N N 167 
HIS HD2  H  N N 168 
HIS HE1  H  N N 169 
HIS HE2  H  N N 170 
HIS HXT  H  N N 171 
HOH O    O  N N 172 
HOH H1   H  N N 173 
HOH H2   H  N N 174 
ILE N    N  N N 175 
ILE CA   C  N S 176 
ILE C    C  N N 177 
ILE O    O  N N 178 
ILE CB   C  N S 179 
ILE CG1  C  N N 180 
ILE CG2  C  N N 181 
ILE CD1  C  N N 182 
ILE OXT  O  N N 183 
ILE H    H  N N 184 
ILE H2   H  N N 185 
ILE HA   H  N N 186 
ILE HB   H  N N 187 
ILE HG12 H  N N 188 
ILE HG13 H  N N 189 
ILE HG21 H  N N 190 
ILE HG22 H  N N 191 
ILE HG23 H  N N 192 
ILE HD11 H  N N 193 
ILE HD12 H  N N 194 
ILE HD13 H  N N 195 
ILE HXT  H  N N 196 
LEU N    N  N N 197 
LEU CA   C  N S 198 
LEU C    C  N N 199 
LEU O    O  N N 200 
LEU CB   C  N N 201 
LEU CG   C  N N 202 
LEU CD1  C  N N 203 
LEU CD2  C  N N 204 
LEU OXT  O  N N 205 
LEU H    H  N N 206 
LEU H2   H  N N 207 
LEU HA   H  N N 208 
LEU HB2  H  N N 209 
LEU HB3  H  N N 210 
LEU HG   H  N N 211 
LEU HD11 H  N N 212 
LEU HD12 H  N N 213 
LEU HD13 H  N N 214 
LEU HD21 H  N N 215 
LEU HD22 H  N N 216 
LEU HD23 H  N N 217 
LEU HXT  H  N N 218 
LYS N    N  N N 219 
LYS CA   C  N S 220 
LYS C    C  N N 221 
LYS O    O  N N 222 
LYS CB   C  N N 223 
LYS CG   C  N N 224 
LYS CD   C  N N 225 
LYS CE   C  N N 226 
LYS NZ   N  N N 227 
LYS OXT  O  N N 228 
LYS H    H  N N 229 
LYS H2   H  N N 230 
LYS HA   H  N N 231 
LYS HB2  H  N N 232 
LYS HB3  H  N N 233 
LYS HG2  H  N N 234 
LYS HG3  H  N N 235 
LYS HD2  H  N N 236 
LYS HD3  H  N N 237 
LYS HE2  H  N N 238 
LYS HE3  H  N N 239 
LYS HZ1  H  N N 240 
LYS HZ2  H  N N 241 
LYS HZ3  H  N N 242 
LYS HXT  H  N N 243 
MSE N    N  N N 244 
MSE CA   C  N S 245 
MSE C    C  N N 246 
MSE O    O  N N 247 
MSE OXT  O  N N 248 
MSE CB   C  N N 249 
MSE CG   C  N N 250 
MSE SE   SE N N 251 
MSE CE   C  N N 252 
MSE H    H  N N 253 
MSE H2   H  N N 254 
MSE HA   H  N N 255 
MSE HXT  H  N N 256 
MSE HB2  H  N N 257 
MSE HB3  H  N N 258 
MSE HG2  H  N N 259 
MSE HG3  H  N N 260 
MSE HE1  H  N N 261 
MSE HE2  H  N N 262 
MSE HE3  H  N N 263 
PHE N    N  N N 264 
PHE CA   C  N S 265 
PHE C    C  N N 266 
PHE O    O  N N 267 
PHE CB   C  N N 268 
PHE CG   C  Y N 269 
PHE CD1  C  Y N 270 
PHE CD2  C  Y N 271 
PHE CE1  C  Y N 272 
PHE CE2  C  Y N 273 
PHE CZ   C  Y N 274 
PHE OXT  O  N N 275 
PHE H    H  N N 276 
PHE H2   H  N N 277 
PHE HA   H  N N 278 
PHE HB2  H  N N 279 
PHE HB3  H  N N 280 
PHE HD1  H  N N 281 
PHE HD2  H  N N 282 
PHE HE1  H  N N 283 
PHE HE2  H  N N 284 
PHE HZ   H  N N 285 
PHE HXT  H  N N 286 
PRO N    N  N N 287 
PRO CA   C  N S 288 
PRO C    C  N N 289 
PRO O    O  N N 290 
PRO CB   C  N N 291 
PRO CG   C  N N 292 
PRO CD   C  N N 293 
PRO OXT  O  N N 294 
PRO H    H  N N 295 
PRO HA   H  N N 296 
PRO HB2  H  N N 297 
PRO HB3  H  N N 298 
PRO HG2  H  N N 299 
PRO HG3  H  N N 300 
PRO HD2  H  N N 301 
PRO HD3  H  N N 302 
PRO HXT  H  N N 303 
SER N    N  N N 304 
SER CA   C  N S 305 
SER C    C  N N 306 
SER O    O  N N 307 
SER CB   C  N N 308 
SER OG   O  N N 309 
SER OXT  O  N N 310 
SER H    H  N N 311 
SER H2   H  N N 312 
SER HA   H  N N 313 
SER HB2  H  N N 314 
SER HB3  H  N N 315 
SER HG   H  N N 316 
SER HXT  H  N N 317 
SO4 S    S  N N 318 
SO4 O1   O  N N 319 
SO4 O2   O  N N 320 
SO4 O3   O  N N 321 
SO4 O4   O  N N 322 
THR N    N  N N 323 
THR CA   C  N S 324 
THR C    C  N N 325 
THR O    O  N N 326 
THR CB   C  N R 327 
THR OG1  O  N N 328 
THR CG2  C  N N 329 
THR OXT  O  N N 330 
THR H    H  N N 331 
THR H2   H  N N 332 
THR HA   H  N N 333 
THR HB   H  N N 334 
THR HG1  H  N N 335 
THR HG21 H  N N 336 
THR HG22 H  N N 337 
THR HG23 H  N N 338 
THR HXT  H  N N 339 
TRP N    N  N N 340 
TRP CA   C  N S 341 
TRP C    C  N N 342 
TRP O    O  N N 343 
TRP CB   C  N N 344 
TRP CG   C  Y N 345 
TRP CD1  C  Y N 346 
TRP CD2  C  Y N 347 
TRP NE1  N  Y N 348 
TRP CE2  C  Y N 349 
TRP CE3  C  Y N 350 
TRP CZ2  C  Y N 351 
TRP CZ3  C  Y N 352 
TRP CH2  C  Y N 353 
TRP OXT  O  N N 354 
TRP H    H  N N 355 
TRP H2   H  N N 356 
TRP HA   H  N N 357 
TRP HB2  H  N N 358 
TRP HB3  H  N N 359 
TRP HD1  H  N N 360 
TRP HE1  H  N N 361 
TRP HE3  H  N N 362 
TRP HZ2  H  N N 363 
TRP HZ3  H  N N 364 
TRP HH2  H  N N 365 
TRP HXT  H  N N 366 
TYR N    N  N N 367 
TYR CA   C  N S 368 
TYR C    C  N N 369 
TYR O    O  N N 370 
TYR CB   C  N N 371 
TYR CG   C  Y N 372 
TYR CD1  C  Y N 373 
TYR CD2  C  Y N 374 
TYR CE1  C  Y N 375 
TYR CE2  C  Y N 376 
TYR CZ   C  Y N 377 
TYR OH   O  N N 378 
TYR OXT  O  N N 379 
TYR H    H  N N 380 
TYR H2   H  N N 381 
TYR HA   H  N N 382 
TYR HB2  H  N N 383 
TYR HB3  H  N N 384 
TYR HD1  H  N N 385 
TYR HD2  H  N N 386 
TYR HE1  H  N N 387 
TYR HE2  H  N N 388 
TYR HH   H  N N 389 
TYR HXT  H  N N 390 
VAL N    N  N N 391 
VAL CA   C  N S 392 
VAL C    C  N N 393 
VAL O    O  N N 394 
VAL CB   C  N N 395 
VAL CG1  C  N N 396 
VAL CG2  C  N N 397 
VAL OXT  O  N N 398 
VAL H    H  N N 399 
VAL H2   H  N N 400 
VAL HA   H  N N 401 
VAL HB   H  N N 402 
VAL HG11 H  N N 403 
VAL HG12 H  N N 404 
VAL HG13 H  N N 405 
VAL HG21 H  N N 406 
VAL HG22 H  N N 407 
VAL HG23 H  N N 408 
VAL HXT  H  N N 409 
# 
loop_
_chem_comp_bond.comp_id 
_chem_comp_bond.atom_id_1 
_chem_comp_bond.atom_id_2 
_chem_comp_bond.value_order 
_chem_comp_bond.pdbx_aromatic_flag 
_chem_comp_bond.pdbx_stereo_config 
_chem_comp_bond.pdbx_ordinal 
ALA N   CA   sing N N 1   
ALA N   H    sing N N 2   
ALA N   H2   sing N N 3   
ALA CA  C    sing N N 4   
ALA CA  CB   sing N N 5   
ALA CA  HA   sing N N 6   
ALA C   O    doub N N 7   
ALA C   OXT  sing N N 8   
ALA CB  HB1  sing N N 9   
ALA CB  HB2  sing N N 10  
ALA CB  HB3  sing N N 11  
ALA OXT HXT  sing N N 12  
ARG N   CA   sing N N 13  
ARG N   H    sing N N 14  
ARG N   H2   sing N N 15  
ARG CA  C    sing N N 16  
ARG CA  CB   sing N N 17  
ARG CA  HA   sing N N 18  
ARG C   O    doub N N 19  
ARG C   OXT  sing N N 20  
ARG CB  CG   sing N N 21  
ARG CB  HB2  sing N N 22  
ARG CB  HB3  sing N N 23  
ARG CG  CD   sing N N 24  
ARG CG  HG2  sing N N 25  
ARG CG  HG3  sing N N 26  
ARG CD  NE   sing N N 27  
ARG CD  HD2  sing N N 28  
ARG CD  HD3  sing N N 29  
ARG NE  CZ   sing N N 30  
ARG NE  HE   sing N N 31  
ARG CZ  NH1  sing N N 32  
ARG CZ  NH2  doub N N 33  
ARG NH1 HH11 sing N N 34  
ARG NH1 HH12 sing N N 35  
ARG NH2 HH21 sing N N 36  
ARG NH2 HH22 sing N N 37  
ARG OXT HXT  sing N N 38  
ASN N   CA   sing N N 39  
ASN N   H    sing N N 40  
ASN N   H2   sing N N 41  
ASN CA  C    sing N N 42  
ASN CA  CB   sing N N 43  
ASN CA  HA   sing N N 44  
ASN C   O    doub N N 45  
ASN C   OXT  sing N N 46  
ASN CB  CG   sing N N 47  
ASN CB  HB2  sing N N 48  
ASN CB  HB3  sing N N 49  
ASN CG  OD1  doub N N 50  
ASN CG  ND2  sing N N 51  
ASN ND2 HD21 sing N N 52  
ASN ND2 HD22 sing N N 53  
ASN OXT HXT  sing N N 54  
ASP N   CA   sing N N 55  
ASP N   H    sing N N 56  
ASP N   H2   sing N N 57  
ASP CA  C    sing N N 58  
ASP CA  CB   sing N N 59  
ASP CA  HA   sing N N 60  
ASP C   O    doub N N 61  
ASP C   OXT  sing N N 62  
ASP CB  CG   sing N N 63  
ASP CB  HB2  sing N N 64  
ASP CB  HB3  sing N N 65  
ASP CG  OD1  doub N N 66  
ASP CG  OD2  sing N N 67  
ASP OD2 HD2  sing N N 68  
ASP OXT HXT  sing N N 69  
CYS N   CA   sing N N 70  
CYS N   H    sing N N 71  
CYS N   H2   sing N N 72  
CYS CA  C    sing N N 73  
CYS CA  CB   sing N N 74  
CYS CA  HA   sing N N 75  
CYS C   O    doub N N 76  
CYS C   OXT  sing N N 77  
CYS CB  SG   sing N N 78  
CYS CB  HB2  sing N N 79  
CYS CB  HB3  sing N N 80  
CYS SG  HG   sing N N 81  
CYS OXT HXT  sing N N 82  
GLN N   CA   sing N N 83  
GLN N   H    sing N N 84  
GLN N   H2   sing N N 85  
GLN CA  C    sing N N 86  
GLN CA  CB   sing N N 87  
GLN CA  HA   sing N N 88  
GLN C   O    doub N N 89  
GLN C   OXT  sing N N 90  
GLN CB  CG   sing N N 91  
GLN CB  HB2  sing N N 92  
GLN CB  HB3  sing N N 93  
GLN CG  CD   sing N N 94  
GLN CG  HG2  sing N N 95  
GLN CG  HG3  sing N N 96  
GLN CD  OE1  doub N N 97  
GLN CD  NE2  sing N N 98  
GLN NE2 HE21 sing N N 99  
GLN NE2 HE22 sing N N 100 
GLN OXT HXT  sing N N 101 
GLU N   CA   sing N N 102 
GLU N   H    sing N N 103 
GLU N   H2   sing N N 104 
GLU CA  C    sing N N 105 
GLU CA  CB   sing N N 106 
GLU CA  HA   sing N N 107 
GLU C   O    doub N N 108 
GLU C   OXT  sing N N 109 
GLU CB  CG   sing N N 110 
GLU CB  HB2  sing N N 111 
GLU CB  HB3  sing N N 112 
GLU CG  CD   sing N N 113 
GLU CG  HG2  sing N N 114 
GLU CG  HG3  sing N N 115 
GLU CD  OE1  doub N N 116 
GLU CD  OE2  sing N N 117 
GLU OE2 HE2  sing N N 118 
GLU OXT HXT  sing N N 119 
GLY N   CA   sing N N 120 
GLY N   H    sing N N 121 
GLY N   H2   sing N N 122 
GLY CA  C    sing N N 123 
GLY CA  HA2  sing N N 124 
GLY CA  HA3  sing N N 125 
GLY C   O    doub N N 126 
GLY C   OXT  sing N N 127 
GLY OXT HXT  sing N N 128 
GOL C1  O1   sing N N 129 
GOL C1  C2   sing N N 130 
GOL C1  H11  sing N N 131 
GOL C1  H12  sing N N 132 
GOL O1  HO1  sing N N 133 
GOL C2  O2   sing N N 134 
GOL C2  C3   sing N N 135 
GOL C2  H2   sing N N 136 
GOL O2  HO2  sing N N 137 
GOL C3  O3   sing N N 138 
GOL C3  H31  sing N N 139 
GOL C3  H32  sing N N 140 
GOL O3  HO3  sing N N 141 
HIS N   CA   sing N N 142 
HIS N   H    sing N N 143 
HIS N   H2   sing N N 144 
HIS CA  C    sing N N 145 
HIS CA  CB   sing N N 146 
HIS CA  HA   sing N N 147 
HIS C   O    doub N N 148 
HIS C   OXT  sing N N 149 
HIS CB  CG   sing N N 150 
HIS CB  HB2  sing N N 151 
HIS CB  HB3  sing N N 152 
HIS CG  ND1  sing Y N 153 
HIS CG  CD2  doub Y N 154 
HIS ND1 CE1  doub Y N 155 
HIS ND1 HD1  sing N N 156 
HIS CD2 NE2  sing Y N 157 
HIS CD2 HD2  sing N N 158 
HIS CE1 NE2  sing Y N 159 
HIS CE1 HE1  sing N N 160 
HIS NE2 HE2  sing N N 161 
HIS OXT HXT  sing N N 162 
HOH O   H1   sing N N 163 
HOH O   H2   sing N N 164 
ILE N   CA   sing N N 165 
ILE N   H    sing N N 166 
ILE N   H2   sing N N 167 
ILE CA  C    sing N N 168 
ILE CA  CB   sing N N 169 
ILE CA  HA   sing N N 170 
ILE C   O    doub N N 171 
ILE C   OXT  sing N N 172 
ILE CB  CG1  sing N N 173 
ILE CB  CG2  sing N N 174 
ILE CB  HB   sing N N 175 
ILE CG1 CD1  sing N N 176 
ILE CG1 HG12 sing N N 177 
ILE CG1 HG13 sing N N 178 
ILE CG2 HG21 sing N N 179 
ILE CG2 HG22 sing N N 180 
ILE CG2 HG23 sing N N 181 
ILE CD1 HD11 sing N N 182 
ILE CD1 HD12 sing N N 183 
ILE CD1 HD13 sing N N 184 
ILE OXT HXT  sing N N 185 
LEU N   CA   sing N N 186 
LEU N   H    sing N N 187 
LEU N   H2   sing N N 188 
LEU CA  C    sing N N 189 
LEU CA  CB   sing N N 190 
LEU CA  HA   sing N N 191 
LEU C   O    doub N N 192 
LEU C   OXT  sing N N 193 
LEU CB  CG   sing N N 194 
LEU CB  HB2  sing N N 195 
LEU CB  HB3  sing N N 196 
LEU CG  CD1  sing N N 197 
LEU CG  CD2  sing N N 198 
LEU CG  HG   sing N N 199 
LEU CD1 HD11 sing N N 200 
LEU CD1 HD12 sing N N 201 
LEU CD1 HD13 sing N N 202 
LEU CD2 HD21 sing N N 203 
LEU CD2 HD22 sing N N 204 
LEU CD2 HD23 sing N N 205 
LEU OXT HXT  sing N N 206 
LYS N   CA   sing N N 207 
LYS N   H    sing N N 208 
LYS N   H2   sing N N 209 
LYS CA  C    sing N N 210 
LYS CA  CB   sing N N 211 
LYS CA  HA   sing N N 212 
LYS C   O    doub N N 213 
LYS C   OXT  sing N N 214 
LYS CB  CG   sing N N 215 
LYS CB  HB2  sing N N 216 
LYS CB  HB3  sing N N 217 
LYS CG  CD   sing N N 218 
LYS CG  HG2  sing N N 219 
LYS CG  HG3  sing N N 220 
LYS CD  CE   sing N N 221 
LYS CD  HD2  sing N N 222 
LYS CD  HD3  sing N N 223 
LYS CE  NZ   sing N N 224 
LYS CE  HE2  sing N N 225 
LYS CE  HE3  sing N N 226 
LYS NZ  HZ1  sing N N 227 
LYS NZ  HZ2  sing N N 228 
LYS NZ  HZ3  sing N N 229 
LYS OXT HXT  sing N N 230 
MSE N   CA   sing N N 231 
MSE N   H    sing N N 232 
MSE N   H2   sing N N 233 
MSE CA  C    sing N N 234 
MSE CA  CB   sing N N 235 
MSE CA  HA   sing N N 236 
MSE C   O    doub N N 237 
MSE C   OXT  sing N N 238 
MSE OXT HXT  sing N N 239 
MSE CB  CG   sing N N 240 
MSE CB  HB2  sing N N 241 
MSE CB  HB3  sing N N 242 
MSE CG  SE   sing N N 243 
MSE CG  HG2  sing N N 244 
MSE CG  HG3  sing N N 245 
MSE SE  CE   sing N N 246 
MSE CE  HE1  sing N N 247 
MSE CE  HE2  sing N N 248 
MSE CE  HE3  sing N N 249 
PHE N   CA   sing N N 250 
PHE N   H    sing N N 251 
PHE N   H2   sing N N 252 
PHE CA  C    sing N N 253 
PHE CA  CB   sing N N 254 
PHE CA  HA   sing N N 255 
PHE C   O    doub N N 256 
PHE C   OXT  sing N N 257 
PHE CB  CG   sing N N 258 
PHE CB  HB2  sing N N 259 
PHE CB  HB3  sing N N 260 
PHE CG  CD1  doub Y N 261 
PHE CG  CD2  sing Y N 262 
PHE CD1 CE1  sing Y N 263 
PHE CD1 HD1  sing N N 264 
PHE CD2 CE2  doub Y N 265 
PHE CD2 HD2  sing N N 266 
PHE CE1 CZ   doub Y N 267 
PHE CE1 HE1  sing N N 268 
PHE CE2 CZ   sing Y N 269 
PHE CE2 HE2  sing N N 270 
PHE CZ  HZ   sing N N 271 
PHE OXT HXT  sing N N 272 
PRO N   CA   sing N N 273 
PRO N   CD   sing N N 274 
PRO N   H    sing N N 275 
PRO CA  C    sing N N 276 
PRO CA  CB   sing N N 277 
PRO CA  HA   sing N N 278 
PRO C   O    doub N N 279 
PRO C   OXT  sing N N 280 
PRO CB  CG   sing N N 281 
PRO CB  HB2  sing N N 282 
PRO CB  HB3  sing N N 283 
PRO CG  CD   sing N N 284 
PRO CG  HG2  sing N N 285 
PRO CG  HG3  sing N N 286 
PRO CD  HD2  sing N N 287 
PRO CD  HD3  sing N N 288 
PRO OXT HXT  sing N N 289 
SER N   CA   sing N N 290 
SER N   H    sing N N 291 
SER N   H2   sing N N 292 
SER CA  C    sing N N 293 
SER CA  CB   sing N N 294 
SER CA  HA   sing N N 295 
SER C   O    doub N N 296 
SER C   OXT  sing N N 297 
SER CB  OG   sing N N 298 
SER CB  HB2  sing N N 299 
SER CB  HB3  sing N N 300 
SER OG  HG   sing N N 301 
SER OXT HXT  sing N N 302 
SO4 S   O1   doub N N 303 
SO4 S   O2   doub N N 304 
SO4 S   O3   sing N N 305 
SO4 S   O4   sing N N 306 
THR N   CA   sing N N 307 
THR N   H    sing N N 308 
THR N   H2   sing N N 309 
THR CA  C    sing N N 310 
THR CA  CB   sing N N 311 
THR CA  HA   sing N N 312 
THR C   O    doub N N 313 
THR C   OXT  sing N N 314 
THR CB  OG1  sing N N 315 
THR CB  CG2  sing N N 316 
THR CB  HB   sing N N 317 
THR OG1 HG1  sing N N 318 
THR CG2 HG21 sing N N 319 
THR CG2 HG22 sing N N 320 
THR CG2 HG23 sing N N 321 
THR OXT HXT  sing N N 322 
TRP N   CA   sing N N 323 
TRP N   H    sing N N 324 
TRP N   H2   sing N N 325 
TRP CA  C    sing N N 326 
TRP CA  CB   sing N N 327 
TRP CA  HA   sing N N 328 
TRP C   O    doub N N 329 
TRP C   OXT  sing N N 330 
TRP CB  CG   sing N N 331 
TRP CB  HB2  sing N N 332 
TRP CB  HB3  sing N N 333 
TRP CG  CD1  doub Y N 334 
TRP CG  CD2  sing Y N 335 
TRP CD1 NE1  sing Y N 336 
TRP CD1 HD1  sing N N 337 
TRP CD2 CE2  doub Y N 338 
TRP CD2 CE3  sing Y N 339 
TRP NE1 CE2  sing Y N 340 
TRP NE1 HE1  sing N N 341 
TRP CE2 CZ2  sing Y N 342 
TRP CE3 CZ3  doub Y N 343 
TRP CE3 HE3  sing N N 344 
TRP CZ2 CH2  doub Y N 345 
TRP CZ2 HZ2  sing N N 346 
TRP CZ3 CH2  sing Y N 347 
TRP CZ3 HZ3  sing N N 348 
TRP CH2 HH2  sing N N 349 
TRP OXT HXT  sing N N 350 
TYR N   CA   sing N N 351 
TYR N   H    sing N N 352 
TYR N   H2   sing N N 353 
TYR CA  C    sing N N 354 
TYR CA  CB   sing N N 355 
TYR CA  HA   sing N N 356 
TYR C   O    doub N N 357 
TYR C   OXT  sing N N 358 
TYR CB  CG   sing N N 359 
TYR CB  HB2  sing N N 360 
TYR CB  HB3  sing N N 361 
TYR CG  CD1  doub Y N 362 
TYR CG  CD2  sing Y N 363 
TYR CD1 CE1  sing Y N 364 
TYR CD1 HD1  sing N N 365 
TYR CD2 CE2  doub Y N 366 
TYR CD2 HD2  sing N N 367 
TYR CE1 CZ   doub Y N 368 
TYR CE1 HE1  sing N N 369 
TYR CE2 CZ   sing Y N 370 
TYR CE2 HE2  sing N N 371 
TYR CZ  OH   sing N N 372 
TYR OH  HH   sing N N 373 
TYR OXT HXT  sing N N 374 
VAL N   CA   sing N N 375 
VAL N   H    sing N N 376 
VAL N   H2   sing N N 377 
VAL CA  C    sing N N 378 
VAL CA  CB   sing N N 379 
VAL CA  HA   sing N N 380 
VAL C   O    doub N N 381 
VAL C   OXT  sing N N 382 
VAL CB  CG1  sing N N 383 
VAL CB  CG2  sing N N 384 
VAL CB  HB   sing N N 385 
VAL CG1 HG11 sing N N 386 
VAL CG1 HG12 sing N N 387 
VAL CG1 HG13 sing N N 388 
VAL CG2 HG21 sing N N 389 
VAL CG2 HG22 sing N N 390 
VAL CG2 HG23 sing N N 391 
VAL OXT HXT  sing N N 392 
# 
_pdbx_audit_support.funding_organization   
'National Institutes of Health/National Institute of General Medical Sciences (NIH/NIGMS)' 
_pdbx_audit_support.country                'United States' 
_pdbx_audit_support.grant_number           R37-GM086868 
_pdbx_audit_support.ordinal                1 
# 
_space_group.name_H-M_alt     'C 1 2 1' 
_space_group.name_Hall        'C 2y' 
_space_group.IT_number        5 
_space_group.crystal_system   monoclinic 
_space_group.id               1 
# 
_atom_sites.entry_id                    6VGW 
_atom_sites.Cartn_transf_matrix[1][1]   ? 
_atom_sites.Cartn_transf_matrix[1][2]   ? 
_atom_sites.Cartn_transf_matrix[1][3]   ? 
_atom_sites.Cartn_transf_matrix[2][1]   ? 
_atom_sites.Cartn_transf_matrix[2][2]   ? 
_atom_sites.Cartn_transf_matrix[2][3]   ? 
_atom_sites.Cartn_transf_matrix[3][1]   ? 
_atom_sites.Cartn_transf_matrix[3][2]   ? 
_atom_sites.Cartn_transf_matrix[3][3]   ? 
_atom_sites.Cartn_transf_vector[1]      ? 
_atom_sites.Cartn_transf_vector[2]      ? 
_atom_sites.Cartn_transf_vector[3]      ? 
_atom_sites.fract_transf_matrix[1][1]   -0.00150763 
_atom_sites.fract_transf_matrix[1][2]   -0.00836251 
_atom_sites.fract_transf_matrix[1][3]   0.00552607 
_atom_sites.fract_transf_matrix[2][1]   0.01131520 
_atom_sites.fract_transf_matrix[2][2]   0.01059283 
_atom_sites.fract_transf_matrix[2][3]   0.01911699 
_atom_sites.fract_transf_matrix[3][1]   -0.02529905 
_atom_sites.fract_transf_matrix[3][2]   0.00464550 
_atom_sites.fract_transf_matrix[3][3]   0.01240022 
_atom_sites.fract_transf_vector[1]      0.156663 
_atom_sites.fract_transf_vector[2]      -0.283245 
_atom_sites.fract_transf_vector[3]      0.286215 
_atom_sites.solution_primary            ? 
_atom_sites.solution_secondary          ? 
_atom_sites.solution_hydrogens          ? 
_atom_sites.special_details             ? 
# 
loop_
_atom_type.symbol 
_atom_type.scat_dispersion_real 
_atom_type.scat_dispersion_imag 
_atom_type.scat_Cromer_Mann_a1 
_atom_type.scat_Cromer_Mann_a2 
_atom_type.scat_Cromer_Mann_b1 
_atom_type.scat_Cromer_Mann_b2 
_atom_type.scat_Cromer_Mann_c 
_atom_type.scat_source 
_atom_type.scat_dispersion_source 
C  ? ? 3.54356  2.42580 25.62398 1.50364  0.0 
;2-Gaussian fit: Grosse-Kunstleve RW, Sauter NK, Adams PD: Newsletter of the IUCr Commission on Crystallographic Computing 2004, 3, 22-31.
;
? 
N  ? ? 4.01032  2.96436 19.97189 1.75589  0.0 
;2-Gaussian fit: Grosse-Kunstleve RW, Sauter NK, Adams PD: Newsletter of the IUCr Commission on Crystallographic Computing 2004, 3, 22-31.
;
? 
O  ? ? 4.49882  3.47563 15.80542 1.70748  0.0 
;2-Gaussian fit: Grosse-Kunstleve RW, Sauter NK, Adams PD: Newsletter of the IUCr Commission on Crystallographic Computing 2004, 3, 22-31.
;
? 
S  ? ? 9.55732  6.39887 1.23737  29.19336 0.0 
;2-Gaussian fit: Grosse-Kunstleve RW, Sauter NK, Adams PD: Newsletter of the IUCr Commission on Crystallographic Computing 2004, 3, 22-31.
;
? 
SE ? ? 26.02326 7.89457 1.54240  29.12501 0.0 
;2-Gaussian fit: Grosse-Kunstleve RW, Sauter NK, Adams PD: Newsletter of the IUCr Commission on Crystallographic Computing 2004, 3, 22-31.
;
? 
# 
loop_
_atom_site.group_PDB 
_atom_site.id 
_atom_site.type_symbol 
_atom_site.label_atom_id 
_atom_site.label_alt_id 
_atom_site.label_comp_id 
_atom_site.label_asym_id 
_atom_site.label_entity_id 
_atom_site.label_seq_id 
_atom_site.pdbx_PDB_ins_code 
_atom_site.Cartn_x 
_atom_site.Cartn_y 
_atom_site.Cartn_z 
_atom_site.occupancy 
_atom_site.B_iso_or_equiv 
_atom_site.pdbx_formal_charge 
_atom_site.auth_seq_id 
_atom_site.auth_comp_id 
_atom_site.auth_asym_id 
_atom_site.auth_atom_id 
_atom_site.pdbx_PDB_model_num 
ATOM   1    N  N   . GLU A 1 1   ? 3.22228   12.73688  5.31360   1.000 31.07709 ? 0   GLU A N   1 
ATOM   2    C  CA  . GLU A 1 1   ? 2.96902   12.02882  4.05701   1.000 33.73203 ? 0   GLU A CA  1 
ATOM   3    C  C   . GLU A 1 1   ? 3.74880   10.72218  4.01204   1.000 35.36377 ? 0   GLU A C   1 
ATOM   4    O  O   . GLU A 1 1   ? 4.97913   10.73790  4.02976   1.000 38.04243 ? 0   GLU A O   1 
ATOM   5    C  CB  . GLU A 1 1   ? 3.36101   12.89627  2.85503   1.000 33.53224 ? 0   GLU A CB  1 
ATOM   6    C  CG  . GLU A 1 1   ? 2.57133   14.18675  2.70668   1.000 50.83484 ? 0   GLU A CG  1 
ATOM   7    C  CD  . GLU A 1 1   ? 2.84628   14.87784  1.38187   1.000 60.44276 ? 0   GLU A CD  1 
ATOM   8    O  OE1 . GLU A 1 1   ? 3.90241   14.59034  0.77225   1.000 55.27904 ? 0   GLU A OE1 1 
ATOM   9    O  OE2 . GLU A 1 1   ? 2.00286   15.69462  0.94401   1.000 61.43366 ? 0   GLU A OE2 1 
ATOM   10   N  N   . SER A 1 2   ? 3.04804   9.58951   3.93904   1.000 23.30082 ? 1   SER A N   1 
ATOM   11   C  CA  . SER A 1 2   ? 3.74227   8.30533   3.87387   1.000 31.68193 ? 1   SER A CA  1 
ATOM   12   C  C   . SER A 1 2   ? 2.91198   7.28745   3.09736   1.000 23.40730 ? 1   SER A C   1 
ATOM   13   O  O   . SER A 1 2   ? 2.13550   7.66636   2.21751   1.000 20.82062 ? 1   SER A O   1 
ATOM   14   C  CB  . SER A 1 2   ? 4.06493   7.80287   5.28448   1.000 33.92428 ? 1   SER A CB  1 
ATOM   15   O  OG  . SER A 1 2   ? 2.90326   7.75263   6.09611   1.000 40.03777 ? 1   SER A OG  1 
ATOM   16   N  N   . GLY A 1 3   ? 3.08698   5.99734   3.37533   1.000 19.34760 ? 2   GLY A N   1 
ATOM   17   C  CA  . GLY A 1 3   ? 2.25861   5.00086   2.71745   1.000 21.26095 ? 2   GLY A CA  1 
ATOM   18   C  C   . GLY A 1 3   ? 1.53730   4.05148   3.65179   1.000 20.71627 ? 2   GLY A C   1 
ATOM   19   O  O   . GLY A 1 3   ? 1.41375   2.85583   3.36348   1.000 21.56640 ? 2   GLY A O   1 
ATOM   20   N  N   . ALA A 1 4   ? 1.02393   4.57718   4.75567   1.000 17.12716 ? 3   ALA A N   1 
ATOM   21   C  CA  . ALA A 1 4   ? 0.58516   3.73115   5.85947   1.000 17.45811 ? 3   ALA A CA  1 
ATOM   22   C  C   . ALA A 1 4   ? -0.74980  3.04558   5.57901   1.000 19.73104 ? 3   ALA A C   1 
ATOM   23   O  O   . ALA A 1 4   ? -1.67545  3.64436   5.01316   1.000 17.37275 ? 3   ALA A O   1 
ATOM   24   C  CB  . ALA A 1 4   ? 0.48668   4.55135   7.13863   1.000 21.01698 ? 3   ALA A CB  1 
ATOM   25   N  N   . LEU A 1 5   ? -0.84841  1.78813   6.01629   1.000 13.47264 ? 4   LEU A N   1 
ATOM   26   C  CA  . LEU A 1 5   ? -1.97204  0.89236   5.78441   1.000 14.87075 ? 4   LEU A CA  1 
ATOM   27   C  C   . LEU A 1 5   ? -2.36189  0.17932   7.06861   1.000 14.96114 ? 4   LEU A C   1 
ATOM   28   O  O   . LEU A 1 5   ? -1.51110  -0.08127  7.92081   1.000 14.46501 ? 4   LEU A O   1 
ATOM   29   C  CB  . LEU A 1 5   ? -1.63666  -0.17398  4.72735   1.000 14.73283 ? 4   LEU A CB  1 
ATOM   30   C  CG  . LEU A 1 5   ? -1.57834  0.32397   3.28547   1.000 15.82817 ? 4   LEU A CG  1 
ATOM   31   C  CD1 . LEU A 1 5   ? -1.22412  -0.81839  2.34642   1.000 17.02637 ? 4   LEU A CD1 1 
ATOM   32   C  CD2 . LEU A 1 5   ? -2.89725  0.94428   2.87175   1.000 16.94348 ? 4   LEU A CD2 1 
ATOM   33   N  N   . PRO A 1 6   ? -3.63488  -0.16145  7.22199   1.000 13.49422 ? 5   PRO A N   1 
ATOM   34   C  CA  . PRO A 1 6   ? -4.07653  -0.93475  8.38633   1.000 13.72609 ? 5   PRO A CA  1 
ATOM   35   C  C   . PRO A 1 6   ? -3.84524  -2.42297  8.15955   1.000 15.65555 ? 5   PRO A C   1 
ATOM   36   O  O   . PRO A 1 6   ? -3.46860  -2.85783  7.06882   1.000 14.60004 ? 5   PRO A O   1 
ATOM   37   C  CB  . PRO A 1 6   ? -5.57330  -0.62309  8.44750   1.000 15.34745 ? 5   PRO A CB  1 
ATOM   38   C  CG  . PRO A 1 6   ? -5.94615  -0.48729  6.99683   1.000 13.00566 ? 5   PRO A CG  1 
ATOM   39   C  CD  . PRO A 1 6   ? -4.76527  0.22450   6.36149   1.000 13.15734 ? 5   PRO A CD  1 
ATOM   40   N  N   . LYS A 1 7   ? -4.14344  -3.20962  9.20833   1.000 16.10807 ? 6   LYS A N   1 
ATOM   41   C  CA  . LYS A 1 7   ? -3.86914  -4.65097  9.19255   1.000 14.43806 ? 6   LYS A CA  1 
ATOM   42   C  C   . LYS A 1 7   ? -4.58476  -5.37969  8.06004   1.000 15.63181 ? 6   LYS A C   1 
ATOM   43   O  O   . LYS A 1 7   ? -4.07323  -6.38452  7.54991   1.000 17.45976 ? 6   LYS A O   1 
ATOM   44   C  CB  . LYS A 1 7   ? -4.29084  -5.28052  10.52932  1.000 19.65976 ? 6   LYS A CB  1 
ATOM   45   C  CG  . LYS A 1 7   ? -3.41040  -4.92489  11.69920  1.000 23.56890 ? 6   LYS A CG  1 
ATOM   46   C  CD  . LYS A 1 7   ? -3.86001  -5.64254  12.96874  1.000 32.86905 ? 6   LYS A CD  1 
ATOM   47   C  CE  . LYS A 1 7   ? -5.09888  -4.98869  13.55083  1.000 42.25063 ? 6   LYS A CE  1 
ATOM   48   N  NZ  . LYS A 1 7   ? -4.78963  -3.65980  14.16398  1.000 46.75230 ? 6   LYS A NZ  1 
ATOM   49   N  N   . GLU A 1 8   ? -5.76588  -4.90932  7.67005   1.000 15.01003 ? 7   GLU A N   1 
ATOM   50   C  CA  A GLU A 1 8   ? -6.61351  -5.62686  6.72673   0.512 15.54702 ? 7   GLU A CA  1 
ATOM   51   C  CA  B GLU A 1 8   ? -6.61157  -5.62785  6.72681   0.488 15.55377 ? 7   GLU A CA  1 
ATOM   52   C  C   . GLU A 1 8   ? -6.27225  -5.35412  5.26609   1.000 14.64403 ? 7   GLU A C   1 
ATOM   53   O  O   . GLU A 1 8   ? -6.85803  -5.99037  4.38125   1.000 18.78648 ? 7   GLU A O   1 
ATOM   54   C  CB  A GLU A 1 8   ? -8.07959  -5.27206  6.99305   0.512 18.72454 ? 7   GLU A CB  1 
ATOM   55   C  CB  B GLU A 1 8   ? -8.08490  -5.28402  6.98601   0.488 18.72857 ? 7   GLU A CB  1 
ATOM   56   C  CG  A GLU A 1 8   ? -8.57271  -5.64452  8.38814   0.512 24.61188 ? 7   GLU A CG  1 
ATOM   57   C  CG  B GLU A 1 8   ? -8.48045  -3.86080  6.60674   0.488 22.41123 ? 7   GLU A CG  1 
ATOM   58   C  CD  A GLU A 1 8   ? -8.25994  -4.59204  9.44963   0.512 22.22865 ? 7   GLU A CD  1 
ATOM   59   C  CD  B GLU A 1 8   ? -8.49032  -2.90143  7.78083   0.488 23.26382 ? 7   GLU A CD  1 
ATOM   60   O  OE1 A GLU A 1 8   ? -8.60086  -4.82275  10.62901  0.512 30.80507 ? 7   GLU A OE1 1 
ATOM   61   O  OE1 B GLU A 1 8   ? -9.12333  -1.82800  7.65314   0.488 21.51816 ? 7   GLU A OE1 1 
ATOM   62   O  OE2 A GLU A 1 8   ? -7.68147  -3.53686  9.11109   0.512 22.73448 ? 7   GLU A OE2 1 
ATOM   63   O  OE2 B GLU A 1 8   ? -7.87186  -3.21085  8.82128   0.488 21.18206 ? 7   GLU A OE2 1 
ATOM   64   N  N   . ALA A 1 9   ? -5.36344  -4.42440  4.98165   1.000 15.88271 ? 8   ALA A N   1 
ATOM   65   C  CA  . ALA A 1 9   ? -4.99335  -4.15253  3.59581   1.000 14.46171 ? 8   ALA A CA  1 
ATOM   66   C  C   . ALA A 1 9   ? -4.31096  -5.36265  2.97114   1.000 15.39123 ? 8   ALA A C   1 
ATOM   67   O  O   . ALA A 1 9   ? -3.60224  -6.11234  3.64507   1.000 17.18284 ? 8   ALA A O   1 
ATOM   68   C  CB  . ALA A 1 9   ? -4.06327  -2.94256  3.52268   1.000 16.50164 ? 8   ALA A CB  1 
ATOM   69   N  N   . VAL A 1 10  ? -4.49999  -5.54140  1.66657   1.000 13.23493 ? 9   VAL A N   1 
ATOM   70   C  CA  . VAL A 1 10  ? -3.98256  -6.72085  0.96665   1.000 13.63844 ? 9   VAL A CA  1 
ATOM   71   C  C   . VAL A 1 10  ? -2.89103  -6.30627  -0.01450  1.000 15.32814 ? 9   VAL A C   1 
ATOM   72   O  O   . VAL A 1 10  ? -3.05473  -5.35179  -0.78786  1.000 16.40482 ? 9   VAL A O   1 
ATOM   73   C  CB  . VAL A 1 10  ? -5.10179  -7.48972  0.24709   1.000 15.33194 ? 9   VAL A CB  1 
ATOM   74   C  CG1 . VAL A 1 10  ? -4.51928  -8.64028  -0.58593  1.000 18.60301 ? 9   VAL A CG1 1 
ATOM   75   C  CG2 . VAL A 1 10  ? -6.08832  -8.02775  1.27805   1.000 21.78056 ? 9   VAL A CG2 1 
ATOM   76   N  N   . VAL A 1 11  ? -1.76933  -7.02317  0.02159   1.000 13.50504 ? 10  VAL A N   1 
ATOM   77   C  CA  . VAL A 1 11  ? -0.63822  -6.78893  -0.86772  1.000 13.22108 ? 10  VAL A CA  1 
ATOM   78   C  C   . VAL A 1 11  ? -0.20824  -8.13505  -1.43114  1.000 13.33131 ? 10  VAL A C   1 
ATOM   79   O  O   . VAL A 1 11  ? -0.57840  -9.19236  -0.91373  1.000 16.63567 ? 10  VAL A O   1 
ATOM   80   C  CB  . VAL A 1 11  ? 0.54331   -6.10351  -0.14135  1.000 13.88946 ? 10  VAL A CB  1 
ATOM   81   C  CG1 . VAL A 1 11  ? 0.15699   -4.69000  0.31579   1.000 14.46190 ? 10  VAL A CG1 1 
ATOM   82   C  CG2 . VAL A 1 11  ? 0.98426   -6.93686  1.05061   1.000 17.17092 ? 10  VAL A CG2 1 
ATOM   83   N  N   . GLN A 1 12  ? 0.57136   -8.09232  -2.50759  1.000 12.51263 ? 11  GLN A N   1 
ATOM   84   C  CA  . GLN A 1 12  ? 1.09743   -9.28748  -3.15494  1.000 13.93952 ? 11  GLN A CA  1 
ATOM   85   C  C   . GLN A 1 12  ? 2.59838   -9.34874  -2.90819  1.000 15.76543 ? 11  GLN A C   1 
ATOM   86   O  O   . GLN A 1 12  ? 3.31578   -8.39235  -3.22105  1.000 15.47729 ? 11  GLN A O   1 
ATOM   87   C  CB  . GLN A 1 12  ? 0.80306   -9.23695  -4.64959  1.000 16.88062 ? 11  GLN A CB  1 
ATOM   88   C  CG  . GLN A 1 12  ? 1.32982   -10.39964 -5.42636  1.000 27.66419 ? 11  GLN A CG  1 
ATOM   89   C  CD  . GLN A 1 12  ? 0.32486   -11.52359 -5.52815  1.000 38.87646 ? 11  GLN A CD  1 
ATOM   90   O  OE1 . GLN A 1 12  ? -0.79317  -11.32871 -6.01005  1.000 42.26298 ? 11  GLN A OE1 1 
ATOM   91   N  NE2 . GLN A 1 12  ? 0.71836   -12.71280 -5.08119  1.000 43.24473 ? 11  GLN A NE2 1 
ATOM   92   N  N   . ILE A 1 13  ? 3.08397   -10.45372 -2.33803  1.000 12.14732 ? 12  ILE A N   1 
ATOM   93   C  CA  . ILE A 1 13  ? 4.47966   -10.51013 -1.92564  1.000 13.85631 ? 12  ILE A CA  1 
ATOM   94   C  C   . ILE A 1 13  ? 5.17691   -11.74601 -2.47615  1.000 14.00581 ? 12  ILE A C   1 
ATOM   95   O  O   . ILE A 1 13  ? 4.54973   -12.68709 -2.97378  1.000 14.49195 ? 12  ILE A O   1 
ATOM   96   C  CB  . ILE A 1 13  ? 4.62695   -10.46066 -0.39259  1.000 14.17710 ? 12  ILE A CB  1 
ATOM   97   C  CG1 . ILE A 1 13  ? 3.98391   -11.69692 0.23776   1.000 19.18339 ? 12  ILE A CG1 1 
ATOM   98   C  CG2 . ILE A 1 13  ? 4.07440   -9.15153  0.13234   1.000 16.67174 ? 12  ILE A CG2 1 
ATOM   99   C  CD1 . ILE A 1 13  ? 4.46021   -11.98675 1.64834   1.000 20.60045 ? 12  ILE A CD1 1 
ATOM   100  N  N   . ARG A 1 14  ? 6.50724   -11.70680 -2.40679  1.000 13.37800 ? 13  ARG A N   1 
ATOM   101  C  CA  . ARG A 1 14  ? 7.36500   -12.83889 -2.72695  1.000 12.41451 ? 13  ARG A CA  1 
ATOM   102  C  C   . ARG A 1 14  ? 8.31702   -13.03563 -1.55815  1.000 16.10248 ? 13  ARG A C   1 
ATOM   103  O  O   . ARG A 1 14  ? 8.97668   -12.08484 -1.12851  1.000 17.38244 ? 13  ARG A O   1 
ATOM   104  C  CB  . ARG A 1 14  ? 8.14498   -12.59461 -4.02743  1.000 16.71846 ? 13  ARG A CB  1 
ATOM   105  C  CG  . ARG A 1 14  ? 9.08982   -13.71440 -4.38752  1.000 18.62168 ? 13  ARG A CG  1 
ATOM   106  C  CD  . ARG A 1 14  ? 9.33154   -13.72198 -5.89155  1.000 20.93333 ? 13  ARG A CD  1 
ATOM   107  N  NE  . ARG A 1 14  ? 10.19253  -12.62934 -6.31538  1.000 21.34351 ? 13  ARG A NE  1 
ATOM   108  C  CZ  . ARG A 1 14  ? 10.25385  -12.17123 -7.56018  1.000 23.50788 ? 13  ARG A CZ  1 
ATOM   109  N  NH1 . ARG A 1 14  ? 11.08474  -11.18327 -7.85828  1.000 23.88885 ? 13  ARG A NH1 1 
ATOM   110  N  NH2 . ARG A 1 14  ? 9.48693   -12.70450 -8.50187  1.000 29.55016 ? 13  ARG A NH2 1 
ATOM   111  N  N   . LEU A 1 15  ? 8.36018   -14.25106 -1.02870  1.000 14.60989 ? 14  LEU A N   1 
ATOM   112  C  CA  . LEU A 1 15  ? 9.25722   -14.62161 0.05812   1.000 14.10163 ? 14  LEU A CA  1 
ATOM   113  C  C   . LEU A 1 15  ? 10.40752  -15.42963 -0.51520  1.000 14.97124 ? 14  LEU A C   1 
ATOM   114  O  O   . LEU A 1 15  ? 10.18545  -16.33029 -1.32919  1.000 17.51633 ? 14  LEU A O   1 
ATOM   115  C  CB  . LEU A 1 15  ? 8.53443   -15.47183 1.10347   1.000 14.26816 ? 14  LEU A CB  1 
ATOM   116  C  CG  . LEU A 1 15  ? 7.27251   -14.91979 1.75467   1.000 15.91609 ? 14  LEU A CG  1 
ATOM   117  C  CD1 . LEU A 1 15  ? 6.63180   -15.99378 2.60321   1.000 21.39710 ? 14  LEU A CD1 1 
ATOM   118  C  CD2 . LEU A 1 15  ? 7.61061   -13.71491 2.61058   1.000 19.78906 ? 14  LEU A CD2 1 
ATOM   119  N  N   . THR A 1 16  ? 11.62558  -15.13674 -0.07521  1.000 14.17398 ? 15  THR A N   1 
ATOM   120  C  CA  . THR A 1 16  ? 12.77419  -15.95431 -0.44810  1.000 16.05297 ? 15  THR A CA  1 
ATOM   121  C  C   . THR A 1 16  ? 13.53434  -16.36745 0.80229   1.000 18.70583 ? 15  THR A C   1 
ATOM   122  O  O   . THR A 1 16  ? 13.73518  -15.56033 1.71606   1.000 17.74615 ? 15  THR A O   1 
ATOM   123  C  CB  . THR A 1 16  ? 13.69998  -15.21453 -1.41829  1.000 20.80706 ? 15  THR A CB  1 
ATOM   124  O  OG1 . THR A 1 16  ? 12.98668  -14.95096 -2.63489  1.000 23.96510 ? 15  THR A OG1 1 
ATOM   125  C  CG2 . THR A 1 16  ? 14.92305  -16.06384 -1.75234  1.000 27.59588 ? 15  THR A CG2 1 
ATOM   126  N  N   . LYS A 1 17  ? 13.94230  -17.63914 0.83900   1.000 18.31926 ? 16  LYS A N   1 
ATOM   127  C  CA  . LYS A 1 17  ? 14.76564  -18.16917 1.92552   1.000 20.63267 ? 16  LYS A CA  1 
ATOM   128  C  C   . LYS A 1 17  ? 15.61075  -19.29481 1.34549   1.000 23.34494 ? 16  LYS A C   1 
ATOM   129  O  O   . LYS A 1 17  ? 15.06213  -20.33321 0.96339   1.000 21.19752 ? 16  LYS A O   1 
ATOM   130  C  CB  . LYS A 1 17  ? 13.89676  -18.66919 3.07660   1.000 22.47043 ? 16  LYS A CB  1 
ATOM   131  C  CG  . LYS A 1 17  ? 14.62489  -19.48125 4.14438   1.000 29.06534 ? 16  LYS A CG  1 
ATOM   132  C  CD  . LYS A 1 17  ? 13.68306  -19.76699 5.31154   1.000 34.28848 ? 16  LYS A CD  1 
ATOM   133  C  CE  . LYS A 1 17  ? 13.98704  -21.09993 5.98138   1.000 54.69145 ? 16  LYS A CE  1 
ATOM   134  N  NZ  . LYS A 1 17  ? 15.41446  -21.22212 6.39081   1.000 66.82428 ? 16  LYS A NZ  1 
ATOM   135  N  N   . LYS A 1 18  ? 16.92089  -19.06980 1.24024   1.000 23.27166 ? 17  LYS A N   1 
ATOM   136  C  CA  . LYS A 1 18  ? 17.89262  -20.10971 0.87115   1.000 25.64577 ? 17  LYS A CA  1 
ATOM   137  C  C   . LYS A 1 18  ? 17.42830  -20.92469 -0.33706  1.000 24.95070 ? 17  LYS A C   1 
ATOM   138  O  O   . LYS A 1 18  ? 17.33841  -22.15425 -0.29838  1.000 33.01044 ? 17  LYS A O   1 
ATOM   139  C  CB  . LYS A 1 18  ? 18.18645  -21.02715 2.05926   1.000 30.60066 ? 17  LYS A CB  1 
ATOM   140  C  CG  . LYS A 1 18  ? 18.75833  -20.30795 3.26632   1.000 32.17019 ? 17  LYS A CG  1 
ATOM   141  C  CD  . LYS A 1 18  ? 19.98411  -19.48605 2.89528   0.000 29.35430 ? 17  LYS A CD  1 
ATOM   142  C  CE  . LYS A 1 18  ? 20.53923  -18.74107 4.09979   0.000 30.65669 ? 17  LYS A CE  1 
ATOM   143  N  NZ  . LYS A 1 18  ? 19.54271  -17.80166 4.68508   0.000 31.48083 ? 17  LYS A NZ  1 
ATOM   144  N  N   . GLY A 1 19  ? 17.13985  -20.22796 -1.42290  1.000 21.49399 ? 18  GLY A N   1 
ATOM   145  C  CA  . GLY A 1 19  ? 16.73339  -20.86668 -2.65035  1.000 21.33255 ? 18  GLY A CA  1 
ATOM   146  C  C   . GLY A 1 19  ? 15.24942  -21.13832 -2.77307  1.000 17.72663 ? 18  GLY A C   1 
ATOM   147  O  O   . GLY A 1 19  ? 14.76810  -21.35147 -3.89420  1.000 19.87982 ? 18  GLY A O   1 
HETATM 148  N  N   . MSE A 1 20  ? 14.51665  -21.15416 -1.66345  1.000 16.20832 ? 19  MSE A N   1 
HETATM 149  C  CA  A MSE A 1 20  ? 13.06828  -21.33337 -1.71876  0.503 16.73740 ? 19  MSE A CA  1 
HETATM 150  C  CA  B MSE A 1 20  ? 13.07107  -21.34104 -1.67929  0.497 16.75301 ? 19  MSE A CA  1 
HETATM 151  C  C   . MSE A 1 20  ? 12.37074  -20.01119 -1.97476  1.000 19.63789 ? 19  MSE A C   1 
HETATM 152  O  O   A MSE A 1 20  ? 12.93470  -18.93107 -1.74721  0.503 16.04523 ? 19  MSE A O   1 
HETATM 153  O  O   B MSE A 1 20  ? 12.27040  -19.19961 -1.04708  0.497 17.21713 ? 19  MSE A O   1 
HETATM 154  C  CB  A MSE A 1 20  ? 12.52437  -21.94611 -0.42869  0.503 22.61251 ? 19  MSE A CB  1 
HETATM 155  C  CB  B MSE A 1 20  ? 12.61409  -21.92213 -0.33138  0.497 22.64056 ? 19  MSE A CB  1 
HETATM 156  C  CG  A MSE A 1 20  ? 10.99597  -22.07164 -0.41925  0.503 19.14642 ? 19  MSE A CG  1 
HETATM 157  C  CG  B MSE A 1 20  ? 11.14837  -22.33114 -0.22070  0.497 20.09855 ? 19  MSE A CG  1 
HETATM 158  SE SE  A MSE A 1 20  ? 10.00079  -20.44522 0.08457   0.503 40.76179 ? 19  MSE A SE  1 
HETATM 159  SE SE  B MSE A 1 20  ? 10.65234  -22.75216 1.64471   0.497 59.89423 ? 19  MSE A SE  1 
HETATM 160  C  CE  A MSE A 1 20  ? 9.99152   -20.72295 2.00656   0.503 26.37166 ? 19  MSE A CE  1 
HETATM 161  C  CE  B MSE A 1 20  ? 10.41878  -24.68051 1.56600   0.497 35.17555 ? 19  MSE A CE  1 
ATOM   162  N  N   . ILE A 1 21  ? 11.39940  -20.04310 -2.89104  1.000 16.11840 ? 20  ILE A N   1 
ATOM   163  C  CA  . ILE A 1 21  ? 10.63130  -18.86718 -3.28484  1.000 15.60971 ? 20  ILE A CA  1 
ATOM   164  C  C   . ILE A 1 21  ? 9.14457   -19.17473 -3.15413  1.000 18.53446 ? 20  ILE A C   1 
ATOM   165  O  O   . ILE A 1 21  ? 8.68878   -20.25937 -3.53246  1.000 17.11471 ? 20  ILE A O   1 
ATOM   166  C  CB  . ILE A 1 21  ? 10.93993  -18.43027 -4.72698  1.000 16.46755 ? 20  ILE A CB  1 
ATOM   167  C  CG1 . ILE A 1 21  ? 12.44829  -18.36564 -4.96742  1.000 23.04478 ? 20  ILE A CG1 1 
ATOM   168  C  CG2 . ILE A 1 21  ? 10.31955  -17.06118 -5.01210  1.000 19.36237 ? 20  ILE A CG2 1 
ATOM   169  C  CD1 . ILE A 1 21  ? 12.79617  -18.12704 -6.40952  1.000 24.10146 ? 20  ILE A CD1 1 
ATOM   170  N  N   . GLU A 1 22  ? 8.38097   -18.21530 -2.63080  1.000 14.56442 ? 21  GLU A N   1 
ATOM   171  C  CA  . GLU A 1 22  ? 6.93647   -18.35631 -2.55829  1.000 14.41105 ? 21  GLU A CA  1 
ATOM   172  C  C   . GLU A 1 22  ? 6.30311   -17.01089 -2.88832  1.000 16.16197 ? 21  GLU A C   1 
ATOM   173  O  O   . GLU A 1 22  ? 6.78878   -15.96717 -2.45388  1.000 16.25775 ? 21  GLU A O   1 
ATOM   174  C  CB  . GLU A 1 22  ? 6.48969   -18.82871 -1.16311  1.000 18.95180 ? 21  GLU A CB  1 
ATOM   175  C  CG  . GLU A 1 22  ? 4.99890   -19.16504 -1.07439  1.000 23.72291 ? 21  GLU A CG  1 
ATOM   176  C  CD  . GLU A 1 22  ? 4.55659   -19.59654 0.32144   1.000 42.75339 ? 21  GLU A CD  1 
ATOM   177  O  OE1 . GLU A 1 22  ? 5.19284   -19.18051 1.30975   1.000 38.77624 ? 21  GLU A OE1 1 
ATOM   178  O  OE2 . GLU A 1 22  ? 3.55769   -20.34139 0.43111   1.000 45.41708 ? 21  GLU A OE2 1 
ATOM   179  N  N   . GLU A 1 23  ? 5.23583   -17.02108 -3.67594  1.000 13.87165 ? 22  GLU A N   1 
ATOM   180  C  CA  . GLU A 1 23  ? 4.54754   -15.79332 -4.05457  1.000 14.65818 ? 22  GLU A CA  1 
ATOM   181  C  C   . GLU A 1 23  ? 3.07638   -15.93552 -3.71030  1.000 18.15487 ? 22  GLU A C   1 
ATOM   182  O  O   . GLU A 1 23  ? 2.44466   -16.92206 -4.10317  1.000 20.24946 ? 22  GLU A O   1 
ATOM   183  C  CB  . GLU A 1 23  ? 4.71982   -15.50492 -5.55691  1.000 19.89057 ? 22  GLU A CB  1 
ATOM   184  C  CG  . GLU A 1 23  ? 6.17269   -15.41832 -6.01756  1.000 25.36579 ? 22  GLU A CG  1 
ATOM   185  C  CD  . GLU A 1 23  ? 6.32664   -15.41429 -7.53761  1.000 26.84054 ? 22  GLU A CD  1 
ATOM   186  O  OE1 . GLU A 1 23  ? 5.44575   -15.96032 -8.23595  1.000 27.12288 ? 22  GLU A OE1 1 
ATOM   187  O  OE2 . GLU A 1 23  ? 7.33754   -14.87330 -8.03492  1.000 27.20705 ? 22  GLU A OE2 1 
ATOM   188  N  N   . LYS A 1 24  ? 2.52720   -14.96193 -2.98369  1.000 14.99255 ? 23  LYS A N   1 
ATOM   189  C  CA  . LYS A 1 24  ? 1.11287   -15.04681 -2.63261  1.000 15.87251 ? 23  LYS A CA  1 
ATOM   190  C  C   . LYS A 1 24  ? 0.61433   -13.69684 -2.14054  1.000 16.87371 ? 23  LYS A C   1 
ATOM   191  O  O   . LYS A 1 24  ? 1.39561   -12.80908 -1.77688  1.000 14.44439 ? 23  LYS A O   1 
ATOM   192  C  CB  . LYS A 1 24  ? 0.85686   -16.11884 -1.56430  1.000 19.64167 ? 23  LYS A CB  1 
ATOM   193  C  CG  . LYS A 1 24  ? 1.57502   -15.85570 -0.26001  1.000 21.40234 ? 23  LYS A CG  1 
ATOM   194  C  CD  . LYS A 1 24  ? 1.40999   -17.03166 0.68306   1.000 23.92299 ? 23  LYS A CD  1 
ATOM   195  C  CE  . LYS A 1 24  ? 2.30059   -16.87441 1.90400   1.000 24.24767 ? 23  LYS A CE  1 
ATOM   196  N  NZ  . LYS A 1 24  ? 2.15844   -18.05751 2.80400   1.000 28.01434 ? 23  LYS A NZ  1 
ATOM   197  N  N   . LYS A 1 25  ? -0.71089  -13.56308 -2.13564  1.000 14.79104 ? 24  LYS A N   1 
ATOM   198  C  CA  . LYS A 1 25  ? -1.36823  -12.43804 -1.49603  1.000 14.48872 ? 24  LYS A CA  1 
ATOM   199  C  C   . LYS A 1 25  ? -1.39874  -12.62876 0.01308   1.000 13.08807 ? 24  LYS A C   1 
ATOM   200  O  O   . LYS A 1 25  ? -1.60056  -13.74498 0.51673   1.000 16.23473 ? 24  LYS A O   1 
ATOM   201  C  CB  . LYS A 1 25  ? -2.79910  -12.29156 -2.01884  1.000 15.82241 ? 24  LYS A CB  1 
ATOM   202  C  CG  . LYS A 1 25  ? -2.87953  -11.70780 -3.41346  1.000 25.32351 ? 24  LYS A CG  1 
ATOM   203  C  CD  . LYS A 1 25  ? -4.28507  -11.81981 -3.96653  1.000 33.52755 ? 24  LYS A CD  1 
ATOM   204  C  CE  . LYS A 1 25  ? -4.25289  -11.74832 -5.47897  1.000 40.53020 ? 24  LYS A CE  1 
ATOM   205  N  NZ  . LYS A 1 25  ? -3.26812  -10.72814 -5.94104  1.000 47.32518 ? 24  LYS A NZ  1 
ATOM   206  N  N   . VAL A 1 26  ? -1.21339  -11.53034 0.74548   1.000 14.59971 ? 25  VAL A N   1 
ATOM   207  C  CA  . VAL A 1 26  ? -1.30666  -11.53303 2.20057   1.000 14.19763 ? 25  VAL A CA  1 
ATOM   208  C  C   . VAL A 1 26  ? -1.93744  -10.22761 2.66424   1.000 14.73183 ? 25  VAL A C   1 
ATOM   209  O  O   . VAL A 1 26  ? -1.94244  -9.22425  1.95118   1.000 15.46985 ? 25  VAL A O   1 
ATOM   210  C  CB  . VAL A 1 26  ? 0.05964   -11.69571 2.90601   1.000 16.10688 ? 25  VAL A CB  1 
ATOM   211  C  CG1 . VAL A 1 26  ? 0.73760   -13.00190 2.52137   1.000 16.07635 ? 25  VAL A CG1 1 
ATOM   212  C  CG2 . VAL A 1 26  ? 0.95278   -10.50046 2.61204   1.000 15.03864 ? 25  VAL A CG2 1 
ATOM   213  N  N   . THR A 1 27  ? -2.46409  -10.24646 3.88187   1.000 14.54716 ? 26  THR A N   1 
ATOM   214  C  CA  . THR A 1 27  ? -2.82502  -8.99948  4.53199   1.000 16.44793 ? 26  THR A CA  1 
ATOM   215  C  C   . THR A 1 27  ? -1.57960  -8.35590  5.13154   1.000 16.29218 ? 26  THR A C   1 
ATOM   216  O  O   . THR A 1 27  ? -0.54283  -8.99996  5.31724   1.000 16.20088 ? 26  THR A O   1 
ATOM   217  C  CB  . THR A 1 27  ? -3.86828  -9.23242  5.62272   1.000 15.03868 ? 26  THR A CB  1 
ATOM   218  O  OG1 . THR A 1 27  ? -3.29818  -10.04425 6.65796   1.000 17.48858 ? 26  THR A OG1 1 
ATOM   219  C  CG2 . THR A 1 27  ? -5.09345  -9.92838  5.02050   1.000 16.29864 ? 26  THR A CG2 1 
ATOM   220  N  N   . VAL A 1 28  ? -1.68826  -7.05904  5.42954   1.000 15.01172 ? 27  VAL A N   1 
ATOM   221  C  CA  . VAL A 1 28  ? -0.57923  -6.35438  6.06659   1.000 14.18907 ? 27  VAL A CA  1 
ATOM   222  C  C   . VAL A 1 28  ? -0.27937  -6.93286  7.44969   1.000 15.03379 ? 27  VAL A C   1 
ATOM   223  O  O   . VAL A 1 28  ? 0.88392   -6.98212  7.86496   1.000 15.46052 ? 27  VAL A O   1 
ATOM   224  C  CB  . VAL A 1 28  ? -0.88690  -4.84375  6.10020   1.000 16.65703 ? 27  VAL A CB  1 
ATOM   225  C  CG1 . VAL A 1 28  ? -0.02238  -4.13462  7.12761   1.000 17.77888 ? 27  VAL A CG1 1 
ATOM   226  C  CG2 . VAL A 1 28  ? -0.66040  -4.24852  4.70439   1.000 15.26940 ? 27  VAL A CG2 1 
ATOM   227  N  N   . GLN A 1 29  ? -1.30163  -7.42941  8.15999   1.000 15.27710 ? 28  GLN A N   1 
ATOM   228  C  CA  . GLN A 1 29  ? -1.05319  -8.11804  9.42379   1.000 16.52615 ? 28  GLN A CA  1 
ATOM   229  C  C   . GLN A 1 29  ? -0.16209  -9.34022  9.21518   1.000 17.41647 ? 28  GLN A C   1 
ATOM   230  O  O   . GLN A 1 29  ? 0.81387   -9.54265  9.94873   1.000 17.27758 ? 28  GLN A O   1 
ATOM   231  C  CB  . GLN A 1 29  ? -2.37923  -8.51979  10.06870  1.000 21.83485 ? 28  GLN A CB  1 
ATOM   232  C  CG  . GLN A 1 29  ? -2.21273  -9.36023  11.33047  1.000 25.53706 ? 28  GLN A CG  1 
ATOM   233  C  CD  . GLN A 1 29  ? -3.43028  -9.29248  12.23155  1.000 44.76945 ? 28  GLN A CD  1 
ATOM   234  O  OE1 . GLN A 1 29  ? -4.56673  -9.26656  11.75658  1.000 44.59771 ? 28  GLN A OE1 1 
ATOM   235  N  NE2 . GLN A 1 29  ? -3.19781  -9.25350  13.54113  1.000 45.40969 ? 28  GLN A NE2 1 
ATOM   236  N  N   . GLU A 1 30  ? -0.48743  -10.16628 8.20968   1.000 16.12013 ? 29  GLU A N   1 
ATOM   237  C  CA  A GLU A 1 30  ? 0.35422   -11.31959 7.89953   0.387 14.99746 ? 29  GLU A CA  1 
ATOM   238  C  CA  B GLU A 1 30  ? 0.35210   -11.31914 7.89632   0.613 14.91254 ? 29  GLU A CA  1 
ATOM   239  C  C   . GLU A 1 30  ? 1.74010   -10.88472 7.44076   1.000 15.27948 ? 29  GLU A C   1 
ATOM   240  O  O   . GLU A 1 30  ? 2.74281   -11.50996 7.79611   1.000 16.81755 ? 29  GLU A O   1 
ATOM   241  C  CB  A GLU A 1 30  ? -0.30633  -12.19346 6.83203   0.387 17.49665 ? 29  GLU A CB  1 
ATOM   242  C  CB  B GLU A 1 30  ? -0.32316  -12.17766 6.82741   0.613 17.48364 ? 29  GLU A CB  1 
ATOM   243  C  CG  A GLU A 1 30  ? 0.60914   -13.29531 6.30058   0.387 20.12704 ? 29  GLU A CG  1 
ATOM   244  C  CG  B GLU A 1 30  ? -1.64471  -12.77735 7.28414   0.613 17.51345 ? 29  GLU A CG  1 
ATOM   245  C  CD  A GLU A 1 30  ? -0.13209  -14.57003 5.94086   0.387 24.00165 ? 29  GLU A CD  1 
ATOM   246  C  CD  B GLU A 1 30  ? -2.36917  -13.53324 6.18441   0.613 23.14589 ? 29  GLU A CD  1 
ATOM   247  O  OE1 A GLU A 1 30  ? -1.28276  -14.48118 5.45628   0.387 26.48583 ? 29  GLU A OE1 1 
ATOM   248  O  OE1 B GLU A 1 30  ? -2.50068  -12.99591 5.07116   0.613 17.40738 ? 29  GLU A OE1 1 
ATOM   249  O  OE2 A GLU A 1 30  ? 0.43897   -15.66533 6.14363   0.387 25.03697 ? 29  GLU A OE2 1 
ATOM   250  O  OE2 B GLU A 1 30  ? -2.81942  -14.67262 6.43325   0.613 27.26086 ? 29  GLU A OE2 1 
ATOM   251  N  N   . LEU A 1 31  ? 1.81593   -9.81817  6.64168   1.000 15.00096 ? 30  LEU A N   1 
ATOM   252  C  CA  . LEU A 1 31  ? 3.11059   -9.31244  6.19683   1.000 16.95382 ? 30  LEU A CA  1 
ATOM   253  C  C   . LEU A 1 31  ? 3.98984   -8.93375  7.38461   1.000 16.47472 ? 30  LEU A C   1 
ATOM   254  O  O   . LEU A 1 31  ? 5.17985   -9.27298  7.41817   1.000 15.35833 ? 30  LEU A O   1 
ATOM   255  C  CB  . LEU A 1 31  ? 2.90410   -8.10982  5.27048   1.000 14.52921 ? 30  LEU A CB  1 
ATOM   256  C  CG  . LEU A 1 31  ? 4.16126   -7.38508  4.77382   1.000 15.01382 ? 30  LEU A CG  1 
ATOM   257  C  CD1 . LEU A 1 31  ? 5.09871   -8.36990  4.08959   1.000 20.64590 ? 30  LEU A CD1 1 
ATOM   258  C  CD2 . LEU A 1 31  ? 3.82284   -6.21152  3.84599   1.000 15.45500 ? 30  LEU A CD2 1 
ATOM   259  N  N   . ARG A 1 32  ? 3.42022   -8.22854  8.37516   1.000 12.83389 ? 31  ARG A N   1 
ATOM   260  C  CA  . ARG A 1 32  ? 4.20275   -7.86521  9.55317   1.000 13.48713 ? 31  ARG A CA  1 
ATOM   261  C  C   . ARG A 1 32  ? 4.76468   -9.10309  10.24350  1.000 15.50146 ? 31  ARG A C   1 
ATOM   262  O  O   . ARG A 1 32  ? 5.93806   -9.13158  10.62893  1.000 15.06587 ? 31  ARG A O   1 
ATOM   263  C  CB  . ARG A 1 32  ? 3.34754   -7.05743  10.52226  1.000 16.78067 ? 31  ARG A CB  1 
ATOM   264  C  CG  . ARG A 1 32  ? 4.15526   -6.47521  11.66492  1.000 17.26729 ? 31  ARG A CG  1 
ATOM   265  C  CD  . ARG A 1 32  ? 3.28283   -5.63091  12.58796  1.000 20.50365 ? 31  ARG A CD  1 
ATOM   266  N  NE  . ARG A 1 32  ? 4.09932   -5.00771  13.63024  1.000 19.62990 ? 31  ARG A NE  1 
ATOM   267  C  CZ  . ARG A 1 32  ? 4.42185   -5.58485  14.78806  1.000 21.80655 ? 31  ARG A CZ  1 
ATOM   268  N  NH1 . ARG A 1 32  ? 3.98900   -6.80211  15.07703  1.000 27.72170 ? 31  ARG A NH1 1 
ATOM   269  N  NH2 . ARG A 1 32  ? 5.18209   -4.93709  15.66023  1.000 23.04473 ? 31  ARG A NH2 1 
ATOM   270  N  N   . GLU A 1 33  ? 3.93251   -10.13518 10.40623  1.000 14.77249 ? 32  GLU A N   1 
ATOM   271  C  CA  . GLU A 1 33  ? 4.38906   -11.37905 11.02728  1.000 17.16482 ? 32  GLU A CA  1 
ATOM   272  C  C   . GLU A 1 33  ? 5.51996   -12.01421 10.22980  1.000 19.30999 ? 32  GLU A C   1 
ATOM   273  O  O   . GLU A 1 33  ? 6.51718   -12.47610 10.79584  1.000 17.62257 ? 32  GLU A O   1 
ATOM   274  C  CB  . GLU A 1 33  ? 3.22282   -12.36085 11.13423  1.000 20.41748 ? 32  GLU A CB  1 
ATOM   275  C  CG  . GLU A 1 33  ? 2.12982   -11.97601 12.10552  1.000 33.94128 ? 32  GLU A CG  1 
ATOM   276  C  CD  . GLU A 1 33  ? 1.07076   -13.05888 12.21493  1.000 55.77780 ? 32  GLU A CD  1 
ATOM   277  O  OE1 . GLU A 1 33  ? -0.11209  -12.76932 11.92657  1.000 56.61071 ? 32  GLU A OE1 1 
ATOM   278  O  OE2 . GLU A 1 33  ? 1.42844   -14.20363 12.57135  1.000 61.96601 ? 32  GLU A OE2 1 
ATOM   279  N  N   . LEU A 1 34  ? 5.35892   -12.08530 8.90740   1.000 16.47684 ? 33  LEU A N   1 
ATOM   280  C  CA  . LEU A 1 34  ? 6.41530   -12.64049 8.07285   1.000 13.69678 ? 33  LEU A CA  1 
ATOM   281  C  C   . LEU A 1 34  ? 7.69185   -11.82388 8.17843   1.000 15.28880 ? 33  LEU A C   1 
ATOM   282  O  O   . LEU A 1 34  ? 8.79141   -12.38377 8.28536   1.000 17.38224 ? 33  LEU A O   1 
ATOM   283  C  CB  . LEU A 1 34  ? 5.94023   -12.70903 6.62672   1.000 14.77106 ? 33  LEU A CB  1 
ATOM   284  C  CG  . LEU A 1 34  ? 4.83385   -13.73438 6.40723   1.000 14.67045 ? 33  LEU A CG  1 
ATOM   285  C  CD1 . LEU A 1 34  ? 4.15963   -13.52740 5.04905   1.000 17.68840 ? 33  LEU A CD1 1 
ATOM   286  C  CD2 . LEU A 1 34  ? 5.40419   -15.15124 6.53737   1.000 19.38742 ? 33  LEU A CD2 1 
ATOM   287  N  N   . TYR A 1 35  ? 7.56444   -10.49473 8.13921   1.000 16.12006 ? 34  TYR A N   1 
ATOM   288  C  CA  . TYR A 1 35  ? 8.73014   -9.62504  8.25686   1.000 17.32396 ? 34  TYR A CA  1 
ATOM   289  C  C   . TYR A 1 35  ? 9.46185   -9.87479  9.56642   1.000 17.94131 ? 34  TYR A C   1 
ATOM   290  O  O   . TYR A 1 35  ? 10.68752  -10.04453 9.58520   1.000 17.67002 ? 34  TYR A O   1 
ATOM   291  C  CB  . TYR A 1 35  ? 8.30038   -8.15518  8.15987   1.000 17.01308 ? 34  TYR A CB  1 
ATOM   292  C  CG  . TYR A 1 35  ? 9.46618   -7.18628  8.16991   1.000 16.70235 ? 34  TYR A CG  1 
ATOM   293  C  CD1 . TYR A 1 35  ? 10.09233  -6.82526  9.36399   1.000 19.07295 ? 34  TYR A CD1 1 
ATOM   294  C  CD2 . TYR A 1 35  ? 9.94873   -6.64143  6.99528   1.000 20.28901 ? 34  TYR A CD2 1 
ATOM   295  C  CE1 . TYR A 1 35  ? 11.16957  -5.95582  9.37310   1.000 18.44505 ? 34  TYR A CE1 1 
ATOM   296  C  CE2 . TYR A 1 35  ? 11.01994  -5.75775  6.99970   1.000 20.26469 ? 34  TYR A CE2 1 
ATOM   297  C  CZ  . TYR A 1 35  ? 11.62052  -5.42654  8.18549   1.000 19.49144 ? 34  TYR A CZ  1 
ATOM   298  O  OH  . TYR A 1 35  ? 12.68395  -4.55023  8.17759   1.000 24.73520 ? 34  TYR A OH  1 
ATOM   299  N  N   . LEU A 1 36  ? 8.72116   -9.90822  10.67344  1.000 15.82554 ? 35  LEU A N   1 
ATOM   300  C  CA  . LEU A 1 36  ? 9.35604   -10.01096 11.98367  1.000 18.29476 ? 35  LEU A CA  1 
ATOM   301  C  C   . LEU A 1 36  ? 9.92279   -11.39413 12.27003  1.000 19.22101 ? 35  LEU A C   1 
ATOM   302  O  O   . LEU A 1 36  ? 10.69585  -11.53181 13.22114  1.000 21.50787 ? 35  LEU A O   1 
ATOM   303  C  CB  . LEU A 1 36  ? 8.35779   -9.61131  13.07391  1.000 19.62492 ? 35  LEU A CB  1 
ATOM   304  C  CG  . LEU A 1 36  ? 8.06748   -8.10763  13.06416  1.000 22.76700 ? 35  LEU A CG  1 
ATOM   305  C  CD1 . LEU A 1 36  ? 7.00859   -7.77386  14.09115  1.000 22.54245 ? 35  LEU A CD1 1 
ATOM   306  C  CD2 . LEU A 1 36  ? 9.34683   -7.30136  13.31279  1.000 22.72378 ? 35  LEU A CD2 1 
ATOM   307  N  N   . SER A 1 37  ? 9.55871   -12.41199 11.48694  1.000 18.55742 ? 36  SER A N   1 
ATOM   308  C  CA  . SER A 1 37  ? 10.16795  -13.73006 11.65550  1.000 16.82140 ? 36  SER A CA  1 
ATOM   309  C  C   . SER A 1 37  ? 11.65961  -13.70800 11.34068  1.000 20.01112 ? 36  SER A C   1 
ATOM   310  O  O   . SER A 1 37  ? 12.41455  -14.54292 11.85833  1.000 25.10187 ? 36  SER A O   1 
ATOM   311  C  CB  . SER A 1 37  ? 9.46461   -14.74941 10.76456  1.000 19.09151 ? 36  SER A CB  1 
ATOM   312  O  OG  . SER A 1 37  ? 9.89084   -14.61064 9.42511   1.000 19.60990 ? 36  SER A OG  1 
ATOM   313  N  N   . GLY A 1 38  ? 12.10563  -12.77197 10.50586  1.000 18.89638 ? 37  GLY A N   1 
ATOM   314  C  CA  . GLY A 1 38  ? 13.48889  -12.71561 10.07089  1.000 22.22401 ? 37  GLY A CA  1 
ATOM   315  C  C   . GLY A 1 38  ? 13.93189  -13.85583 9.18154   1.000 23.28545 ? 37  GLY A C   1 
ATOM   316  O  O   . GLY A 1 38  ? 15.12471  -13.96783 8.88611   1.000 27.71525 ? 37  GLY A O   1 
ATOM   317  N  N   . GLU A 1 39  ? 13.01019  -14.70442 8.73893   1.000 20.79396 ? 38  GLU A N   1 
ATOM   318  C  CA  . GLU A 1 39  ? 13.37545  -15.88261 7.96988   1.000 24.60436 ? 38  GLU A CA  1 
ATOM   319  C  C   . GLU A 1 39  ? 13.51836  -15.61366 6.48412   1.000 26.40825 ? 38  GLU A C   1 
ATOM   320  O  O   . GLU A 1 39  ? 14.13417  -16.43050 5.78187   1.000 22.06124 ? 38  GLU A O   1 
ATOM   321  C  CB  . GLU A 1 39  ? 12.33750  -16.98510 8.17200   1.000 22.79268 ? 38  GLU A CB  1 
ATOM   322  C  CG  . GLU A 1 39  ? 12.10474  -17.32222 9.61854   1.000 31.30881 ? 38  GLU A CG  1 
ATOM   323  C  CD  . GLU A 1 39  ? 12.02480  -18.80337 9.84685   1.000 48.49693 ? 38  GLU A CD  1 
ATOM   324  O  OE1 . GLU A 1 39  ? 10.90861  -19.29886 10.10894  1.000 57.30562 ? 38  GLU A OE1 1 
ATOM   325  O  OE2 . GLU A 1 39  ? 13.07933  -19.46899 9.75438   1.000 60.13521 ? 38  GLU A OE2 1 
ATOM   326  N  N   . TYR A 1 40  ? 12.98032  -14.49792 5.99210   1.000 18.10192 ? 39  TYR A N   1 
ATOM   327  C  CA  . TYR A 1 40  ? 12.83344  -14.28490 4.56394   1.000 18.51592 ? 39  TYR A CA  1 
ATOM   328  C  C   . TYR A 1 40  ? 13.37136  -12.93019 4.14919   1.000 18.56643 ? 39  TYR A C   1 
ATOM   329  O  O   . TYR A 1 40  ? 13.36384  -11.96897 4.92416   1.000 22.40627 ? 39  TYR A O   1 
ATOM   330  C  CB  . TYR A 1 40  ? 11.36957  -14.34852 4.12755   1.000 16.90404 ? 39  TYR A CB  1 
ATOM   331  C  CG  . TYR A 1 40  ? 10.61267  -15.52598 4.68253   1.000 18.12639 ? 39  TYR A CG  1 
ATOM   332  C  CD1 . TYR A 1 40  ? 10.74599  -16.78693 4.11915   1.000 21.41843 ? 39  TYR A CD1 1 
ATOM   333  C  CD2 . TYR A 1 40  ? 9.76168   -15.37471 5.76549   1.000 18.03571 ? 39  TYR A CD2 1 
ATOM   334  C  CE1 . TYR A 1 40  ? 10.05828  -17.86841 4.63137   1.000 25.76813 ? 39  TYR A CE1 1 
ATOM   335  C  CE2 . TYR A 1 40  ? 9.07326   -16.45000 6.28407   1.000 19.85441 ? 39  TYR A CE2 1 
ATOM   336  C  CZ  . TYR A 1 40  ? 9.22062   -17.68863 5.71321   1.000 25.63460 ? 39  TYR A CZ  1 
ATOM   337  O  OH  . TYR A 1 40  ? 8.52375   -18.75378 6.23564   1.000 28.35003 ? 39  TYR A OH  1 
ATOM   338  N  N   . THR A 1 41  ? 13.82672  -12.86984 2.90237   1.000 14.65142 ? 40  THR A N   1 
ATOM   339  C  CA  . THR A 1 41  ? 13.81699  -11.62506 2.15715   1.000 13.42685 ? 40  THR A CA  1 
ATOM   340  C  C   . THR A 1 41  ? 12.42970  -11.46565 1.56050   1.000 16.67606 ? 40  THR A C   1 
ATOM   341  O  O   . THR A 1 41  ? 11.89090  -12.41296 0.98242   1.000 15.05430 ? 40  THR A O   1 
ATOM   342  C  CB  . THR A 1 41  ? 14.88458  -11.64770 1.06729   1.000 16.29136 ? 40  THR A CB  1 
ATOM   343  O  OG1 . THR A 1 41  ? 16.17926  -11.65193 1.68550   1.000 22.66073 ? 40  THR A OG1 1 
ATOM   344  C  CG2 . THR A 1 41  ? 14.76610  -10.42744 0.14964   1.000 19.68074 ? 40  THR A CG2 1 
ATOM   345  N  N   . ILE A 1 42  ? 11.82171  -10.29886 1.74150   1.000 14.88572 ? 41  ILE A N   1 
ATOM   346  C  CA  . ILE A 1 42  ? 10.45781  -10.07538 1.28112   1.000 13.06114 ? 41  ILE A CA  1 
ATOM   347  C  C   . ILE A 1 42  ? 10.47092  -9.02900  0.18322   1.000 12.94104 ? 41  ILE A C   1 
ATOM   348  O  O   . ILE A 1 42  ? 11.05429  -7.94989  0.34914   1.000 14.30108 ? 41  ILE A O   1 
ATOM   349  C  CB  . ILE A 1 42  ? 9.52239   -9.65071  2.42231   1.000 13.38169 ? 41  ILE A CB  1 
ATOM   350  C  CG1 . ILE A 1 42  ? 9.62891   -10.65580 3.56484   1.000 17.39050 ? 41  ILE A CG1 1 
ATOM   351  C  CG2 . ILE A 1 42  ? 8.06648   -9.56345  1.90771   1.000 17.46403 ? 41  ILE A CG2 1 
ATOM   352  C  CD1 . ILE A 1 42  ? 8.68350   -10.40269 4.70796   1.000 17.44369 ? 41  ILE A CD1 1 
ATOM   353  N  N   . GLU A 1 43  ? 9.84063   -9.35578  -0.93903  1.000 12.17104 ? 42  GLU A N   1 
ATOM   354  C  CA  . GLU A 1 43  ? 9.56239   -8.40890  -2.00377  1.000 13.76683 ? 42  GLU A CA  1 
ATOM   355  C  C   . GLU A 1 43  ? 8.06351   -8.15826  -2.08046  1.000 14.77897 ? 42  GLU A C   1 
ATOM   356  O  O   . GLU A 1 43  ? 7.25227   -9.01423  -1.71697  1.000 14.41467 ? 42  GLU A O   1 
ATOM   357  C  CB  . GLU A 1 43  ? 10.05614  -8.92720  -3.35260  1.000 15.30104 ? 42  GLU A CB  1 
ATOM   358  C  CG  . GLU A 1 43  ? 11.54004  -9.18447  -3.43948  1.000 15.36193 ? 42  GLU A CG  1 
ATOM   359  C  CD  . GLU A 1 43  ? 11.84237  -10.17128 -4.55085  1.000 23.97068 ? 42  GLU A CD  1 
ATOM   360  O  OE1 . GLU A 1 43  ? 11.73963  -11.38719 -4.29796  1.000 25.15033 ? 42  GLU A OE1 1 
ATOM   361  O  OE2 . GLU A 1 43  ? 12.13315  -9.74075  -5.69192  1.000 23.47600 ? 42  GLU A OE2 1 
ATOM   362  N  N   . ILE A 1 44  ? 7.69596   -6.97748  -2.55479  1.000 13.08341 ? 43  ILE A N   1 
ATOM   363  C  CA  . ILE A 1 44  ? 6.29440   -6.63289  -2.75520  1.000 14.12559 ? 43  ILE A CA  1 
ATOM   364  C  C   . ILE A 1 44  ? 6.06815   -6.29948  -4.22312  1.000 13.85924 ? 43  ILE A C   1 
ATOM   365  O  O   . ILE A 1 44  ? 6.94771   -5.75212  -4.89327  1.000 13.27905 ? 43  ILE A O   1 
ATOM   366  C  CB  . ILE A 1 44  ? 5.88888   -5.46643  -1.83574  1.000 14.27030 ? 43  ILE A CB  1 
ATOM   367  C  CG1 . ILE A 1 44  ? 4.39253   -5.19269  -1.91085  1.000 15.55819 ? 43  ILE A CG1 1 
ATOM   368  C  CG2 . ILE A 1 44  ? 6.72782   -4.21039  -2.15934  1.000 16.42976 ? 43  ILE A CG2 1 
ATOM   369  C  CD1 . ILE A 1 44  ? 3.87671   -4.44282  -0.70139  1.000 13.89566 ? 43  ILE A CD1 1 
ATOM   370  N  N   . ASP A 1 45  ? 4.88760   -6.64054  -4.73360  1.000 13.39129 ? 44  ASP A N   1 
ATOM   371  C  CA  . ASP A 1 45  ? 4.56937   -6.32805  -6.11990  1.000 12.53444 ? 44  ASP A CA  1 
ATOM   372  C  C   . ASP A 1 45  ? 4.25442   -4.84392  -6.26556  1.000 15.75621 ? 44  ASP A C   1 
ATOM   373  O  O   . ASP A 1 45  ? 3.59034   -4.23756  -5.41544  1.000 14.32739 ? 44  ASP A O   1 
ATOM   374  C  CB  . ASP A 1 45  ? 3.39302   -7.17057  -6.61051  1.000 15.17199 ? 44  ASP A CB  1 
ATOM   375  C  CG  . ASP A 1 45  ? 3.25113   -7.13424  -8.11462  1.000 26.75995 ? 44  ASP A CG  1 
ATOM   376  O  OD1 . ASP A 1 45  ? 4.25406   -6.83027  -8.80981  1.000 21.04605 ? 44  ASP A OD1 1 
ATOM   377  O  OD2 . ASP A 1 45  ? 2.13181   -7.40193  -8.59881  1.000 31.54989 ? 44  ASP A OD2 1 
ATOM   378  N  N   . THR A 1 46  ? 4.75967   -4.25928  -7.34301  1.000 14.37834 ? 45  THR A N   1 
ATOM   379  C  CA  . THR A 1 46  ? 4.70994   -2.82412  -7.61075  1.000 14.45255 ? 45  THR A CA  1 
ATOM   380  C  C   . THR A 1 46  ? 4.55188   -2.63045  -9.11106  1.000 15.30007 ? 45  THR A C   1 
ATOM   381  O  O   . THR A 1 46  ? 4.77742   -3.56999  -9.88406  1.000 14.51880 ? 45  THR A O   1 
ATOM   382  C  CB  . THR A 1 46  ? 5.98205   -2.08879  -7.14630  1.000 14.16073 ? 45  THR A CB  1 
ATOM   383  O  OG1 . THR A 1 46  ? 6.96703   -2.12742  -8.18517  1.000 14.78593 ? 45  THR A OG1 1 
ATOM   384  C  CG2 . THR A 1 46  ? 6.59066   -2.68012  -5.87998  1.000 12.82137 ? 45  THR A CG2 1 
ATOM   385  N  N   . PRO A 1 47  ? 4.22056   -1.42079  -9.56655  1.000 14.10888 ? 46  PRO A N   1 
ATOM   386  C  CA  . PRO A 1 47  ? 4.23756   -1.15725  -11.01599 1.000 15.92850 ? 46  PRO A CA  1 
ATOM   387  C  C   . PRO A 1 47  ? 5.62342   -1.25319  -11.62165 1.000 16.75971 ? 46  PRO A C   1 
ATOM   388  O  O   . PRO A 1 47  ? 5.73711   -1.27789  -12.85463 1.000 20.16892 ? 46  PRO A O   1 
ATOM   389  C  CB  . PRO A 1 47  ? 3.66533   0.26676   -11.13230 1.000 19.27516 ? 46  PRO A CB  1 
ATOM   390  C  CG  . PRO A 1 47  ? 3.63492   0.80387   -9.73258  1.000 17.84382 ? 46  PRO A CG  1 
ATOM   391  C  CD  . PRO A 1 47  ? 3.58355   -0.33835  -8.79574  1.000 13.60884 ? 46  PRO A CD  1 
ATOM   392  N  N   . ASP A 1 48  ? 6.67156   -1.31989  -10.79995 1.000 13.77704 ? 47  ASP A N   1 
ATOM   393  C  CA  . ASP A 1 48  ? 8.03596   -1.55740  -11.24242 1.000 14.77132 ? 47  ASP A CA  1 
ATOM   394  C  C   . ASP A 1 48  ? 8.44297   -3.01921  -11.10137 1.000 17.39974 ? 47  ASP A C   1 
ATOM   395  O  O   . ASP A 1 48  ? 9.64095   -3.33005  -11.11784 1.000 20.13027 ? 47  ASP A O   1 
ATOM   396  C  CB  . ASP A 1 48  ? 8.99003   -0.66771  -10.44888 1.000 16.83166 ? 47  ASP A CB  1 
ATOM   397  C  CG  . ASP A 1 48  ? 8.58290   0.78612   -10.47851 1.000 15.66972 ? 47  ASP A CG  1 
ATOM   398  O  OD1 . ASP A 1 48  ? 8.58010   1.34675   -11.59421 1.000 16.39193 ? 47  ASP A OD1 1 
ATOM   399  O  OD2 . ASP A 1 48  ? 8.28200   1.35457   -9.40044  1.000 16.81992 ? 47  ASP A OD2 1 
ATOM   400  N  N   . GLY A 1 49  ? 7.47067   -3.91786  -10.98937 1.000 15.81195 ? 48  GLY A N   1 
ATOM   401  C  CA  . GLY A 1 49  ? 7.74473   -5.30900  -10.71006 1.000 16.11133 ? 48  GLY A CA  1 
ATOM   402  C  C   . GLY A 1 49  ? 7.96544   -5.52114  -9.22550  1.000 14.64510 ? 48  GLY A C   1 
ATOM   403  O  O   . GLY A 1 49  ? 7.81647   -4.61053  -8.40798  1.000 15.89142 ? 48  GLY A O   1 
ATOM   404  N  N   . TYR A 1 50  ? 8.37753   -6.73809  -8.87940  1.000 14.81472 ? 49  TYR A N   1 
ATOM   405  C  CA  . TYR A 1 50  ? 8.68193   -7.02165  -7.48523  1.000 13.16906 ? 49  TYR A CA  1 
ATOM   406  C  C   . TYR A 1 50  ? 9.88082   -6.19312  -7.04206  1.000 15.05792 ? 49  TYR A C   1 
ATOM   407  O  O   . TYR A 1 50  ? 10.88442  -6.10187  -7.75484  1.000 15.79389 ? 49  TYR A O   1 
ATOM   408  C  CB  . TYR A 1 50  ? 8.95493   -8.51964  -7.28754  1.000 15.12790 ? 49  TYR A CB  1 
ATOM   409  C  CG  . TYR A 1 50  ? 7.68186   -9.32713  -7.22408  1.000 16.28927 ? 49  TYR A CG  1 
ATOM   410  C  CD1 . TYR A 1 50  ? 6.97717   -9.44914  -6.03791  1.000 17.10917 ? 49  TYR A CD1 1 
ATOM   411  C  CD2 . TYR A 1 50  ? 7.16091   -9.92716  -8.36552  1.000 27.01310 ? 49  TYR A CD2 1 
ATOM   412  C  CE1 . TYR A 1 50  ? 5.79545   -10.17497 -5.97829  1.000 20.69507 ? 49  TYR A CE1 1 
ATOM   413  C  CE2 . TYR A 1 50  ? 5.98564   -10.64588 -8.31846  1.000 31.61991 ? 49  TYR A CE2 1 
ATOM   414  C  CZ  . TYR A 1 50  ? 5.31049   -10.76839 -7.12374  1.000 29.17116 ? 49  TYR A CZ  1 
ATOM   415  O  OH  . TYR A 1 50  ? 4.13814   -11.48252 -7.07817  1.000 37.65819 ? 49  TYR A OH  1 
ATOM   416  N  N   . GLN A 1 51  ? 9.76908   -5.58200  -5.86566  1.000 13.63625 ? 50  GLN A N   1 
ATOM   417  C  CA  . GLN A 1 51  ? 10.86341  -4.80851  -5.29717  1.000 10.65214 ? 50  GLN A CA  1 
ATOM   418  C  C   . GLN A 1 51  ? 10.99975  -5.16936  -3.82248  1.000 14.34967 ? 50  GLN A C   1 
ATOM   419  O  O   . GLN A 1 51  ? 10.00955  -5.45673  -3.14369  1.000 13.77969 ? 50  GLN A O   1 
ATOM   420  C  CB  . GLN A 1 51  ? 10.64330  -3.29359  -5.46039  1.000 12.96472 ? 50  GLN A CB  1 
ATOM   421  C  CG  . GLN A 1 51  ? 10.50939  -2.82574  -6.92145  1.000 14.82599 ? 50  GLN A CG  1 
ATOM   422  C  CD  . GLN A 1 51  ? 11.78702  -2.98598  -7.73071  1.000 14.70792 ? 50  GLN A CD  1 
ATOM   423  O  OE1 . GLN A 1 51  ? 12.88511  -2.94406  -7.19418  1.000 14.43165 ? 50  GLN A OE1 1 
ATOM   424  N  NE2 . GLN A 1 51  ? 11.63911  -3.16250  -9.04029  1.000 17.64854 ? 50  GLN A NE2 1 
ATOM   425  N  N   . THR A 1 52  ? 12.23133  -5.11904  -3.31922  1.000 11.84040 ? 51  THR A N   1 
ATOM   426  C  CA  . THR A 1 52  ? 12.52425  -5.57555  -1.96779  1.000 12.18706 ? 51  THR A CA  1 
ATOM   427  C  C   . THR A 1 52  ? 12.05289  -4.58034  -0.91339  1.000 12.56366 ? 51  THR A C   1 
ATOM   428  O  O   . THR A 1 52  ? 12.22785  -3.36686  -1.05456  1.000 13.56445 ? 51  THR A O   1 
ATOM   429  C  CB  . THR A 1 52  ? 14.02593  -5.82353  -1.80999  1.000 15.02942 ? 51  THR A CB  1 
ATOM   430  O  OG1 . THR A 1 52  ? 14.46194  -6.71066  -2.85019  1.000 15.87153 ? 51  THR A OG1 1 
ATOM   431  C  CG2 . THR A 1 52  ? 14.33714  -6.44573  -0.45553  1.000 15.45654 ? 51  THR A CG2 1 
ATOM   432  N  N   . ILE A 1 53  ? 11.46026  -5.11001  0.15667   1.000 12.74337 ? 52  ILE A N   1 
ATOM   433  C  CA  . ILE A 1 53  ? 11.10694  -4.31155  1.32027   1.000 13.17972 ? 52  ILE A CA  1 
ATOM   434  C  C   . ILE A 1 53  ? 12.35431  -4.15961  2.17217   1.000 14.71358 ? 52  ILE A C   1 
ATOM   435  O  O   . ILE A 1 53  ? 13.02320  -5.15313  2.48867   1.000 16.29485 ? 52  ILE A O   1 
ATOM   436  C  CB  . ILE A 1 53  ? 9.96790   -4.97076  2.11304   1.000 13.94078 ? 52  ILE A CB  1 
ATOM   437  C  CG1 . ILE A 1 53  ? 8.68260   -4.96536  1.29041   1.000 14.37119 ? 52  ILE A CG1 1 
ATOM   438  C  CG2 . ILE A 1 53  ? 9.73095   -4.21983  3.43113   1.000 17.30005 ? 52  ILE A CG2 1 
ATOM   439  C  CD1 . ILE A 1 53  ? 7.51849   -5.64576  1.98692   1.000 18.13342 ? 52  ILE A CD1 1 
ATOM   440  N  N   . GLY A 1 54  ? 12.68245  -2.92121  2.51902   1.000 14.23834 ? 53  GLY A N   1 
ATOM   441  C  CA  . GLY A 1 54  ? 13.77800  -2.65889  3.43597   1.000 16.86018 ? 53  GLY A CA  1 
ATOM   442  C  C   . GLY A 1 54  ? 13.25411  -2.49031  4.85000   1.000 20.29180 ? 53  GLY A C   1 
ATOM   443  O  O   . GLY A 1 54  ? 12.89816  -3.46941  5.51120   1.000 25.79387 ? 53  GLY A O   1 
ATOM   444  N  N   . LYS A 1 55  ? 13.19518  -1.25950  5.32856   1.000 18.37920 ? 54  LYS A N   1 
ATOM   445  C  CA  . LYS A 1 55  ? 12.73774  -1.03977  6.68900   1.000 16.58288 ? 54  LYS A CA  1 
ATOM   446  C  C   . LYS A 1 55  ? 11.23144  -1.25842  6.80708   1.000 15.50286 ? 54  LYS A C   1 
ATOM   447  O  O   . LYS A 1 55  ? 10.47567  -1.16215  5.83782   1.000 19.36447 ? 54  LYS A O   1 
ATOM   448  C  CB  . LYS A 1 55  ? 13.10575  0.36717   7.14038   1.000 16.43599 ? 54  LYS A CB  1 
ATOM   449  C  CG  . LYS A 1 55  ? 14.61200  0.56276   7.24480   1.000 22.89590 ? 54  LYS A CG  1 
ATOM   450  C  CD  . LYS A 1 55  ? 14.98309  2.01575   7.39016   1.000 27.07271 ? 54  LYS A CD  1 
ATOM   451  C  CE  . LYS A 1 55  ? 16.49820  2.17730   7.48370   1.000 32.23131 ? 54  LYS A CE  1 
ATOM   452  N  NZ  . LYS A 1 55  ? 16.86668  3.55569   7.87909   1.000 40.02136 ? 54  LYS A NZ  1 
ATOM   453  N  N   . TRP A 1 56  ? 10.79912  -1.55886  8.02827   1.000 13.52428 ? 55  TRP A N   1 
ATOM   454  C  CA  . TRP A 1 56  ? 9.39688   -1.60181  8.41774   1.000 13.52525 ? 55  TRP A CA  1 
ATOM   455  C  C   . TRP A 1 56  ? 9.12067   -0.46855  9.40119   1.000 15.54575 ? 55  TRP A C   1 
ATOM   456  O  O   . TRP A 1 56  ? 10.00507  -0.07260  10.16264  1.000 16.75198 ? 55  TRP A O   1 
ATOM   457  C  CB  . TRP A 1 56  ? 9.09103   -2.94262  9.07810   1.000 15.38594 ? 55  TRP A CB  1 
ATOM   458  C  CG  . TRP A 1 56  ? 7.68318   -3.10969  9.47617   1.000 14.79321 ? 55  TRP A CG  1 
ATOM   459  C  CD1 . TRP A 1 56  ? 7.12163   -2.77161  10.67417  1.000 18.45142 ? 55  TRP A CD1 1 
ATOM   460  C  CD2 . TRP A 1 56  ? 6.63502   -3.63616  8.66952   1.000 14.10334 ? 55  TRP A CD2 1 
ATOM   461  N  NE1 . TRP A 1 56  ? 5.78114   -3.06359  10.66369  1.000 17.62522 ? 55  TRP A NE1 1 
ATOM   462  C  CE2 . TRP A 1 56  ? 5.45444   -3.60058  9.44610   1.000 14.26869 ? 55  TRP A CE2 1 
ATOM   463  C  CE3 . TRP A 1 56  ? 6.57958   -4.14403  7.36789   1.000 14.74585 ? 55  TRP A CE3 1 
ATOM   464  C  CZ2 . TRP A 1 56  ? 4.23305   -4.04424  8.95985   1.000 15.71064 ? 55  TRP A CZ2 1 
ATOM   465  C  CZ3 . TRP A 1 56  ? 5.36294   -4.58249  6.88210   1.000 17.13390 ? 55  TRP A CZ3 1 
ATOM   466  C  CH2 . TRP A 1 56  ? 4.20887   -4.53397  7.67893   1.000 15.98038 ? 55  TRP A CH2 1 
ATOM   467  N  N   . PHE A 1 57  ? 7.88937   0.05466   9.39200   1.000 14.57660 ? 56  PHE A N   1 
ATOM   468  C  CA  . PHE A 1 57  ? 7.47582   1.09470   10.32847  1.000 16.86097 ? 56  PHE A CA  1 
ATOM   469  C  C   . PHE A 1 57  ? 6.16029   0.71842   10.99412  1.000 18.75060 ? 56  PHE A C   1 
ATOM   470  O  O   . PHE A 1 57  ? 5.14472   0.53604   10.31648  1.000 19.35183 ? 56  PHE A O   1 
ATOM   471  C  CB  . PHE A 1 57  ? 7.32490   2.45590   9.63743   1.000 15.15755 ? 56  PHE A CB  1 
ATOM   472  C  CG  . PHE A 1 57  ? 8.57817   2.93779   8.97833   1.000 19.60888 ? 56  PHE A CG  1 
ATOM   473  C  CD1 . PHE A 1 57  ? 9.51059   3.67460   9.68795   1.000 19.46624 ? 56  PHE A CD1 1 
ATOM   474  C  CD2 . PHE A 1 57  ? 8.83235   2.63319   7.65737   1.000 17.98074 ? 56  PHE A CD2 1 
ATOM   475  C  CE1 . PHE A 1 57  ? 10.65918  4.11277   9.08496   1.000 19.23375 ? 56  PHE A CE1 1 
ATOM   476  C  CE2 . PHE A 1 57  ? 9.98672   3.07172   7.04968   1.000 20.61104 ? 56  PHE A CE2 1 
ATOM   477  C  CZ  . PHE A 1 57  ? 10.90075  3.80458   7.76089   1.000 20.29677 ? 56  PHE A CZ  1 
ATOM   478  N  N   . ASP A 1 58  ? 6.17152   0.62522   12.31915  1.000 16.86380 ? 57  ASP A N   1 
ATOM   479  C  CA  . ASP A 1 58  ? 4.92804   0.66545   13.08299  1.000 16.46771 ? 57  ASP A CA  1 
ATOM   480  C  C   . ASP A 1 58  ? 4.55315   2.12977   13.29220  1.000 18.90114 ? 57  ASP A C   1 
ATOM   481  O  O   . ASP A 1 58  ? 5.30171   2.87636   13.93126  1.000 19.90119 ? 57  ASP A O   1 
ATOM   482  C  CB  . ASP A 1 58  ? 5.09219   -0.03892  14.42829  1.000 16.85572 ? 57  ASP A CB  1 
ATOM   483  C  CG  . ASP A 1 58  ? 5.24270   -1.54756  14.31070  1.000 23.49300 ? 57  ASP A CG  1 
ATOM   484  O  OD1 . ASP A 1 58  ? 4.78293   -2.16314  13.32368  1.000 19.75281 ? 57  ASP A OD1 1 
ATOM   485  O  OD2 . ASP A 1 58  ? 5.81799   -2.13181  15.25015  1.000 26.98140 ? 57  ASP A OD2 1 
ATOM   486  N  N   . LYS A 1 59  ? 3.41599   2.56062   12.74370  1.000 14.83795 ? 58  LYS A N   1 
ATOM   487  C  CA  . LYS A 1 59  ? 3.08113   3.98287   12.70339  1.000 17.40302 ? 58  LYS A CA  1 
ATOM   488  C  C   . LYS A 1 59  ? 2.15966   4.44699   13.83104  1.000 19.13279 ? 58  LYS A C   1 
ATOM   489  O  O   . LYS A 1 59  ? 1.82396   5.63963   13.88286  1.000 20.72275 ? 58  LYS A O   1 
ATOM   490  C  CB  . LYS A 1 59  ? 2.42649   4.33625   11.36676  1.000 16.34790 ? 58  LYS A CB  1 
ATOM   491  C  CG  . LYS A 1 59  ? 3.26334   4.01981   10.16033  1.000 20.31443 ? 58  LYS A CG  1 
ATOM   492  C  CD  . LYS A 1 59  ? 4.36752   5.04171   9.96895   1.000 22.83335 ? 58  LYS A CD  1 
ATOM   493  C  CE  . LYS A 1 59  ? 3.78823   6.40819   9.62325   1.000 27.61130 ? 58  LYS A CE  1 
ATOM   494  N  NZ  . LYS A 1 59  ? 4.85188   7.44591   9.63421   1.000 34.14775 ? 58  LYS A NZ  1 
ATOM   495  N  N   . GLY A 1 60  ? 1.73360   3.56262   14.72261  1.000 17.19599 ? 59  GLY A N   1 
ATOM   496  C  CA  . GLY A 1 60  ? 0.76128   3.97557   15.72299  1.000 20.98512 ? 59  GLY A CA  1 
ATOM   497  C  C   . GLY A 1 60  ? -0.64755  4.05738   15.15107  1.000 17.71927 ? 59  GLY A C   1 
ATOM   498  O  O   . GLY A 1 60  ? -1.00037  3.36013   14.19404  1.000 18.34413 ? 59  GLY A O   1 
ATOM   499  N  N   . VAL A 1 61  ? -1.47029  4.91603   15.76127  1.000 16.14494 ? 60  VAL A N   1 
ATOM   500  C  CA  . VAL A 1 61  ? -2.87819  5.05824   15.39968  1.000 16.82692 ? 60  VAL A CA  1 
ATOM   501  C  C   . VAL A 1 61  ? -3.04037  6.33256   14.58143  1.000 16.64357 ? 60  VAL A C   1 
ATOM   502  O  O   . VAL A 1 61  ? -2.67916  7.42385   15.04193  1.000 17.76478 ? 60  VAL A O   1 
ATOM   503  C  CB  . VAL A 1 61  ? -3.78388  5.09731   16.64477  1.000 14.28772 ? 60  VAL A CB  1 
ATOM   504  C  CG1 . VAL A 1 61  ? -5.21632  5.35542   16.23963  1.000 18.42493 ? 60  VAL A CG1 1 
ATOM   505  C  CG2 . VAL A 1 61  ? -3.69648  3.79630   17.40900  1.000 15.70088 ? 60  VAL A CG2 1 
ATOM   506  N  N   . LEU A 1 62  ? -3.59872  6.20687   13.38068  1.000 14.36181 ? 61  LEU A N   1 
ATOM   507  C  CA  . LEU A 1 62  ? -3.76815  7.34187   12.48642  1.000 16.72157 ? 61  LEU A CA  1 
ATOM   508  C  C   . LEU A 1 62  ? -5.21013  7.41964   12.02176  1.000 13.74829 ? 61  LEU A C   1 
ATOM   509  O  O   . LEU A 1 62  ? -5.92252  6.41431   11.99262  1.000 15.94272 ? 61  LEU A O   1 
ATOM   510  C  CB  . LEU A 1 62  ? -2.85309  7.25326   11.25088  1.000 17.96477 ? 61  LEU A CB  1 
ATOM   511  C  CG  . LEU A 1 62  ? -1.33949  7.35817   11.47683  1.000 23.40939 ? 61  LEU A CG  1 
ATOM   512  C  CD1 . LEU A 1 62  ? -0.60731  7.39553   10.12930  1.000 24.97371 ? 61  LEU A CD1 1 
ATOM   513  C  CD2 . LEU A 1 62  ? -0.98545  8.56603   12.30212  1.000 23.33943 ? 61  LEU A CD2 1 
ATOM   514  N  N   . SER A 1 63  ? -5.61552  8.62640   11.61925  1.000 14.21809 ? 62  SER A N   1 
ATOM   515  C  CA  . SER A 1 63  ? -6.88950  8.81537   10.93945  1.000 14.01929 ? 62  SER A CA  1 
ATOM   516  C  C   . SER A 1 63  ? -6.89485  8.07724   9.60899   1.000 13.85567 ? 62  SER A C   1 
ATOM   517  O  O   . SER A 1 63  ? -5.87214  7.98736   8.92110   1.000 17.11377 ? 62  SER A O   1 
ATOM   518  C  CB  . SER A 1 63  ? -7.15679  10.29709  10.68276  1.000 18.85237 ? 62  SER A CB  1 
ATOM   519  O  OG  . SER A 1 63  ? -7.18503  11.03038  11.89371  1.000 26.77534 ? 62  SER A OG  1 
HETATM 520  N  N   . MSE A 1 64  ? -8.06801  7.57575   9.23538   1.000 16.79353 ? 63  MSE A N   1 
HETATM 521  C  CA  . MSE A 1 64  ? -8.19484  6.69716   8.08444   1.000 15.79326 ? 63  MSE A CA  1 
HETATM 522  C  C   . MSE A 1 64  ? -9.22837  7.19782   7.10776   1.000 17.20002 ? 63  MSE A C   1 
HETATM 523  O  O   . MSE A 1 64  ? -10.16751 7.91611   7.48886   1.000 15.85976 ? 63  MSE A O   1 
HETATM 524  C  CB  . MSE A 1 64  ? -8.57302  5.28091   8.52740   1.000 14.67429 ? 63  MSE A CB  1 
HETATM 525  C  CG  . MSE A 1 64  ? -7.76656  4.76436   9.69939   1.000 13.96968 ? 63  MSE A CG  1 
HETATM 526  SE SE  . MSE A 1 64  ? -5.92819  4.54635   9.15196   0.637 29.06118 ? 63  MSE A SE  1 
HETATM 527  C  CE  . MSE A 1 64  ? -6.25979  3.26465   8.11091   1.000 6.22268  ? 63  MSE A CE  1 
ATOM   528  N  N   . VAL A 1 65  ? -9.06335  6.79403   5.85306   1.000 13.76257 ? 64  VAL A N   1 
ATOM   529  C  CA  . VAL A 1 65  ? -10.02089 7.12542   4.81436   1.000 14.63397 ? 64  VAL A CA  1 
ATOM   530  C  C   . VAL A 1 65  ? -10.17651 5.92541   3.89305   1.000 15.22081 ? 64  VAL A C   1 
ATOM   531  O  O   . VAL A 1 65  ? -9.24682  5.13968   3.68869   1.000 16.14772 ? 64  VAL A O   1 
ATOM   532  C  CB  . VAL A 1 65  ? -9.59703  8.39802   4.04251   1.000 14.85088 ? 64  VAL A CB  1 
ATOM   533  C  CG1 . VAL A 1 65  ? -8.26783  8.19486   3.35049   1.000 18.88116 ? 64  VAL A CG1 1 
ATOM   534  C  CG2 . VAL A 1 65  ? -10.66289 8.81383   3.03553   1.000 24.73195 ? 64  VAL A CG2 1 
ATOM   535  N  N   . ARG A 1 66  ? -11.38695 5.76385   3.38242   1.000 14.90806 ? 65  ARG A N   1 
ATOM   536  C  CA  A ARG A 1 66  ? -11.70312 4.72412   2.41502   0.474 16.32086 ? 65  ARG A CA  1 
ATOM   537  C  CA  B ARG A 1 66  ? -11.72071 4.72576   2.41931   0.526 16.33271 ? 65  ARG A CA  1 
ATOM   538  C  C   . ARG A 1 66  ? -11.77677 5.35051   1.02943   1.000 16.10020 ? 65  ARG A C   1 
ATOM   539  O  O   . ARG A 1 66  ? -12.47150 6.35408   0.82680   1.000 17.22355 ? 65  ARG A O   1 
ATOM   540  C  CB  A ARG A 1 66  ? -13.02432 4.03610   2.76660   0.474 18.16980 ? 65  ARG A CB  1 
ATOM   541  C  CB  B ARG A 1 66  ? -13.06240 4.09280   2.80038   0.526 18.12971 ? 65  ARG A CB  1 
ATOM   542  C  CG  A ARG A 1 66  ? -13.39020 2.87397   1.84558   0.474 19.22854 ? 65  ARG A CG  1 
ATOM   543  C  CG  B ARG A 1 66  ? -13.63312 3.06902   1.83254   0.526 19.67547 ? 65  ARG A CG  1 
ATOM   544  C  CD  A ARG A 1 66  ? -14.56655 2.07776   2.40302   0.474 25.03374 ? 65  ARG A CD  1 
ATOM   545  C  CD  B ARG A 1 66  ? -14.86994 2.41013   2.45399   0.526 22.32545 ? 65  ARG A CD  1 
ATOM   546  N  NE  A ARG A 1 66  ? -15.82640 2.80530   2.29824   0.474 28.53403 ? 65  ARG A NE  1 
ATOM   547  N  NE  B ARG A 1 66  ? -14.53631 1.71486   3.69859   0.526 24.18425 ? 65  ARG A NE  1 
ATOM   548  C  CZ  A ARG A 1 66  ? -16.87160 2.39715   1.58339   0.474 29.93765 ? 65  ARG A CZ  1 
ATOM   549  C  CZ  B ARG A 1 66  ? -15.11575 1.94113   4.87619   0.526 25.31864 ? 65  ARG A CZ  1 
ATOM   550  N  NH1 A ARG A 1 66  ? -17.97699 3.12947   1.54691   0.474 26.45204 ? 65  ARG A NH1 1 
ATOM   551  N  NH1 B ARG A 1 66  ? -14.73213 1.25446   5.94333   0.526 28.92270 ? 65  ARG A NH1 1 
ATOM   552  N  NH2 A ARG A 1 66  ? -16.81193 1.26065   0.90213   0.474 32.45113 ? 65  ARG A NH2 1 
ATOM   553  N  NH2 B ARG A 1 66  ? -16.08488 2.84060   4.99251   0.526 21.68836 ? 65  ARG A NH2 1 
ATOM   554  N  N   . VAL A 1 67  ? -11.04520 4.77091   0.08356   1.000 14.42802 ? 66  VAL A N   1 
ATOM   555  C  CA  . VAL A 1 67  ? -10.98199 5.25799   -1.29221  1.000 13.46163 ? 66  VAL A CA  1 
ATOM   556  C  C   . VAL A 1 67  ? -11.31776 4.08974   -2.20539  1.000 15.73741 ? 66  VAL A C   1 
ATOM   557  O  O   . VAL A 1 67  ? -10.75877 2.99872   -2.04587  1.000 17.96650 ? 66  VAL A O   1 
ATOM   558  C  CB  . VAL A 1 67  ? -9.59179  5.83595   -1.63805  1.000 16.63086 ? 66  VAL A CB  1 
ATOM   559  C  CG1 . VAL A 1 67  ? -9.51554  6.21853   -3.11789  1.000 19.45711 ? 66  VAL A CG1 1 
ATOM   560  C  CG2 . VAL A 1 67  ? -9.27761  7.05540   -0.76355  1.000 17.99674 ? 66  VAL A CG2 1 
ATOM   561  N  N   . ALA A 1 68  ? -12.21236 4.29897   -3.16274  1.000 15.96083 ? 67  ALA A N   1 
ATOM   562  C  CA  . ALA A 1 68  ? -12.55622 3.21715   -4.07360  1.000 13.62104 ? 67  ALA A CA  1 
ATOM   563  C  C   . ALA A 1 68  ? -12.60525 3.70502   -5.50912  1.000 17.37565 ? 67  ALA A C   1 
ATOM   564  O  O   . ALA A 1 68  ? -13.00725 4.83892   -5.77603  1.000 18.17482 ? 67  ALA A O   1 
ATOM   565  C  CB  . ALA A 1 68  ? -13.89448 2.57182   -3.69770  1.000 18.47282 ? 67  ALA A CB  1 
ATOM   566  N  N   . THR A 1 69  ? -12.17214 2.83854   -6.42491  1.000 16.26285 ? 68  THR A N   1 
ATOM   567  C  CA  . THR A 1 69  ? -12.43254 2.96434   -7.85102  1.000 19.93563 ? 68  THR A CA  1 
ATOM   568  C  C   . THR A 1 69  ? -13.46744 1.90655   -8.23007  1.000 19.27308 ? 68  THR A C   1 
ATOM   569  O  O   . THR A 1 69  ? -14.03574 1.23010   -7.36452  1.000 22.08921 ? 68  THR A O   1 
ATOM   570  C  CB  . THR A 1 69  ? -11.15691 2.79889   -8.67974  1.000 18.05279 ? 68  THR A CB  1 
ATOM   571  O  OG1 . THR A 1 69  ? -10.67471 1.45181   -8.56912  1.000 19.96572 ? 68  THR A OG1 1 
ATOM   572  C  CG2 . THR A 1 69  ? -10.05851 3.75863   -8.23282  1.000 18.87682 ? 68  THR A CG2 1 
ATOM   573  N  N   . ALA A 1 70  ? -13.69167 1.73851   -9.53525  1.000 20.11885 ? 69  ALA A N   1 
ATOM   574  C  CA  . ALA A 1 70  ? -14.63477 0.71365   -9.97373  1.000 23.89135 ? 69  ALA A CA  1 
ATOM   575  C  C   . ALA A 1 70  ? -14.16946 -0.68935  -9.59737  1.000 20.70620 ? 69  ALA A C   1 
ATOM   576  O  O   . ALA A 1 70  ? -15.00477 -1.56426  -9.33551  1.000 26.16068 ? 69  ALA A O   1 
ATOM   577  C  CB  . ALA A 1 70  ? -14.85625 0.81320   -11.48359 1.000 23.63863 ? 69  ALA A CB  1 
ATOM   578  N  N   . THR A 1 71  ? -12.85783 -0.92712  -9.56685  1.000 19.76958 ? 70  THR A N   1 
ATOM   579  C  CA  . THR A 1 71  ? -12.29513 -2.26210  -9.36401  1.000 18.86323 ? 70  THR A CA  1 
ATOM   580  C  C   . THR A 1 71  ? -11.68430 -2.47727  -7.98670  1.000 21.82502 ? 70  THR A C   1 
ATOM   581  O  O   . THR A 1 71  ? -11.67182 -3.61038  -7.49619  1.000 21.98622 ? 70  THR A O   1 
ATOM   582  C  CB  . THR A 1 71  ? -11.22376 -2.54184  -10.42790 1.000 19.83798 ? 70  THR A CB  1 
ATOM   583  O  OG1 . THR A 1 71  ? -11.77887 -2.31272  -11.73194 1.000 30.35558 ? 70  THR A OG1 1 
ATOM   584  C  CG2 . THR A 1 71  ? -10.71794 -3.98555  -10.35543 1.000 26.89777 ? 70  THR A CG2 1 
ATOM   585  N  N   . TYR A 1 72  ? -11.18616 -1.42386  -7.34686  1.000 18.38013 ? 71  TYR A N   1 
ATOM   586  C  CA  . TYR A 1 72  ? -10.37711 -1.55030  -6.14463  1.000 15.63215 ? 71  TYR A CA  1 
ATOM   587  C  C   . TYR A 1 72  ? -10.93216 -0.67507  -5.03094  1.000 17.19168 ? 71  TYR A C   1 
ATOM   588  O  O   . TYR A 1 72  ? -11.55394 0.35982   -5.28313  1.000 18.67531 ? 71  TYR A O   1 
ATOM   589  C  CB  . TYR A 1 72  ? -8.93211  -1.15366  -6.43865  1.000 17.76992 ? 71  TYR A CB  1 
ATOM   590  C  CG  . TYR A 1 72  ? -8.29457  -2.04172  -7.46978  1.000 17.91416 ? 71  TYR A CG  1 
ATOM   591  C  CD1 . TYR A 1 72  ? -8.01626  -3.37134  -7.18223  1.000 18.57886 ? 71  TYR A CD1 1 
ATOM   592  C  CD2 . TYR A 1 72  ? -7.97670  -1.55681  -8.73096  1.000 20.04915 ? 71  TYR A CD2 1 
ATOM   593  C  CE1 . TYR A 1 72  ? -7.42337  -4.19702  -8.12957  1.000 19.80564 ? 71  TYR A CE1 1 
ATOM   594  C  CE2 . TYR A 1 72  ? -7.39113  -2.36752  -9.68048  1.000 20.43669 ? 71  TYR A CE2 1 
ATOM   595  C  CZ  . TYR A 1 72  ? -7.11204  -3.68041  -9.37499  1.000 23.78580 ? 71  TYR A CZ  1 
ATOM   596  O  OH  . TYR A 1 72  ? -6.52309  -4.47849  -10.32874 1.000 26.02611 ? 71  TYR A OH  1 
ATOM   597  N  N   . GLU A 1 73  ? -10.70595 -1.10602  -3.79081  1.000 15.21791 ? 72  GLU A N   1 
ATOM   598  C  CA  . GLU A 1 73  ? -11.04566 -0.32697  -2.60812  1.000 16.29920 ? 72  GLU A CA  1 
ATOM   599  C  C   . GLU A 1 73  ? -9.93903  -0.49226  -1.58106  1.000 16.82429 ? 72  GLU A C   1 
ATOM   600  O  O   . GLU A 1 73  ? -9.48244  -1.61415  -1.32842  1.000 17.67565 ? 72  GLU A O   1 
ATOM   601  C  CB  . GLU A 1 73  ? -12.38316 -0.76923  -2.00507  1.000 18.86526 ? 72  GLU A CB  1 
ATOM   602  C  CG  . GLU A 1 73  ? -12.75204 -0.08589  -0.68314  1.000 20.18012 ? 72  GLU A CG  1 
ATOM   603  C  CD  . GLU A 1 73  ? -14.06218 -0.61527  -0.10139  1.000 30.66326 ? 72  GLU A CD  1 
ATOM   604  O  OE1 . GLU A 1 73  ? -15.02562 -0.80192  -0.87153  1.000 38.97540 ? 72  GLU A OE1 1 
ATOM   605  O  OE2 . GLU A 1 73  ? -14.12605 -0.84280  1.12436   1.000 45.02856 ? 72  GLU A OE2 1 
ATOM   606  N  N   . THR A 1 74  ? -9.52361  0.62017   -0.98449  1.000 14.37979 ? 73  THR A N   1 
ATOM   607  C  CA  . THR A 1 74  ? -8.52811  0.62560   0.07023   1.000 16.74032 ? 73  THR A CA  1 
ATOM   608  C  C   . THR A 1 74  ? -9.05217  1.42932   1.25176   1.000 16.51934 ? 73  THR A C   1 
ATOM   609  O  O   . THR A 1 74  ? -9.80270  2.39399   1.07986   1.000 17.54724 ? 73  THR A O   1 
ATOM   610  C  CB  . THR A 1 74  ? -7.18325  1.19496   -0.43431  1.000 19.85625 ? 73  THR A CB  1 
ATOM   611  O  OG1 . THR A 1 74  ? -6.16849  0.97884   0.54871   1.000 19.65390 ? 73  THR A OG1 1 
ATOM   612  C  CG2 . THR A 1 74  ? -7.26401  2.68547   -0.73907  1.000 21.28869 ? 73  THR A CG2 1 
ATOM   613  N  N   . VAL A 1 75  ? -8.71761  0.98218   2.45182   1.000 14.93337 ? 74  VAL A N   1 
ATOM   614  C  CA  . VAL A 1 75  ? -8.79405  1.80738   3.64536   1.000 14.18324 ? 74  VAL A CA  1 
ATOM   615  C  C   . VAL A 1 75  ? -7.35141  2.10580   4.01357   1.000 13.82254 ? 74  VAL A C   1 
ATOM   616  O  O   . VAL A 1 75  ? -6.54445  1.18142   4.17681   1.000 15.55337 ? 74  VAL A O   1 
ATOM   617  C  CB  . VAL A 1 75  ? -9.55188  1.11421   4.78669   1.000 18.01518 ? 74  VAL A CB  1 
ATOM   618  C  CG1 . VAL A 1 75  ? -9.44804  1.93902   6.05578   1.000 19.07623 ? 74  VAL A CG1 1 
ATOM   619  C  CG2 . VAL A 1 75  ? -11.01969 0.91250   4.38489   1.000 19.90570 ? 74  VAL A CG2 1 
ATOM   620  N  N   . CYS A 1 76  ? -7.00258  3.38692   4.07310   1.000 14.41245 ? 75  CYS A N   1 
ATOM   621  C  CA  . CYS A 1 76  ? -5.60839  3.76949   4.26691   1.000 16.46478 ? 75  CYS A CA  1 
ATOM   622  C  C   . CYS A 1 76  ? -5.52177  5.01069   5.14445   1.000 14.28258 ? 75  CYS A C   1 
ATOM   623  O  O   . CYS A 1 76  ? -6.51467  5.70295   5.40032   1.000 14.81472 ? 75  CYS A O   1 
ATOM   624  C  CB  . CYS A 1 76  ? -4.91227  4.00862   2.91893   1.000 13.11916 ? 75  CYS A CB  1 
ATOM   625  S  SG  . CYS A 1 76  ? -5.71229  5.31005   1.92634   1.000 16.21273 ? 75  CYS A SG  1 
ATOM   626  N  N   . ALA A 1 77  ? -4.31655  5.29724   5.62830   1.000 13.76810 ? 76  ALA A N   1 
ATOM   627  C  CA  . ALA A 1 77  ? -4.14439  6.49251   6.43642   1.000 12.67704 ? 76  ALA A CA  1 
ATOM   628  C  C   . ALA A 1 77  ? -4.51752  7.74281   5.63817   1.000 13.05972 ? 76  ALA A C   1 
ATOM   629  O  O   . ALA A 1 77  ? -4.39167  7.79541   4.40694   1.000 14.62318 ? 76  ALA A O   1 
ATOM   630  C  CB  . ALA A 1 77  ? -2.69817  6.59419   6.94396   1.000 16.57424 ? 76  ALA A CB  1 
ATOM   631  N  N   . PHE A 1 78  ? -4.97705  8.76428   6.35931   1.000 14.59025 ? 77  PHE A N   1 
ATOM   632  C  CA  . PHE A 1 78  ? -5.38662  10.00171  5.70690   1.000 13.32243 ? 77  PHE A CA  1 
ATOM   633  C  C   . PHE A 1 78  ? -4.26059  10.58661  4.85828   1.000 15.60983 ? 77  PHE A C   1 
ATOM   634  O  O   . PHE A 1 78  ? -4.53243  11.18434  3.81069   1.000 16.45493 ? 77  PHE A O   1 
ATOM   635  C  CB  . PHE A 1 78  ? -5.86307  11.01075  6.75394   1.000 17.61106 ? 77  PHE A CB  1 
ATOM   636  C  CG  . PHE A 1 78  ? -4.74855  11.64419  7.51749   1.000 18.24864 ? 77  PHE A CG  1 
ATOM   637  C  CD1 . PHE A 1 78  ? -4.08913  10.93948  8.51448   1.000 21.71453 ? 77  PHE A CD1 1 
ATOM   638  C  CD2 . PHE A 1 78  ? -4.32866  12.93361  7.21962   1.000 22.40781 ? 77  PHE A CD2 1 
ATOM   639  C  CE1 . PHE A 1 78  ? -3.03308  11.51872  9.21653   1.000 24.38099 ? 77  PHE A CE1 1 
ATOM   640  C  CE2 . PHE A 1 78  ? -3.27795  13.51605  7.91614   1.000 21.64247 ? 77  PHE A CE2 1 
ATOM   641  C  CZ  . PHE A 1 78  ? -2.63287  12.80831  8.91146   1.000 24.86224 ? 77  PHE A CZ  1 
ATOM   642  N  N   . ASN A 1 79  ? -2.99887  10.39878  5.26903   1.000 13.97059 ? 78  ASN A N   1 
ATOM   643  C  CA  . ASN A 1 79  ? -1.85037  10.95055  4.55468   1.000 15.05740 ? 78  ASN A CA  1 
ATOM   644  C  C   . ASN A 1 79  ? -1.10295  9.88857   3.74726   1.000 17.09733 ? 78  ASN A C   1 
ATOM   645  O  O   . ASN A 1 79  ? 0.05616   10.10181  3.36951   1.000 15.94810 ? 78  ASN A O   1 
ATOM   646  C  CB  . ASN A 1 79  ? -0.90263  11.65797  5.52896   1.000 17.30082 ? 78  ASN A CB  1 
ATOM   647  C  CG  . ASN A 1 79  ? -0.31665  10.71689  6.57573   1.000 24.84184 ? 78  ASN A CG  1 
ATOM   648  O  OD1 . ASN A 1 79  ? -0.70812  9.55419   6.67931   1.000 23.11871 ? 78  ASN A OD1 1 
ATOM   649  N  ND2 . ASN A 1 79  ? 0.63536   11.22222  7.35804   1.000 31.38903 ? 78  ASN A ND2 1 
ATOM   650  N  N   . HIS A 1 80  ? -1.75203  8.75912   3.47952   1.000 13.08418 ? 79  HIS A N   1 
ATOM   651  C  CA  . HIS A 1 80  ? -1.24846  7.72371   2.57709   1.000 12.53251 ? 79  HIS A CA  1 
ATOM   652  C  C   . HIS A 1 80  ? -1.24660  8.28067   1.15515   1.000 13.91951 ? 79  HIS A C   1 
ATOM   653  O  O   . HIS A 1 80  ? -2.28536  8.72833   0.66098   1.000 16.03294 ? 79  HIS A O   1 
ATOM   654  C  CB  . HIS A 1 80  ? -2.15161  6.48869   2.70439   1.000 17.15877 ? 79  HIS A CB  1 
ATOM   655  C  CG  . HIS A 1 80  ? -1.85736  5.36637   1.75110   1.000 12.03466 ? 79  HIS A CG  1 
ATOM   656  N  ND1 . HIS A 1 80  ? -1.09046  4.27540   2.11075   1.000 17.17127 ? 79  HIS A ND1 1 
ATOM   657  C  CD2 . HIS A 1 80  ? -2.30382  5.11183   0.49875   1.000 16.58928 ? 79  HIS A CD2 1 
ATOM   658  C  CE1 . HIS A 1 80  ? -1.03559  3.42435   1.10206   1.000 16.40417 ? 79  HIS A CE1 1 
ATOM   659  N  NE2 . HIS A 1 80  ? -1.76456  3.90472   0.11118   1.000 17.97206 ? 79  HIS A NE2 1 
HETATM 660  N  N   . MSE A 1 81  ? -0.08822  8.26452   0.49918   1.000 12.54802 ? 80  MSE A N   1 
HETATM 661  C  CA  A MSE A 1 81  ? 0.02545   8.88676   -0.81830  0.673 12.30418 ? 80  MSE A CA  1 
HETATM 662  C  CA  B MSE A 1 81  ? 0.07308   8.87762   -0.81370  0.327 12.42625 ? 80  MSE A CA  1 
HETATM 663  C  C   . MSE A 1 81  ? -0.27950  7.92470   -1.94616  1.000 12.01291 ? 80  MSE A C   1 
HETATM 664  O  O   A MSE A 1 81  ? 0.27853   6.83315   -1.96032  0.673 11.88333 ? 80  MSE A O   1 
HETATM 665  O  O   B MSE A 1 81  ? -0.06149  6.71268   -1.84735  0.327 12.66044 ? 80  MSE A O   1 
HETATM 666  C  CB  A MSE A 1 81  ? 1.42274   9.47326   -1.02303  0.673 14.71860 ? 80  MSE A CB  1 
HETATM 667  C  CB  B MSE A 1 81  ? 1.50936   9.37406   -0.98494  0.327 14.78434 ? 80  MSE A CB  1 
HETATM 668  C  CG  A MSE A 1 81  ? 1.62639   10.78348  -0.31165  0.673 13.75490 ? 80  MSE A CG  1 
HETATM 669  C  CG  B MSE A 1 81  ? 2.00376   10.20693  0.18057   0.327 9.85089  ? 80  MSE A CG  1 
HETATM 670  SE SE  A MSE A 1 81  ? 3.44124   11.44831  -0.48579  0.673 37.46185 ? 80  MSE A SE  1 
HETATM 671  SE SE  B MSE A 1 81  ? 0.98766   11.85132  0.37269   0.327 28.93655 ? 80  MSE A SE  1 
HETATM 672  C  CE  A MSE A 1 81  ? 4.28783   9.96405   0.40529   0.673 12.89429 ? 80  MSE A CE  1 
HETATM 673  C  CE  B MSE A 1 81  ? 1.70516   12.80342  -1.15838  0.327 19.73509 ? 80  MSE A CE  1 
ATOM   674  N  N   . ILE A 1 82  ? -1.14659  8.39194   -2.83294  1.000 11.86038 ? 81  ILE A N   1 
ATOM   675  C  CA  . ILE A 1 82  ? -1.62813  7.63014   -3.97592  1.000 11.54053 ? 81  ILE A CA  1 
ATOM   676  C  C   . ILE A 1 82  ? -1.16130  8.33019   -5.24628  1.000 12.96974 ? 81  ILE A C   1 
ATOM   677  O  O   . ILE A 1 82  ? -1.11421  9.56571   -5.30849  1.000 14.13636 ? 81  ILE A O   1 
ATOM   678  C  CB  . ILE A 1 82  ? -3.16521  7.49782   -3.89970  1.000 13.00086 ? 81  ILE A CB  1 
ATOM   679  C  CG1 . ILE A 1 82  ? -3.52632  6.58930   -2.71539  1.000 15.22952 ? 81  ILE A CG1 1 
ATOM   680  C  CG2 . ILE A 1 82  ? -3.73753  6.92052   -5.16721  1.000 13.05240 ? 81  ILE A CG2 1 
ATOM   681  C  CD1 . ILE A 1 82  ? -4.99694  6.54493   -2.40099  1.000 16.24914 ? 81  ILE A CD1 1 
ATOM   682  N  N   . GLN A 1 83  ? -0.79513  7.54832   -6.25214  1.000 11.57505 ? 82  GLN A N   1 
ATOM   683  C  CA  . GLN A 1 83  ? -0.18846  8.09897   -7.45782  1.000 11.83904 ? 82  GLN A CA  1 
ATOM   684  C  C   . GLN A 1 83  ? -1.28612  8.46434   -8.45485  1.000 14.86293 ? 82  GLN A C   1 
ATOM   685  O  O   . GLN A 1 83  ? -2.10667  7.61657   -8.82889  1.000 17.02019 ? 82  GLN A O   1 
ATOM   686  C  CB  . GLN A 1 83  ? 0.80180   7.11536   -8.07347  1.000 14.46620 ? 82  GLN A CB  1 
ATOM   687  C  CG  . GLN A 1 83  ? 1.71655   7.82865   -9.05438  1.000 14.55096 ? 82  GLN A CG  1 
ATOM   688  C  CD  . GLN A 1 83  ? 2.92655   7.00685   -9.43170  1.000 15.15706 ? 82  GLN A CD  1 
ATOM   689  O  OE1 . GLN A 1 83  ? 2.84216   5.78872   -9.56258  1.000 18.38819 ? 82  GLN A OE1 1 
ATOM   690  N  NE2 . GLN A 1 83  ? 4.05822   7.67306   -9.62716  1.000 14.94562 ? 82  GLN A NE2 1 
ATOM   691  N  N   . LEU A 1 84  ? -1.30651  9.73154   -8.86934  1.000 13.68992 ? 83  LEU A N   1 
ATOM   692  C  CA  . LEU A 1 84  ? -2.21374  10.19089  -9.90336  1.000 15.62146 ? 83  LEU A CA  1 
ATOM   693  C  C   . LEU A 1 84  ? -1.76796  9.69554   -11.27060 1.000 17.11096 ? 83  LEU A C   1 
ATOM   694  O  O   . LEU A 1 84  ? -0.62445  9.25709   -11.46600 1.000 16.37001 ? 83  LEU A O   1 
ATOM   695  C  CB  . LEU A 1 84  ? -2.25966  11.71423  -9.93532  1.000 16.24924 ? 83  LEU A CB  1 
ATOM   696  C  CG  . LEU A 1 84  ? -2.65946  12.42724  -8.65133  1.000 19.59735 ? 83  LEU A CG  1 
ATOM   697  C  CD1 . LEU A 1 84  ? -2.78657  13.90438  -8.98731  1.000 20.35356 ? 83  LEU A CD1 1 
ATOM   698  C  CD2 . LEU A 1 84  ? -3.96035  11.87213  -8.15664  1.000 19.58489 ? 83  LEU A CD2 1 
ATOM   699  N  N   . ALA A 1 85  ? -2.68227  9.81670   -12.23877 1.000 17.77097 ? 84  ALA A N   1 
ATOM   700  C  CA  . ALA A 1 85  ? -2.36826  9.44683   -13.61801 1.000 18.24856 ? 84  ALA A CA  1 
ATOM   701  C  C   . ALA A 1 85  ? -1.10000  10.13137  -14.12521 1.000 17.37844 ? 84  ALA A C   1 
ATOM   702  O  O   . ALA A 1 85  ? -0.34357  9.54537   -14.90606 1.000 20.50201 ? 84  ALA A O   1 
ATOM   703  C  CB  . ALA A 1 85  ? -3.55055  9.78829   -14.52660 1.000 17.77239 ? 84  ALA A CB  1 
ATOM   704  N  N   . ASP A 1 86  ? -0.85126  11.37590  -13.70959 1.000 19.36445 ? 85  ASP A N   1 
ATOM   705  C  CA  . ASP A 1 86  ? 0.30695   12.10249  -14.21913 1.000 18.23055 ? 85  ASP A CA  1 
ATOM   706  C  C   . ASP A 1 86  ? 1.61184   11.78298  -13.48418 1.000 16.70391 ? 85  ASP A C   1 
ATOM   707  O  O   . ASP A 1 86  ? 2.60747   12.46362  -13.73657 1.000 20.27436 ? 85  ASP A O   1 
ATOM   708  C  CB  . ASP A 1 86  ? 0.04256   13.61837  -14.19655 1.000 19.74520 ? 85  ASP A CB  1 
ATOM   709  C  CG  . ASP A 1 86  ? -0.01273  14.20207  -12.78626 1.000 26.72214 ? 85  ASP A CG  1 
ATOM   710  O  OD1 . ASP A 1 86  ? 0.12000   13.45336  -11.79473 1.000 20.60231 ? 85  ASP A OD1 1 
ATOM   711  O  OD2 . ASP A 1 86  ? -0.19337  15.43657  -12.66826 1.000 30.65870 ? 85  ASP A OD2 1 
ATOM   712  N  N   . ASN A 1 87  ? 1.63802   10.76580  -12.61288 1.000 15.41584 ? 86  ASN A N   1 
ATOM   713  C  CA  . ASN A 1 87  ? 2.76695   10.28928  -11.80972 1.000 18.29703 ? 86  ASN A CA  1 
ATOM   714  C  C   . ASN A 1 87  ? 2.95379   11.07464  -10.51529 1.000 13.13158 ? 86  ASN A C   1 
ATOM   715  O  O   . ASN A 1 87  ? 3.82322   10.70766  -9.72932  1.000 16.73581 ? 86  ASN A O   1 
ATOM   716  C  CB  . ASN A 1 87  ? 4.13777   10.32358  -12.53034 1.000 22.17546 ? 86  ASN A CB  1 
ATOM   717  C  CG  . ASN A 1 87  ? 4.20560   9.47444   -13.77805 1.000 27.05486 ? 86  ASN A CG  1 
ATOM   718  O  OD1 . ASN A 1 87  ? 3.48719   8.49452   -13.93217 1.000 20.88894 ? 86  ASN A OD1 1 
ATOM   719  N  ND2 . ASN A 1 87  ? 5.12450   9.84500   -14.67956 1.000 26.82974 ? 86  ASN A ND2 1 
ATOM   720  N  N   . THR A 1 88  ? 2.22552   12.17354  -10.28722 1.000 16.27525 ? 87  THR A N   1 
ATOM   721  C  CA  . THR A 1 88  ? 2.42883   12.91415  -9.04689  1.000 14.75586 ? 87  THR A CA  1 
ATOM   722  C  C   . THR A 1 88  ? 1.68413   12.21251  -7.91723  1.000 15.24229 ? 87  THR A C   1 
ATOM   723  O  O   . THR A 1 88  ? 0.89985   11.28840  -8.14691  1.000 16.21019 ? 87  THR A O   1 
ATOM   724  C  CB  . THR A 1 88  ? 1.98015   14.37553  -9.17982  1.000 17.39923 ? 87  THR A CB  1 
ATOM   725  O  OG1 . THR A 1 88  ? 0.56674   14.45570  -9.38705  1.000 18.83290 ? 87  THR A OG1 1 
ATOM   726  C  CG2 . THR A 1 88  ? 2.71639   15.06939  -10.33718 1.000 19.02477 ? 87  THR A CG2 1 
ATOM   727  N  N   . TRP A 1 89  ? 1.95932   12.64499  -6.69001  1.000 16.66167 ? 88  TRP A N   1 
ATOM   728  C  CA  . TRP A 1 89  ? 1.43718   12.00531  -5.48692  1.000 15.56166 ? 88  TRP A CA  1 
ATOM   729  C  C   . TRP A 1 89  ? 0.44540   12.90281  -4.75889  1.000 16.94288 ? 88  TRP A C   1 
ATOM   730  O  O   . TRP A 1 89  ? 0.68684   14.10495  -4.60043  1.000 17.07363 ? 88  TRP A O   1 
ATOM   731  C  CB  . TRP A 1 89  ? 2.59044   11.65073  -4.54573  1.000 14.38564 ? 88  TRP A CB  1 
ATOM   732  C  CG  . TRP A 1 89  ? 3.49401   10.63806  -5.12501  1.000 16.30018 ? 88  TRP A CG  1 
ATOM   733  C  CD1 . TRP A 1 89  ? 4.70414   10.84553  -5.73402  1.000 21.00028 ? 88  TRP A CD1 1 
ATOM   734  C  CD2 . TRP A 1 89  ? 3.25781   9.23433   -5.15709  1.000 12.80505 ? 88  TRP A CD2 1 
ATOM   735  N  NE1 . TRP A 1 89  ? 5.23941   9.63694   -6.13484  1.000 20.47002 ? 88  TRP A NE1 1 
ATOM   736  C  CE2 . TRP A 1 89  ? 4.35895   8.63399   -5.80147  1.000 17.47350 ? 88  TRP A CE2 1 
ATOM   737  C  CE3 . TRP A 1 89  ? 2.20891   8.42382   -4.70214  1.000 14.57745 ? 88  TRP A CE3 1 
ATOM   738  C  CZ2 . TRP A 1 89  ? 4.44115   7.25674   -6.00889  1.000 16.21289 ? 88  TRP A CZ2 1 
ATOM   739  C  CZ3 . TRP A 1 89  ? 2.29186   7.06784   -4.90238  1.000 15.65167 ? 88  TRP A CZ3 1 
ATOM   740  C  CH2 . TRP A 1 89  ? 3.40312   6.49165   -5.53996  1.000 15.62690 ? 88  TRP A CH2 1 
ATOM   741  N  N   . VAL A 1 90  ? -0.64627  12.31437  -4.25950  1.000 16.65060 ? 89  VAL A N   1 
ATOM   742  C  CA  . VAL A 1 90  ? -1.64363  13.06189  -3.49368  1.000 15.46118 ? 89  VAL A CA  1 
ATOM   743  C  C   . VAL A 1 90  ? -2.03821  12.25157  -2.25952  1.000 13.01100 ? 89  VAL A C   1 
ATOM   744  O  O   . VAL A 1 90  ? -2.17159  11.02497  -2.32636  1.000 14.90066 ? 89  VAL A O   1 
ATOM   745  C  CB  . VAL A 1 90  ? -2.87425  13.39178  -4.36814  1.000 17.85386 ? 89  VAL A CB  1 
ATOM   746  C  CG1 . VAL A 1 90  ? -3.99602  13.98604  -3.54564  1.000 19.16114 ? 89  VAL A CG1 1 
ATOM   747  C  CG2 . VAL A 1 90  ? -2.48722  14.35705  -5.47663  1.000 22.12062 ? 89  VAL A CG2 1 
ATOM   748  N  N   . GLN A 1 91  ? -2.21712  12.93586  -1.12391  1.000 14.44721 ? 90  GLN A N   1 
ATOM   749  C  CA  . GLN A 1 91  ? -2.71763  12.26414  0.07224   1.000 14.63146 ? 90  GLN A CA  1 
ATOM   750  C  C   . GLN A 1 91  ? -4.12640  11.74725  -0.16592  1.000 14.49613 ? 90  GLN A C   1 
ATOM   751  O  O   . GLN A 1 91  ? -4.95216  12.42043  -0.79113  1.000 14.10576 ? 90  GLN A O   1 
ATOM   752  C  CB  . GLN A 1 91  ? -2.74455  13.21434  1.27409   1.000 15.24943 ? 90  GLN A CB  1 
ATOM   753  C  CG  . GLN A 1 91  ? -1.39017  13.67040  1.75138   1.000 20.04253 ? 90  GLN A CG  1 
ATOM   754  C  CD  . GLN A 1 91  ? -1.44526  14.42006  3.06733   1.000 29.02864 ? 90  GLN A CD  1 
ATOM   755  O  OE1 . GLN A 1 91  ? -0.47382  15.06012  3.46385   1.000 38.77731 ? 90  GLN A OE1 1 
ATOM   756  N  NE2 . GLN A 1 91  ? -2.57745  14.34302  3.75220   1.000 26.16652 ? 90  GLN A NE2 1 
ATOM   757  N  N   . ALA A 1 92  ? -4.40901  10.56114  0.37485   1.000 13.40420 ? 91  ALA A N   1 
ATOM   758  C  CA  . ALA A 1 92  ? -5.70563  9.93203   0.15903   1.000 15.57395 ? 91  ALA A CA  1 
ATOM   759  C  C   . ALA A 1 92  ? -6.84719  10.83418  0.60536   1.000 14.08167 ? 91  ALA A C   1 
ATOM   760  O  O   . ALA A 1 92  ? -7.87653  10.93102  -0.07311  1.000 18.13728 ? 91  ALA A O   1 
ATOM   761  C  CB  . ALA A 1 92  ? -5.74615  8.60283   0.90835   1.000 13.85619 ? 91  ALA A CB  1 
ATOM   762  N  N   . CYS A 1 93  ? -6.67747  11.52428  1.73155   1.000 15.50673 ? 92  CYS A N   1 
ATOM   763  C  CA  . CYS A 1 93  ? -7.75259  12.37365  2.22576   1.000 19.26440 ? 92  CYS A CA  1 
ATOM   764  C  C   . CYS A 1 93  ? -8.01689  13.57408  1.32714   1.000 23.81872 ? 92  CYS A C   1 
ATOM   765  O  O   . CYS A 1 93  ? -9.05509  14.22642  1.48890   1.000 29.39484 ? 92  CYS A O   1 
ATOM   766  C  CB  . CYS A 1 93  ? -7.43006  12.84030  3.64758   1.000 24.48138 ? 92  CYS A CB  1 
ATOM   767  S  SG  . CYS A 1 93  ? -6.09209  14.02703  3.75624   1.000 22.48309 ? 92  CYS A SG  1 
ATOM   768  N  N   . GLU A 1 94  ? -7.11617  13.87872  0.39317   1.000 16.64079 ? 93  GLU A N   1 
ATOM   769  C  CA  . GLU A 1 94  ? -7.28661  14.99131  -0.53633  1.000 19.53201 ? 93  GLU A CA  1 
ATOM   770  C  C   . GLU A 1 94  ? -7.84168  14.56161  -1.88546  1.000 19.34220 ? 93  GLU A C   1 
ATOM   771  O  O   . GLU A 1 94  ? -7.99297  15.40474  -2.77134  1.000 19.56255 ? 93  GLU A O   1 
ATOM   772  C  CB  . GLU A 1 94  ? -5.94894  15.71436  -0.73868  1.000 21.11471 ? 93  GLU A CB  1 
ATOM   773  C  CG  . GLU A 1 94  ? -5.28390  16.10882  0.57099   1.000 29.67758 ? 93  GLU A CG  1 
ATOM   774  C  CD  . GLU A 1 94  ? -4.76271  17.52902  0.56072   1.000 57.17841 ? 93  GLU A CD  1 
ATOM   775  O  OE1 . GLU A 1 94  ? -3.66981  17.76072  -0.00195  1.000 68.34650 ? 93  GLU A OE1 1 
ATOM   776  O  OE2 . GLU A 1 94  ? -5.44836  18.41463  1.11633   1.000 62.72352 ? 93  GLU A OE2 1 
ATOM   777  N  N   . LEU A 1 95  ? -8.13802  13.28003  -2.07407  1.000 16.72358 ? 94  LEU A N   1 
ATOM   778  C  CA  . LEU A 1 95  ? -8.71959  12.84073  -3.33258  1.000 15.57382 ? 94  LEU A CA  1 
ATOM   779  C  C   . LEU A 1 95  ? -10.18319 13.24492  -3.40206  1.000 17.42242 ? 94  LEU A C   1 
ATOM   780  O  O   . LEU A 1 95  ? -10.87891 13.34148  -2.38633  1.000 19.03438 ? 94  LEU A O   1 
ATOM   781  C  CB  . LEU A 1 95  ? -8.59649  11.32688  -3.48586  1.000 17.56874 ? 94  LEU A CB  1 
ATOM   782  C  CG  . LEU A 1 95  ? -7.18725  10.79980  -3.72215  1.000 18.99132 ? 94  LEU A CG  1 
ATOM   783  C  CD1 . LEU A 1 95  ? -7.16399  9.27629   -3.59095  1.000 17.12131 ? 94  LEU A CD1 1 
ATOM   784  C  CD2 . LEU A 1 95  ? -6.67140  11.23576  -5.08253  1.000 23.22418 ? 94  LEU A CD2 1 
ATOM   785  N  N   . ASP A 1 96  ? -10.64808 13.48509  -4.62149  1.000 22.28482 ? 95  ASP A N   1 
ATOM   786  C  CA  . ASP A 1 96  ? -12.02963 13.86008  -4.87137  1.000 19.20809 ? 95  ASP A CA  1 
ATOM   787  C  C   . ASP A 1 96  ? -12.58349 12.98577  -5.98526  1.000 17.59702 ? 95  ASP A C   1 
ATOM   788  O  O   . ASP A 1 96  ? -11.83380 12.42223  -6.78562  1.000 19.15073 ? 95  ASP A O   1 
ATOM   789  C  CB  . ASP A 1 96  ? -12.14443 15.33989  -5.25419  1.000 20.66842 ? 95  ASP A CB  1 
ATOM   790  C  CG  . ASP A 1 96  ? -11.74090 16.26429  -4.11977  1.000 30.61493 ? 95  ASP A CG  1 
ATOM   791  O  OD1 . ASP A 1 96  ? -12.33971 16.14913  -3.02383  1.000 23.28859 ? 95  ASP A OD1 1 
ATOM   792  O  OD2 . ASP A 1 96  ? -10.84583 17.11865  -4.32744  1.000 30.21586 ? 95  ASP A OD2 1 
ATOM   793  N  N   . VAL A 1 97  ? -13.91375 12.86876  -6.02529  1.000 18.75673 ? 96  VAL A N   1 
ATOM   794  C  CA  . VAL A 1 97  ? -14.54502 11.98171  -6.99798  1.000 20.75764 ? 96  VAL A CA  1 
ATOM   795  C  C   . VAL A 1 97  ? -14.18367 12.42353  -8.40756  1.000 20.39991 ? 96  VAL A C   1 
ATOM   796  O  O   . VAL A 1 97  ? -14.24659 13.61535  -8.74697  1.000 19.34103 ? 96  VAL A O   1 
ATOM   797  C  CB  . VAL A 1 97  ? -16.06528 11.93655  -6.78894  1.000 18.91295 ? 96  VAL A CB  1 
ATOM   798  C  CG1 . VAL A 1 97  ? -16.75598 11.26222  -7.97888  1.000 19.75951 ? 96  VAL A CG1 1 
ATOM   799  C  CG2 . VAL A 1 97  ? -16.40193 11.22431  -5.47735  1.000 20.48400 ? 96  VAL A CG2 1 
ATOM   800  N  N   . GLY A 1 98  ? -13.77858 11.45778  -9.23195  1.000 15.84078 ? 97  GLY A N   1 
ATOM   801  C  CA  . GLY A 1 98  ? -13.37225 11.68576  -10.59931 1.000 17.59921 ? 97  GLY A CA  1 
ATOM   802  C  C   . GLY A 1 98  ? -11.87173 11.66657  -10.83734 1.000 16.73572 ? 97  GLY A C   1 
ATOM   803  O  O   . GLY A 1 98  ? -11.44389 11.42126  -11.97043 1.000 17.83656 ? 97  GLY A O   1 
ATOM   804  N  N   . VAL A 1 99  ? -11.06229 11.95692  -9.80912  1.000 15.84138 ? 98  VAL A N   1 
ATOM   805  C  CA  . VAL A 1 99  ? -9.61232  12.01936  -9.99760  1.000 16.03482 ? 98  VAL A CA  1 
ATOM   806  C  C   . VAL A 1 99  ? -9.09317  10.72014  -10.58727 1.000 16.65737 ? 98  VAL A C   1 
ATOM   807  O  O   . VAL A 1 99  ? -9.37599  9.63668   -10.06724 1.000 17.00836 ? 98  VAL A O   1 
ATOM   808  C  CB  . VAL A 1 99  ? -8.89178  12.27756  -8.66588  1.000 17.46922 ? 98  VAL A CB  1 
ATOM   809  C  CG1 . VAL A 1 99  ? -7.41925  12.48279  -8.90849  1.000 19.70528 ? 98  VAL A CG1 1 
ATOM   810  C  CG2 . VAL A 1 99  ? -9.44855  13.45246  -7.98629  1.000 30.80128 ? 98  VAL A CG2 1 
ATOM   811  N  N   . ASP A 1 100 ? -8.27366  10.82417  -11.62979 1.000 16.66056 ? 99  ASP A N   1 
ATOM   812  C  CA  . ASP A 1 100 ? -7.66272  9.64623   -12.24405 1.000 16.00639 ? 99  ASP A CA  1 
ATOM   813  C  C   . ASP A 1 100 ? -6.40996  9.22771   -11.47124 1.000 14.60302 ? 99  ASP A C   1 
ATOM   814  O  O   . ASP A 1 100 ? -5.48474  10.03036  -11.29631 1.000 17.06846 ? 99  ASP A O   1 
ATOM   815  C  CB  . ASP A 1 100 ? -7.30718  9.93431   -13.69933 1.000 18.00232 ? 99  ASP A CB  1 
ATOM   816  C  CG  . ASP A 1 100 ? -8.53695  10.16187  -14.56599 1.000 25.66085 ? 99  ASP A CG  1 
ATOM   817  O  OD1 . ASP A 1 100 ? -9.55010  9.44776   -14.38587 1.000 25.63011 ? 99  ASP A OD1 1 
ATOM   818  O  OD2 . ASP A 1 100 ? -8.48539  11.06761  -15.42054 1.000 31.48887 ? 99  ASP A OD2 1 
ATOM   819  N  N   . ILE A 1 101 ? -6.37404  7.96782   -11.02161 1.000 15.79215 ? 100 ILE A N   1 
ATOM   820  C  CA  . ILE A 1 101 ? -5.26787  7.43989   -10.23037 1.000 15.80306 ? 100 ILE A CA  1 
ATOM   821  C  C   . ILE A 1 101 ? -4.74257  6.16193   -10.87959 1.000 15.62858 ? 100 ILE A C   1 
ATOM   822  O  O   . ILE A 1 101 ? -5.42222  5.51898   -11.68751 1.000 16.50978 ? 100 ILE A O   1 
ATOM   823  C  CB  . ILE A 1 101 ? -5.67251  7.17969   -8.75586  1.000 15.43163 ? 100 ILE A CB  1 
ATOM   824  C  CG1 . ILE A 1 101 ? -6.74234  6.08384   -8.65212  1.000 16.56292 ? 100 ILE A CG1 1 
ATOM   825  C  CG2 . ILE A 1 101 ? -6.16850  8.48220   -8.11767  1.000 14.71316 ? 100 ILE A CG2 1 
ATOM   826  C  CD1 . ILE A 1 101 ? -6.90118  5.54858   -7.23791  1.000 16.16548 ? 100 ILE A CD1 1 
ATOM   827  N  N   . GLN A 1 102 ? -3.51963  5.78979   -10.50030 1.000 14.57560 ? 101 GLN A N   1 
ATOM   828  C  CA  A GLN A 1 102 ? -2.89272  4.58706   -11.03387 0.593 15.67619 ? 101 GLN A CA  1 
ATOM   829  C  CA  B GLN A 1 102 ? -2.86595  4.58811   -11.00292 0.407 15.71575 ? 101 GLN A CA  1 
ATOM   830  C  C   . GLN A 1 102 ? -3.28690  3.37765   -10.18547 1.000 15.95260 ? 101 GLN A C   1 
ATOM   831  O  O   . GLN A 1 102 ? -3.26464  3.42719   -8.95194  1.000 17.24408 ? 101 GLN A O   1 
ATOM   832  C  CB  A GLN A 1 102 ? -1.36386  4.74693   -11.11116 0.593 18.33081 ? 101 GLN A CB  1 
ATOM   833  C  CB  B GLN A 1 102 ? -1.34956  4.74218   -10.91838 0.407 18.11855 ? 101 GLN A CB  1 
ATOM   834  C  CG  A GLN A 1 102 ? -0.90022  5.85860   -12.09950 0.593 14.55482 ? 101 GLN A CG  1 
ATOM   835  C  CG  B GLN A 1 102 ? -0.80014  5.92942   -11.65091 0.407 15.37373 ? 101 GLN A CG  1 
ATOM   836  C  CD  A GLN A 1 102 ? 0.61589   5.89600   -12.39370 0.593 14.99151 ? 101 GLN A CD  1 
ATOM   837  C  CD  B GLN A 1 102 ? -0.65422  5.64321   -13.11692 0.407 15.36285 ? 101 GLN A CD  1 
ATOM   838  O  OE1 A GLN A 1 102 ? 1.27541   4.86234   -12.50193 0.593 21.84755 ? 101 GLN A OE1 1 
ATOM   839  O  OE1 B GLN A 1 102 ? -0.84977  4.50801   -13.55672 0.407 23.29319 ? 101 GLN A OE1 1 
ATOM   840  N  NE2 A GLN A 1 102 ? 1.15763   7.10620   -12.54843 0.593 18.90223 ? 101 GLN A NE2 1 
ATOM   841  N  NE2 B GLN A 1 102 ? -0.32453  6.66808   -13.89463 0.407 19.71908 ? 101 GLN A NE2 1 
ATOM   842  N  N   . THR A 1 103 ? -3.65873  2.29077   -10.86357 1.000 16.59335 ? 102 THR A N   1 
ATOM   843  C  CA  . THR A 1 103 ? -4.02851  1.04328   -10.20448 1.000 14.63851 ? 102 THR A CA  1 
ATOM   844  C  C   . THR A 1 103 ? -3.37709  -0.11526  -10.94237 1.000 16.14978 ? 102 THR A C   1 
ATOM   845  O  O   . THR A 1 103 ? -2.81790  0.04654   -12.02786 1.000 17.77129 ? 102 THR A O   1 
ATOM   846  C  CB  . THR A 1 103 ? -5.55398  0.81033   -10.15664 1.000 16.97491 ? 102 THR A CB  1 
ATOM   847  O  OG1 . THR A 1 103 ? -6.01471  0.33763   -11.43264 1.000 17.44367 ? 102 THR A OG1 1 
ATOM   848  C  CG2 . THR A 1 103 ? -6.31620  2.07940   -9.76282  1.000 18.45263 ? 102 THR A CG2 1 
ATOM   849  N  N   . ALA A 1 104 ? -3.48814  -1.30819  -10.35601 1.000 18.13712 ? 103 ALA A N   1 
ATOM   850  C  CA  . ALA A 1 104 ? -2.99741  -2.50719  -11.02802 1.000 17.93676 ? 103 ALA A CA  1 
ATOM   851  C  C   . ALA A 1 104 ? -3.76444  -2.83139  -12.30159 1.000 22.36449 ? 103 ALA A C   1 
ATOM   852  O  O   . ALA A 1 104 ? -3.32519  -3.70107  -13.06424 1.000 25.19965 ? 103 ALA A O   1 
ATOM   853  C  CB  . ALA A 1 104 ? -3.05986  -3.69800  -10.08121 1.000 19.65030 ? 103 ALA A CB  1 
ATOM   854  N  N   . ALA A 1 105 ? -4.89378  -2.17391  -12.54351 1.000 18.48179 ? 104 ALA A N   1 
ATOM   855  C  CA  . ALA A 1 105 ? -5.64951  -2.34094  -13.77718 1.000 23.50937 ? 104 ALA A CA  1 
ATOM   856  C  C   . ALA A 1 105 ? -5.48818  -1.15445  -14.71902 1.000 24.84311 ? 104 ALA A C   1 
ATOM   857  O  O   . ALA A 1 105 ? -6.23331  -1.05032  -15.69855 1.000 31.00323 ? 104 ALA A O   1 
ATOM   858  C  CB  . ALA A 1 105 ? -7.12977  -2.56011  -13.45866 1.000 26.52254 ? 104 ALA A CB  1 
ATOM   859  N  N   . GLY A 1 106 ? -4.53270  -0.26804  -14.45764 1.000 19.67423 ? 105 GLY A N   1 
ATOM   860  C  CA  . GLY A 1 106 ? -4.38268  0.94054   -15.24346 1.000 19.61857 ? 105 GLY A CA  1 
ATOM   861  C  C   . GLY A 1 106 ? -5.02208  2.13753   -14.56383 1.000 20.43390 ? 105 GLY A C   1 
ATOM   862  O  O   . GLY A 1 106 ? -5.37825  2.11247   -13.38082 1.000 23.14631 ? 105 GLY A O   1 
ATOM   863  N  N   . ILE A 1 107 ? -5.17856  3.20985   -15.34345 1.000 20.65362 ? 106 ILE A N   1 
ATOM   864  C  CA  . ILE A 1 107 ? -5.79722  4.42496   -14.82116 1.000 18.28980 ? 106 ILE A CA  1 
ATOM   865  C  C   . ILE A 1 107 ? -7.27608  4.17889   -14.57396 1.000 22.32652 ? 106 ILE A C   1 
ATOM   866  O  O   . ILE A 1 107 ? -7.99171  3.67381   -15.45058 1.000 22.54960 ? 106 ILE A O   1 
ATOM   867  C  CB  . ILE A 1 107 ? -5.61211  5.59637   -15.79436 1.000 20.86719 ? 106 ILE A CB  1 
ATOM   868  C  CG1 . ILE A 1 107 ? -4.14250  5.81423   -16.10793 1.000 26.26110 ? 106 ILE A CG1 1 
ATOM   869  C  CG2 . ILE A 1 107 ? -6.19468  6.85534   -15.19143 1.000 22.93721 ? 106 ILE A CG2 1 
ATOM   870  C  CD1 . ILE A 1 107 ? -3.34062  6.01236   -14.87988 1.000 25.38640 ? 106 ILE A CD1 1 
ATOM   871  N  N   . GLN A 1 108 ? -7.75225  4.55125   -13.38217 1.000 17.34261 ? 107 GLN A N   1 
ATOM   872  C  CA  . GLN A 1 108 ? -9.16260  4.48525   -13.04091 1.000 16.65771 ? 107 GLN A CA  1 
ATOM   873  C  C   . GLN A 1 108 ? -9.53474  5.73472   -12.25630 1.000 16.45353 ? 107 GLN A C   1 
ATOM   874  O  O   . GLN A 1 108 ? -8.71908  6.23231   -11.46320 1.000 18.50843 ? 107 GLN A O   1 
ATOM   875  C  CB  . GLN A 1 108 ? -9.51866  3.24449   -12.20798 1.000 17.46927 ? 107 GLN A CB  1 
ATOM   876  C  CG  . GLN A 1 108 ? -9.19430  1.92144   -12.88141 1.000 18.22265 ? 107 GLN A CG  1 
ATOM   877  C  CD  . GLN A 1 108 ? -9.90615  0.75867   -12.22331 1.000 27.67719 ? 107 GLN A CD  1 
ATOM   878  O  OE1 . GLN A 1 108 ? -10.26516 0.82264   -11.05005 1.000 27.00511 ? 107 GLN A OE1 1 
ATOM   879  N  NE2 . GLN A 1 108 ? -10.12182 -0.31190  -12.98201 1.000 24.01393 ? 107 GLN A NE2 1 
ATOM   880  N  N   . PRO A 1 109 ? -10.74143 6.26220   -12.44689 1.000 17.31662 ? 108 PRO A N   1 
ATOM   881  C  CA  . PRO A 1 109 ? -11.16988 7.42139   -11.65965 1.000 16.45446 ? 108 PRO A CA  1 
ATOM   882  C  C   . PRO A 1 109 ? -11.69559 7.01161   -10.29474 1.000 19.80079 ? 108 PRO A C   1 
ATOM   883  O  O   . PRO A 1 109 ? -12.32437 5.96057   -10.12355 1.000 18.68496 ? 108 PRO A O   1 
ATOM   884  C  CB  . PRO A 1 109 ? -12.28439 8.03627   -12.51752 1.000 20.64630 ? 108 PRO A CB  1 
ATOM   885  C  CG  . PRO A 1 109 ? -12.85565 6.86904   -13.25032 1.000 18.94361 ? 108 PRO A CG  1 
ATOM   886  C  CD  . PRO A 1 109 ? -11.72790 5.89658   -13.48544 1.000 16.95469 ? 108 PRO A CD  1 
ATOM   887  N  N   . VAL A 1 110 ? -11.43749 7.87720   -9.31324  1.000 18.54235 ? 109 VAL A N   1 
ATOM   888  C  CA  . VAL A 1 110 ? -11.94467 7.65392   -7.96666  1.000 16.80130 ? 109 VAL A CA  1 
ATOM   889  C  C   . VAL A 1 110 ? -13.45796 7.80058   -7.97246  1.000 17.88332 ? 109 VAL A C   1 
ATOM   890  O  O   . VAL A 1 110 ? -14.00194 8.76308   -8.52951  1.000 20.16128 ? 109 VAL A O   1 
ATOM   891  C  CB  . VAL A 1 110 ? -11.29395 8.63270   -6.97945  1.000 16.73275 ? 109 VAL A CB  1 
ATOM   892  C  CG1 . VAL A 1 110 ? -12.00997 8.59029   -5.63170  1.000 15.82026 ? 109 VAL A CG1 1 
ATOM   893  C  CG2 . VAL A 1 110 ? -9.80585  8.29336   -6.82230  1.000 17.74719 ? 109 VAL A CG2 1 
HETATM 894  N  N   . MSE A 1 111 ? -14.14792 6.84450   -7.36144  1.000 17.24978 ? 110 MSE A N   1 
HETATM 895  C  CA  A MSE A 1 111 ? -15.60744 6.86898   -7.30815  0.400 19.77805 ? 110 MSE A CA  1 
HETATM 896  C  CA  B MSE A 1 111 ? -15.60666 6.88417   -7.31126  0.600 19.73070 ? 110 MSE A CA  1 
HETATM 897  C  C   . MSE A 1 111 ? -16.14215 7.20505   -5.92201  1.000 20.42610 ? 110 MSE A C   1 
HETATM 898  O  O   A MSE A 1 111 ? -17.30700 7.58607   -5.78349  0.400 21.12040 ? 110 MSE A O   1 
HETATM 899  O  O   B MSE A 1 111 ? -17.31546 7.56224   -5.78389  0.600 21.10089 ? 110 MSE A O   1 
HETATM 900  C  CB  A MSE A 1 111 ? -16.17621 5.51980   -7.75557  0.400 20.69985 ? 110 MSE A CB  1 
HETATM 901  C  CB  B MSE A 1 111 ? -16.18660 5.54890   -7.78828  0.600 20.67198 ? 110 MSE A CB  1 
HETATM 902  C  CG  A MSE A 1 111 ? -15.77920 5.12052   -9.16056  0.400 24.87556 ? 110 MSE A CG  1 
HETATM 903  C  CG  B MSE A 1 111 ? -15.71337 5.14075   -9.16943  0.600 24.87270 ? 110 MSE A CG  1 
HETATM 904  SE SE  A MSE A 1 111 ? -16.76908 3.56813   -9.80653  0.400 31.59741 ? 110 MSE A SE  1 
HETATM 905  SE SE  B MSE A 1 111 ? -16.32255 6.36023   -10.57079 0.600 74.98795 ? 110 MSE A SE  1 
HETATM 906  C  CE  A MSE A 1 111 ? -18.53256 4.37436   -10.01120 0.400 27.85644 ? 110 MSE A CE  1 
HETATM 907  C  CE  B MSE A 1 111 ? -18.25031 6.10173   -10.38024 0.600 46.93075 ? 110 MSE A CE  1 
ATOM   908  N  N   . LEU A 1 112 ? -15.32310 6.96408   -4.89841  1.000 17.69900 ? 111 LEU A N   1 
ATOM   909  C  CA  . LEU A 1 112 ? -15.74535 7.08565   -3.50947  1.000 18.60203 ? 111 LEU A CA  1 
ATOM   910  C  C   . LEU A 1 112 ? -14.56723 7.51654   -2.64660  1.000 19.58439 ? 111 LEU A C   1 
ATOM   911  O  O   . LEU A 1 112 ? -13.46521 6.98129   -2.79178  1.000 16.61223 ? 111 LEU A O   1 
ATOM   912  C  CB  . LEU A 1 112 ? -16.30403 5.75065   -2.99070  1.000 23.62162 ? 111 LEU A CB  1 
ATOM   913  C  CG  . LEU A 1 112 ? -16.75343 5.64613   -1.52437  1.000 28.14628 ? 111 LEU A CG  1 
ATOM   914  C  CD1 . LEU A 1 112 ? -17.94499 4.71429   -1.40687  1.000 34.58273 ? 111 LEU A CD1 1 
ATOM   915  C  CD2 . LEU A 1 112 ? -15.62911 5.17219   -0.60984  1.000 24.62529 ? 111 LEU A CD2 1 
ATOM   916  N  N   . VAL A 1 113 ? -14.80857 8.48385   -1.75536  1.000 18.99783 ? 112 VAL A N   1 
ATOM   917  C  CA  . VAL A 1 113 ? -13.86309 8.89496   -0.71813  1.000 18.85054 ? 112 VAL A CA  1 
ATOM   918  C  C   . VAL A 1 113 ? -14.65966 9.10049   0.56067   1.000 19.14524 ? 112 VAL A C   1 
ATOM   919  O  O   . VAL A 1 113 ? -15.60224 9.90214   0.58240   1.000 23.43499 ? 112 VAL A O   1 
ATOM   920  C  CB  . VAL A 1 113 ? -13.11065 10.18948  -1.07385  1.000 20.74380 ? 112 VAL A CB  1 
ATOM   921  C  CG1 . VAL A 1 113 ? -12.10442 10.54058  0.01880   1.000 21.44847 ? 112 VAL A CG1 1 
ATOM   922  C  CG2 . VAL A 1 113 ? -12.41286 10.05811  -2.39973  1.000 23.40614 ? 112 VAL A CG2 1 
ATOM   923  N  N   . GLU A 1 114 ? -14.28294 8.40061   1.62814   1.000 17.98719 ? 113 GLU A N   1 
ATOM   924  C  CA  . GLU A 1 114 ? -15.06594 8.42996   2.86007   1.000 17.26605 ? 113 GLU A CA  1 
ATOM   925  C  C   . GLU A 1 114 ? -14.14548 8.33465   4.06759   1.000 18.85011 ? 113 GLU A C   1 
ATOM   926  O  O   . GLU A 1 114 ? -13.42876 7.34131   4.21817   1.000 20.95448 ? 113 GLU A O   1 
ATOM   927  C  CB  . GLU A 1 114 ? -16.07636 7.28451   2.88362   1.000 18.03983 ? 113 GLU A CB  1 
ATOM   928  C  CG  . GLU A 1 114 ? -16.84281 7.18135   4.19512   1.000 19.74210 ? 113 GLU A CG  1 
ATOM   929  C  CD  . GLU A 1 114 ? -17.67344 5.92173   4.29769   1.000 27.56685 ? 113 GLU A CD  1 
ATOM   930  O  OE1 . GLU A 1 114 ? -17.58664 5.06281   3.39171   1.000 27.86953 ? 113 GLU A OE1 1 
ATOM   931  O  OE2 . GLU A 1 114 ? -18.41628 5.79434   5.29946   1.000 21.38208 ? 113 GLU A OE2 1 
ATOM   932  N  N   . ASP A 1 115 ? -14.19159 9.32867   4.95149   1.000 16.72534 ? 114 ASP A N   1 
ATOM   933  C  CA  . ASP A 1 115 ? -13.44536 9.22747   6.20211   1.000 15.21997 ? 114 ASP A CA  1 
ATOM   934  C  C   . ASP A 1 115 ? -14.00116 8.09629   7.06439   1.000 18.53575 ? 114 ASP A C   1 
ATOM   935  O  O   . ASP A 1 115 ? -15.20836 7.84572   7.08221   1.000 21.60037 ? 114 ASP A O   1 
ATOM   936  C  CB  . ASP A 1 115 ? -13.50231 10.54690  6.98042   1.000 19.11072 ? 114 ASP A CB  1 
ATOM   937  C  CG  . ASP A 1 115 ? -12.84613 11.69964  6.23448   1.000 28.30399 ? 114 ASP A CG  1 
ATOM   938  O  OD1 . ASP A 1 115 ? -11.98526 11.44674  5.36177   1.000 35.70346 ? 114 ASP A OD1 1 
ATOM   939  O  OD2 . ASP A 1 115 ? -13.18558 12.86292  6.52898   1.000 39.34312 ? 114 ASP A OD2 1 
ATOM   940  N  N   . THR A 1 116 ? -13.12062 7.41126   7.79052   1.000 17.32682 ? 115 THR A N   1 
ATOM   941  C  CA  . THR A 1 116 ? -13.55276 6.30401   8.63938   1.000 17.34033 ? 115 THR A CA  1 
ATOM   942  C  C   . THR A 1 116 ? -12.80763 6.39595   9.97352   1.000 17.89711 ? 115 THR A C   1 
ATOM   943  O  O   . THR A 1 116 ? -12.17483 7.41107   10.28295  1.000 20.01449 ? 115 THR A O   1 
ATOM   944  C  CB  . THR A 1 116 ? -13.38135 4.96509   7.89849   1.000 19.74290 ? 115 THR A CB  1 
ATOM   945  O  OG1 . THR A 1 116 ? -13.94766 3.89798   8.67892   1.000 21.59849 ? 115 THR A OG1 1 
ATOM   946  C  CG2 . THR A 1 116 ? -11.93423 4.67992   7.59413   1.000 22.33961 ? 115 THR A CG2 1 
ATOM   947  N  N   . SER A 1 117 ? -12.90053 5.33875   10.77922  1.000 17.61703 ? 116 SER A N   1 
ATOM   948  C  CA  A SER A 1 117 ? -12.40012 5.38455   12.14566  0.542 16.85808 ? 116 SER A CA  1 
ATOM   949  C  CA  B SER A 1 117 ? -12.39950 5.36737   12.14762  0.458 16.88191 ? 116 SER A CA  1 
ATOM   950  C  C   . SER A 1 117 ? -10.88420 5.22198   12.20234  1.000 18.36312 ? 116 SER A C   1 
ATOM   951  O  O   . SER A 1 117 ? -10.27430 4.54492   11.36722  1.000 16.51263 ? 116 SER A O   1 
ATOM   952  C  CB  A SER A 1 117 ? -13.05702 4.29608   12.99453  0.542 20.35848 ? 116 SER A CB  1 
ATOM   953  C  CB  B SER A 1 117 ? -13.03123 4.24802   12.97231  0.458 20.31041 ? 116 SER A CB  1 
ATOM   954  O  OG  A SER A 1 117 ? -13.08781 3.06107   12.30687  0.542 20.89473 ? 116 SER A OG  1 
ATOM   955  O  OG  B SER A 1 117 ? -14.43170 4.23116   12.80401  0.458 19.16335 ? 116 SER A OG  1 
ATOM   956  N  N   . ASP A 1 118 ? -10.28507 5.84898   13.22331  1.000 15.89298 ? 117 ASP A N   1 
ATOM   957  C  CA  . ASP A 1 118 ? -8.84948  5.72382   13.48027  1.000 17.21007 ? 117 ASP A CA  1 
ATOM   958  C  C   . ASP A 1 118 ? -8.44172  4.25695   13.64096  1.000 15.76738 ? 117 ASP A C   1 
ATOM   959  O  O   . ASP A 1 118 ? -9.16348  3.46200   14.25834  1.000 18.05691 ? 117 ASP A O   1 
ATOM   960  C  CB  . ASP A 1 118 ? -8.47288  6.47782   14.76637  1.000 15.14895 ? 117 ASP A CB  1 
ATOM   961  C  CG  . ASP A 1 118 ? -8.65559  7.99836   14.67988  1.000 21.64661 ? 117 ASP A CG  1 
ATOM   962  O  OD1 . ASP A 1 118 ? -9.09466  8.53147   13.63736  1.000 20.52597 ? 117 ASP A OD1 1 
ATOM   963  O  OD2 . ASP A 1 118 ? -8.35141  8.67461   15.69606  1.000 27.65641 ? 117 ASP A OD2 1 
ATOM   964  N  N   . ALA A 1 119 ? -7.26260  3.89494   13.12022  1.000 14.38842 ? 118 ALA A N   1 
ATOM   965  C  CA  . ALA A 1 119 ? -6.78181  2.51575   13.22178  1.000 14.37768 ? 118 ALA A CA  1 
ATOM   966  C  C   . ALA A 1 119 ? -5.26393  2.45261   13.36816  1.000 16.37433 ? 118 ALA A C   1 
ATOM   967  O  O   . ALA A 1 119 ? -4.54726  3.36600   12.95531  1.000 15.61198 ? 118 ALA A O   1 
ATOM   968  C  CB  . ALA A 1 119 ? -7.18849  1.70735   11.98559  1.000 15.63060 ? 118 ALA A CB  1 
ATOM   969  N  N   . GLU A 1 120 ? -4.78081  1.33714   13.93162  1.000 16.07461 ? 119 GLU A N   1 
ATOM   970  C  CA  . GLU A 1 120 ? -3.35032  1.02413   13.90523  1.000 17.78699 ? 119 GLU A CA  1 
ATOM   971  C  C   . GLU A 1 120 ? -2.87398  0.82797   12.47176  1.000 14.25080 ? 119 GLU A C   1 
ATOM   972  O  O   . GLU A 1 120 ? -3.53737  0.16921   11.66545  1.000 17.92309 ? 119 GLU A O   1 
ATOM   973  C  CB  . GLU A 1 120 ? -3.04908  -0.25064  14.69258  1.000 20.44815 ? 119 GLU A CB  1 
ATOM   974  C  CG  . GLU A 1 120 ? -3.43439  -0.22253  16.15313  1.000 23.98781 ? 119 GLU A CG  1 
ATOM   975  C  CD  . GLU A 1 120 ? -3.02941  -1.49898  16.86080  1.000 37.88271 ? 119 GLU A CD  1 
ATOM   976  O  OE1 . GLU A 1 120 ? -3.90780  -2.36033  17.06883  1.000 45.42376 ? 119 GLU A OE1 1 
ATOM   977  O  OE2 . GLU A 1 120 ? -1.83220  -1.64245  17.19641  1.000 43.03755 ? 119 GLU A OE2 1 
ATOM   978  N  N   . CYS A 1 121 ? -1.69855  1.36777   12.15470  1.000 15.81200 ? 120 CYS A N   1 
ATOM   979  C  CA  A CYS A 1 121 ? -1.24704  1.23245   10.78149  0.524 16.85399 ? 120 CYS A CA  1 
ATOM   980  C  CA  B CYS A 1 121 ? -1.21185  1.44267   10.78143  0.476 17.09692 ? 120 CYS A CA  1 
ATOM   981  C  C   . CYS A 1 121 ? 0.26218   1.07665   10.71743  1.000 16.28664 ? 120 CYS A C   1 
ATOM   982  O  O   . CYS A 1 121 ? 0.98609   1.20578   11.70937  1.000 15.27532 ? 120 CYS A O   1 
ATOM   983  C  CB  A CYS A 1 121 ? -1.69766  2.40920   9.92666   0.524 19.17459 ? 120 CYS A CB  1 
ATOM   984  C  CB  B CYS A 1 121 ? -1.38989  2.84634   10.20595  0.476 18.34485 ? 120 CYS A CB  1 
ATOM   985  S  SG  A CYS A 1 121 ? -1.29970  3.95627   10.67216  0.524 18.45844 ? 120 CYS A SG  1 
ATOM   986  S  SG  B CYS A 1 121 ? -3.02971  3.14770   9.61372   0.476 18.68620 ? 120 CYS A SG  1 
ATOM   987  N  N   . TYR A 1 122 ? 0.71059   0.73211   9.50722   1.000 16.32095 ? 121 TYR A N   1 
ATOM   988  C  CA  . TYR A 1 122 ? 2.05577   0.25436   9.24183   1.000 14.71001 ? 121 TYR A CA  1 
ATOM   989  C  C   . TYR A 1 122 ? 2.51141   0.79290   7.90233   1.000 17.94151 ? 121 TYR A C   1 
ATOM   990  O  O   . TYR A 1 122 ? 1.70007   1.05691   7.01328   1.000 16.80352 ? 121 TYR A O   1 
ATOM   991  C  CB  . TYR A 1 122 ? 2.08794   -1.28278  9.23948   1.000 13.99944 ? 121 TYR A CB  1 
ATOM   992  C  CG  . TYR A 1 122 ? 1.35233   -1.84030  10.43734  1.000 16.64632 ? 121 TYR A CG  1 
ATOM   993  C  CD1 . TYR A 1 122 ? 2.00936   -2.01402  11.65273  1.000 18.63274 ? 121 TYR A CD1 1 
ATOM   994  C  CD2 . TYR A 1 122 ? -0.00260  -2.14284  10.36436  1.000 17.34291 ? 121 TYR A CD2 1 
ATOM   995  C  CE1 . TYR A 1 122 ? 1.33993   -2.49007  12.75906  1.000 17.27534 ? 121 TYR A CE1 1 
ATOM   996  C  CE2 . TYR A 1 122 ? -0.68500  -2.62051  11.47336  1.000 23.16698 ? 121 TYR A CE2 1 
ATOM   997  C  CZ  . TYR A 1 122 ? 0.00075   -2.79500  12.65972  1.000 25.89028 ? 121 TYR A CZ  1 
ATOM   998  O  OH  . TYR A 1 122 ? -0.65828  -3.27267  13.76469  1.000 29.42056 ? 121 TYR A OH  1 
ATOM   999  N  N   . ASP A 1 123 ? 3.81824   0.93925   7.76573   1.000 15.84231 ? 122 ASP A N   1 
ATOM   1000 C  CA  . ASP A 1 123 ? 4.44104   1.41455   6.53947   1.000 15.25957 ? 122 ASP A CA  1 
ATOM   1001 C  C   . ASP A 1 123 ? 5.73083   0.62327   6.34951   1.000 15.45705 ? 122 ASP A C   1 
ATOM   1002 O  O   . ASP A 1 123 ? 6.12912   -0.15984  7.21396   1.000 16.62470 ? 122 ASP A O   1 
ATOM   1003 C  CB  . ASP A 1 123 ? 4.68559   2.92951   6.62964   1.000 15.76181 ? 122 ASP A CB  1 
ATOM   1004 C  CG  . ASP A 1 123 ? 4.80281   3.61701   5.27094   1.000 20.10273 ? 122 ASP A CG  1 
ATOM   1005 O  OD1 . ASP A 1 123 ? 4.83542   2.95977   4.19898   1.000 17.59889 ? 122 ASP A OD1 1 
ATOM   1006 O  OD2 . ASP A 1 123 ? 4.88270   4.86333   5.29589   1.000 22.18494 ? 122 ASP A OD2 1 
ATOM   1007 N  N   . PHE A 1 124 ? 6.37938   0.80984   5.20026   1.000 13.97784 ? 123 PHE A N   1 
ATOM   1008 C  CA  . PHE A 1 124 ? 7.64378   0.13059   4.94782   1.000 13.57154 ? 123 PHE A CA  1 
ATOM   1009 C  C   . PHE A 1 124 ? 8.35429   0.84499   3.81342   1.000 14.91554 ? 123 PHE A C   1 
ATOM   1010 O  O   . PHE A 1 124 ? 7.75167   1.63063   3.07565   1.000 17.65256 ? 123 PHE A O   1 
ATOM   1011 C  CB  . PHE A 1 124 ? 7.44800   -1.35487  4.60960   1.000 15.20113 ? 123 PHE A CB  1 
ATOM   1012 C  CG  . PHE A 1 124 ? 6.32570   -1.60231  3.64092   1.000 15.68394 ? 123 PHE A CG  1 
ATOM   1013 C  CD1 . PHE A 1 124 ? 6.50495   -1.40543  2.28082   1.000 19.13351 ? 123 PHE A CD1 1 
ATOM   1014 C  CD2 . PHE A 1 124 ? 5.09692   -2.01180  4.09871   1.000 14.92048 ? 123 PHE A CD2 1 
ATOM   1015 C  CE1 . PHE A 1 124 ? 5.46053   -1.61569  1.39253   1.000 18.04121 ? 123 PHE A CE1 1 
ATOM   1016 C  CE2 . PHE A 1 124 ? 4.05685   -2.22510  3.22129   1.000 19.45258 ? 123 PHE A CE2 1 
ATOM   1017 C  CZ  . PHE A 1 124 ? 4.24592   -2.02642  1.86322   1.000 18.33683 ? 123 PHE A CZ  1 
ATOM   1018 N  N   . GLU A 1 125 ? 9.65022   0.57127   3.70680   1.000 12.62433 ? 124 GLU A N   1 
ATOM   1019 C  CA  . GLU A 1 125 ? 10.48603  1.09043   2.63517   1.000 13.53206 ? 124 GLU A CA  1 
ATOM   1020 C  C   . GLU A 1 125 ? 10.50937  0.09561   1.48321   1.000 13.30306 ? 124 GLU A C   1 
ATOM   1021 O  O   . GLU A 1 125 ? 10.58255  -1.11485  1.70232   1.000 16.17755 ? 124 GLU A O   1 
ATOM   1022 C  CB  . GLU A 1 125 ? 11.90451  1.33298   3.15316   1.000 18.27329 ? 124 GLU A CB  1 
ATOM   1023 C  CG  . GLU A 1 125 ? 12.94149  1.61084   2.08083   1.000 20.16378 ? 124 GLU A CG  1 
ATOM   1024 C  CD  . GLU A 1 125 ? 14.36969  1.36340   2.55736   1.000 41.82141 ? 124 GLU A CD  1 
ATOM   1025 O  OE1 . GLU A 1 125 ? 14.55621  0.82041   3.67165   1.000 27.38688 ? 124 GLU A OE1 1 
ATOM   1026 O  OE2 . GLU A 1 125 ? 15.30777  1.72437   1.81694   1.000 41.76198 ? 124 GLU A OE2 1 
ATOM   1027 N  N   . VAL A 1 126 ? 10.40614  0.60486   0.25823   1.000 13.55981 ? 125 VAL A N   1 
ATOM   1028 C  CA  . VAL A 1 126 ? 10.59360  -0.19271  -0.94918  1.000 13.75068 ? 125 VAL A CA  1 
ATOM   1029 C  C   . VAL A 1 126 ? 11.89736  0.24883   -1.59706  1.000 16.49714 ? 125 VAL A C   1 
ATOM   1030 O  O   . VAL A 1 126 ? 12.10352  1.44524   -1.82955  1.000 14.49869 ? 125 VAL A O   1 
ATOM   1031 C  CB  . VAL A 1 126 ? 9.40668   -0.04431  -1.91339  1.000 14.37631 ? 125 VAL A CB  1 
ATOM   1032 C  CG1 . VAL A 1 126 ? 9.75697   -0.61214  -3.28164  1.000 16.65365 ? 125 VAL A CG1 1 
ATOM   1033 C  CG2 . VAL A 1 126 ? 8.19404   -0.76511  -1.35690  1.000 18.27889 ? 125 VAL A CG2 1 
HETATM 1034 N  N   . MSE A 1 127 ? 12.78364  -0.70675  -1.86793  1.000 12.24659 ? 126 MSE A N   1 
HETATM 1035 C  CA  . MSE A 1 127 ? 14.14437  -0.37830  -2.30954  1.000 14.43618 ? 126 MSE A CA  1 
HETATM 1036 C  C   . MSE A 1 127 ? 14.22780  -0.13655  -3.82861  1.000 16.47297 ? 126 MSE A C   1 
HETATM 1037 O  O   . MSE A 1 127 ? 14.98096  -0.79770  -4.55129  1.000 18.43102 ? 126 MSE A O   1 
HETATM 1038 C  CB  . MSE A 1 127 ? 15.10000  -1.49072  -1.90101  1.000 14.61600 ? 126 MSE A CB  1 
HETATM 1039 C  CG  . MSE A 1 127 ? 15.15856  -1.69973  -0.40104  1.000 16.42478 ? 126 MSE A CG  1 
HETATM 1040 SE SE  . MSE A 1 127 ? 16.26452  -3.23556  0.08483   0.490 21.09611 ? 126 MSE A SE  1 
HETATM 1041 C  CE  . MSE A 1 127 ? 18.02541  -2.51540  -0.35886  1.000 27.04211 ? 126 MSE A CE  1 
ATOM   1042 N  N   . HIS A 1 128 ? 13.53340  0.89969   -4.30439  1.000 15.40160 ? 127 HIS A N   1 
ATOM   1043 C  CA  . HIS A 1 128 ? 13.48542  1.27866   -5.70941  1.000 15.44751 ? 127 HIS A CA  1 
ATOM   1044 C  C   . HIS A 1 128 ? 13.31380  2.79366   -5.72379  1.000 16.88032 ? 127 HIS A C   1 
ATOM   1045 O  O   . HIS A 1 128 ? 12.59172  3.32405   -4.87184  1.000 14.96466 ? 127 HIS A O   1 
ATOM   1046 C  CB  . HIS A 1 128 ? 12.32718  0.59526   -6.45059  1.000 13.37487 ? 127 HIS A CB  1 
ATOM   1047 C  CG  . HIS A 1 128 ? 12.33091  0.84260   -7.92377  1.000 13.95134 ? 127 HIS A CG  1 
ATOM   1048 N  ND1 . HIS A 1 128 ? 11.88731  2.02717   -8.47774  1.000 14.92552 ? 127 HIS A ND1 1 
ATOM   1049 C  CD2 . HIS A 1 128 ? 12.75829  0.07885   -8.95710  1.000 15.83801 ? 127 HIS A CD2 1 
ATOM   1050 C  CE1 . HIS A 1 128 ? 12.02417  1.96976   -9.79215  1.000 17.82533 ? 127 HIS A CE1 1 
ATOM   1051 N  NE2 . HIS A 1 128 ? 12.54584  0.79768   -10.10850 1.000 15.05899 ? 127 HIS A NE2 1 
ATOM   1052 N  N   . PRO A 1 129 ? 13.93610  3.51966   -6.65941  1.000 13.92954 ? 128 PRO A N   1 
ATOM   1053 C  CA  . PRO A 1 129 ? 13.81810  4.99170   -6.62413  1.000 15.19633 ? 128 PRO A CA  1 
ATOM   1054 C  C   . PRO A 1 129 ? 12.39427  5.51596   -6.79395  1.000 15.19514 ? 128 PRO A C   1 
ATOM   1055 O  O   . PRO A 1 129 ? 12.11739  6.64582   -6.36557  1.000 18.41933 ? 128 PRO A O   1 
ATOM   1056 C  CB  . PRO A 1 129 ? 14.74014  5.45079   -7.76976  1.000 17.13371 ? 128 PRO A CB  1 
ATOM   1057 C  CG  . PRO A 1 129 ? 15.68773  4.31216   -7.96699  1.000 18.69150 ? 128 PRO A CG  1 
ATOM   1058 C  CD  . PRO A 1 129 ? 14.88593  3.06227   -7.68586  1.000 16.78013 ? 128 PRO A CD  1 
ATOM   1059 N  N   . ASN A 1 130 ? 11.47077  4.73673   -7.37518  1.000 13.72068 ? 129 ASN A N   1 
ATOM   1060 C  CA  . ASN A 1 130 ? 10.08395  5.18593   -7.42898  1.000 14.10060 ? 129 ASN A CA  1 
ATOM   1061 C  C   . ASN A 1 130 ? 9.35968   5.01993   -6.09653  1.000 13.18370 ? 129 ASN A C   1 
ATOM   1062 O  O   . ASN A 1 130 ? 8.31698   5.65561   -5.89985  1.000 15.42757 ? 129 ASN A O   1 
ATOM   1063 C  CB  . ASN A 1 130 ? 9.32852   4.43589   -8.51663  1.000 14.93099 ? 129 ASN A CB  1 
ATOM   1064 C  CG  . ASN A 1 130 ? 9.60348   4.99126   -9.89694  1.000 18.60833 ? 129 ASN A CG  1 
ATOM   1065 O  OD1 . ASN A 1 130 ? 9.87963   6.18792   -10.05565 1.000 20.99236 ? 129 ASN A OD1 1 
ATOM   1066 N  ND2 . ASN A 1 130 ? 9.52227   4.13620   -10.90352 1.000 15.72334 ? 129 ASN A ND2 1 
ATOM   1067 N  N   . HIS A 1 131 ? 9.87049   4.15130   -5.21402  1.000 12.68829 ? 130 HIS A N   1 
ATOM   1068 C  CA  . HIS A 1 131 ? 9.35839   3.97013   -3.85389  1.000 12.69563 ? 130 HIS A CA  1 
ATOM   1069 C  C   . HIS A 1 131 ? 7.84220   3.78457   -3.83141  1.000 14.07646 ? 130 HIS A C   1 
ATOM   1070 O  O   . HIS A 1 131 ? 7.12784   4.45534   -3.08730  1.000 16.44861 ? 130 HIS A O   1 
ATOM   1071 C  CB  . HIS A 1 131 ? 9.76230   5.14125   -2.96299  1.000 15.25106 ? 130 HIS A CB  1 
ATOM   1072 C  CG  . HIS A 1 131 ? 11.23934  5.29606   -2.80645  1.000 17.42621 ? 130 HIS A CG  1 
ATOM   1073 N  ND1 . HIS A 1 131 ? 12.02663  4.33395   -2.21025  1.000 18.25397 ? 130 HIS A ND1 1 
ATOM   1074 C  CD2 . HIS A 1 131 ? 12.07669  6.29208   -3.18177  1.000 20.23918 ? 130 HIS A CD2 1 
ATOM   1075 C  CE1 . HIS A 1 131 ? 13.28513  4.73787   -2.21255  1.000 20.01309 ? 130 HIS A CE1 1 
ATOM   1076 N  NE2 . HIS A 1 131 ? 13.34269  5.92030   -2.80081  1.000 19.84336 ? 130 HIS A NE2 1 
ATOM   1077 N  N   . ARG A 1 132 ? 7.34391   2.87546   -4.67202  1.000 11.97513 ? 131 ARG A N   1 
ATOM   1078 C  CA  . ARG A 1 132 ? 5.90731   2.68437   -4.78902  1.000 13.65602 ? 131 ARG A CA  1 
ATOM   1079 C  C   . ARG A 1 132 ? 5.57764   1.20080   -4.82987  1.000 12.94213 ? 131 ARG A C   1 
ATOM   1080 O  O   . ARG A 1 132 ? 6.43265   0.35799   -5.10949  1.000 13.03942 ? 131 ARG A O   1 
ATOM   1081 C  CB  . ARG A 1 132 ? 5.34666   3.37807   -6.02236  1.000 14.32565 ? 131 ARG A CB  1 
ATOM   1082 C  CG  . ARG A 1 132 ? 5.91821   2.86686   -7.31356  1.000 14.76049 ? 131 ARG A CG  1 
ATOM   1083 C  CD  . ARG A 1 132 ? 5.48184   3.74145   -8.47744  1.000 15.73892 ? 131 ARG A CD  1 
ATOM   1084 N  NE  . ARG A 1 132 ? 6.05700   3.23002   -9.71005  1.000 13.76246 ? 131 ARG A NE  1 
ATOM   1085 C  CZ  . ARG A 1 132 ? 5.63009   3.53048   -10.92976 1.000 19.39892 ? 131 ARG A CZ  1 
ATOM   1086 N  NH1 . ARG A 1 132 ? 4.59357   4.34143   -11.09862 1.000 18.75064 ? 131 ARG A NH1 1 
ATOM   1087 N  NH2 . ARG A 1 132 ? 6.24991   3.00985   -11.98234 1.000 19.88351 ? 131 ARG A NH2 1 
ATOM   1088 N  N   . TYR A 1 133 ? 4.31243   0.88851   -4.55394  1.000 11.89401 ? 132 TYR A N   1 
ATOM   1089 C  CA  . TYR A 1 133 ? 3.85747   -0.49635  -4.49435  1.000 11.55908 ? 132 TYR A CA  1 
ATOM   1090 C  C   . TYR A 1 133 ? 2.35016   -0.52321  -4.71526  1.000 12.12629 ? 132 TYR A C   1 
ATOM   1091 O  O   . TYR A 1 133 ? 1.68480   0.50935   -4.68932  1.000 12.77231 ? 132 TYR A O   1 
ATOM   1092 C  CB  . TYR A 1 133 ? 4.20767   -1.14779  -3.14550  1.000 12.17197 ? 132 TYR A CB  1 
ATOM   1093 C  CG  . TYR A 1 133 ? 3.46067   -0.55195  -1.96886  1.000 13.49567 ? 132 TYR A CG  1 
ATOM   1094 C  CD1 . TYR A 1 133 ? 3.87799   0.64912   -1.38111  1.000 12.89835 ? 132 TYR A CD1 1 
ATOM   1095 C  CD2 . TYR A 1 133 ? 2.31956   -1.17457  -1.45605  1.000 13.55188 ? 132 TYR A CD2 1 
ATOM   1096 C  CE1 . TYR A 1 133 ? 3.17030   1.20289   -0.31906  1.000 13.37936 ? 132 TYR A CE1 1 
ATOM   1097 C  CE2 . TYR A 1 133 ? 1.62629   -0.63071  -0.39564  1.000 12.73210 ? 132 TYR A CE2 1 
ATOM   1098 C  CZ  . TYR A 1 133 ? 2.05463   0.55873   0.16519   1.000 14.99222 ? 132 TYR A CZ  1 
ATOM   1099 O  OH  . TYR A 1 133 ? 1.33674   1.09720   1.22068   1.000 17.60435 ? 132 TYR A OH  1 
ATOM   1100 N  N   . TYR A 1 134 ? 1.81020   -1.72019  -4.91854  1.000 13.45911 ? 133 TYR A N   1 
ATOM   1101 C  CA  . TYR A 1 134 ? 0.35845   -1.88640  -4.98854  1.000 14.88754 ? 133 TYR A CA  1 
ATOM   1102 C  C   . TYR A 1 134 ? -0.19746  -2.17045  -3.59949  1.000 14.54915 ? 133 TYR A C   1 
ATOM   1103 O  O   . TYR A 1 134 ? 0.14077   -3.19016  -2.98321  1.000 14.31140 ? 133 TYR A O   1 
ATOM   1104 C  CB  . TYR A 1 134 ? -0.04386  -3.02112  -5.92402  1.000 13.00738 ? 133 TYR A CB  1 
ATOM   1105 C  CG  . TYR A 1 134 ? 0.24634   -2.79199  -7.38068  1.000 13.56002 ? 133 TYR A CG  1 
ATOM   1106 C  CD1 . TYR A 1 134 ? -0.28076  -1.70487  -8.05588  1.000 16.86260 ? 133 TYR A CD1 1 
ATOM   1107 C  CD2 . TYR A 1 134 ? 1.03986   -3.68315  -8.08544  1.000 14.32772 ? 133 TYR A CD2 1 
ATOM   1108 C  CE1 . TYR A 1 134 ? -0.01882  -1.51664  -9.39961  1.000 16.83949 ? 133 TYR A CE1 1 
ATOM   1109 C  CE2 . TYR A 1 134 ? 1.31106   -3.50465  -9.41890  1.000 17.46951 ? 133 TYR A CE2 1 
ATOM   1110 C  CZ  . TYR A 1 134 ? 0.78025   -2.42476  -10.07651 1.000 17.05606 ? 133 TYR A CZ  1 
ATOM   1111 O  OH  . TYR A 1 134 ? 1.05836   -2.26069  -11.41677 1.000 22.24515 ? 133 TYR A OH  1 
ATOM   1112 N  N   . GLY A 1 135 ? -1.07069  -1.29303  -3.11702  1.000 15.43423 ? 134 GLY A N   1 
ATOM   1113 C  CA  . GLY A 1 135 ? -1.76537  -1.54345  -1.86609  1.000 14.68382 ? 134 GLY A CA  1 
ATOM   1114 C  C   . GLY A 1 135 ? -3.25656  -1.62502  -2.13871  1.000 15.23326 ? 134 GLY A C   1 
ATOM   1115 O  O   . GLY A 1 135 ? -3.86309  -0.64846  -2.58233  1.000 15.79033 ? 134 GLY A O   1 
ATOM   1116 N  N   . ASP A 1 136 ? -3.85581  -2.79448  -1.92136  1.000 14.54008 ? 135 ASP A N   1 
ATOM   1117 C  CA  . ASP A 1 136 ? -5.24371  -3.04564  -2.32864  1.000 18.45721 ? 135 ASP A CA  1 
ATOM   1118 C  C   . ASP A 1 136 ? -5.45722  -2.74211  -3.81102  1.000 15.89464 ? 135 ASP A C   1 
ATOM   1119 O  O   . ASP A 1 136 ? -6.53902  -2.30385  -4.21309  1.000 17.99125 ? 135 ASP A O   1 
ATOM   1120 C  CB  . ASP A 1 136 ? -6.23777  -2.23825  -1.47473  1.000 16.56736 ? 135 ASP A CB  1 
ATOM   1121 C  CG  . ASP A 1 136 ? -6.25256  -2.67719  -0.01153  1.000 22.43672 ? 135 ASP A CG  1 
ATOM   1122 O  OD1 . ASP A 1 136 ? -6.42255  -3.89010  0.24078   1.000 18.95098 ? 135 ASP A OD1 1 
ATOM   1123 O  OD2 . ASP A 1 136 ? -6.10070  -1.81404  0.88587   1.000 21.80914 ? 135 ASP A OD2 1 
ATOM   1124 N  N   . GLY A 1 137 ? -4.42251  -2.95628  -4.63417  1.000 14.52310 ? 136 GLY A N   1 
ATOM   1125 C  CA  . GLY A 1 137 ? -4.49466  -2.71778  -6.06332  1.000 13.82706 ? 136 GLY A CA  1 
ATOM   1126 C  C   . GLY A 1 137 ? -4.27737  -1.28204  -6.49821  1.000 13.23173 ? 136 GLY A C   1 
ATOM   1127 O  O   . GLY A 1 137 ? -4.30570  -1.01079  -7.70325  1.000 16.60643 ? 136 GLY A O   1 
ATOM   1128 N  N   . ILE A 1 138 ? -4.05549  -0.36085  -5.56996  1.000 12.79472 ? 137 ILE A N   1 
ATOM   1129 C  CA  . ILE A 1 138 ? -3.89273  1.05613   -5.87983  1.000 14.77348 ? 137 ILE A CA  1 
ATOM   1130 C  C   . ILE A 1 138 ? -2.43034  1.42611   -5.66865  1.000 14.82717 ? 137 ILE A C   1 
ATOM   1131 O  O   . ILE A 1 138 ? -1.80862  0.99442   -4.69258  1.000 16.29152 ? 137 ILE A O   1 
ATOM   1132 C  CB  . ILE A 1 138 ? -4.84032  1.89927   -5.00529  1.000 15.61440 ? 137 ILE A CB  1 
ATOM   1133 C  CG1 . ILE A 1 138 ? -6.30162  1.59892   -5.38956  1.000 18.60268 ? 137 ILE A CG1 1 
ATOM   1134 C  CG2 . ILE A 1 138 ? -4.55838  3.37552   -5.15686  1.000 15.49713 ? 137 ILE A CG2 1 
ATOM   1135 C  CD1 . ILE A 1 138 ? -7.30155  2.06151   -4.35840  1.000 23.43985 ? 137 ILE A CD1 1 
ATOM   1136 N  N   . VAL A 1 139 ? -1.87120  2.20644   -6.59210  1.000 12.73741 ? 138 VAL A N   1 
ATOM   1137 C  CA  . VAL A 1 139 ? -0.44874  2.53024   -6.51212  1.000 12.78836 ? 138 VAL A CA  1 
ATOM   1138 C  C   . VAL A 1 139 ? -0.22197  3.51414   -5.37251  1.000 13.56705 ? 138 VAL A C   1 
ATOM   1139 O  O   . VAL A 1 139 ? -0.77958  4.61806   -5.35976  1.000 13.60848 ? 138 VAL A O   1 
ATOM   1140 C  CB  . VAL A 1 139 ? 0.07446   3.09260   -7.83517  1.000 12.46751 ? 138 VAL A CB  1 
ATOM   1141 C  CG1 . VAL A 1 139 ? 1.52886   3.47001   -7.68164  1.000 13.87432 ? 138 VAL A CG1 1 
ATOM   1142 C  CG2 . VAL A 1 139 ? -0.10508  2.06486   -8.94266  1.000 13.49166 ? 138 VAL A CG2 1 
ATOM   1143 N  N   . SER A 1 140 ? 0.63066   3.12226   -4.43166  1.000 12.71983 ? 139 SER A N   1 
ATOM   1144 C  CA  . SER A 1 140 ? 0.85677   3.81876   -3.17863  1.000 12.49387 ? 139 SER A CA  1 
ATOM   1145 C  C   . SER A 1 140 ? 2.33558   4.11107   -3.01065  1.000 10.69035 ? 139 SER A C   1 
ATOM   1146 O  O   . SER A 1 140 ? 3.18280   3.36667   -3.50941  1.000 14.01133 ? 139 SER A O   1 
ATOM   1147 C  CB  . SER A 1 140 ? 0.39998   2.95783   -2.00343  1.000 15.98723 ? 139 SER A CB  1 
ATOM   1148 O  OG  . SER A 1 140 ? -0.93990  2.54920   -2.20793  1.000 18.39615 ? 139 SER A OG  1 
ATOM   1149 N  N   . HIS A 1 141 ? 2.64562   5.16053   -2.25398  1.000 13.41502 ? 140 HIS A N   1 
ATOM   1150 C  CA  . HIS A 1 141 ? 4.03080   5.49971   -1.96530  1.000 14.52967 ? 140 HIS A CA  1 
ATOM   1151 C  C   . HIS A 1 141 ? 4.49153   4.77950   -0.71012  1.000 16.01567 ? 140 HIS A C   1 
ATOM   1152 O  O   . HIS A 1 141 ? 3.78431   4.76846   0.30148   1.000 18.88576 ? 140 HIS A O   1 
ATOM   1153 C  CB  . HIS A 1 141 ? 4.22075   7.00309   -1.78078  1.000 14.12748 ? 140 HIS A CB  1 
ATOM   1154 C  CG  . HIS A 1 141 ? 5.65086   7.42813   -1.87704  1.000 16.57497 ? 140 HIS A CG  1 
ATOM   1155 N  ND1 . HIS A 1 141 ? 6.51834   7.37631   -0.80598  1.000 18.80407 ? 140 HIS A ND1 1 
ATOM   1156 C  CD2 . HIS A 1 141 ? 6.38192   7.84791   -2.93601  1.000 21.16358 ? 140 HIS A CD2 1 
ATOM   1157 C  CE1 . HIS A 1 141 ? 7.71563   7.78298   -1.19457  1.000 19.07314 ? 140 HIS A CE1 1 
ATOM   1158 N  NE2 . HIS A 1 141 ? 7.65750   8.07830   -2.48072  1.000 20.49383 ? 140 HIS A NE2 1 
ATOM   1159 N  N   . ALA A 1 142 ? 5.67566   4.18283   -0.77193  1.000 13.01369 ? 141 ALA A N   1 
ATOM   1160 C  CA  . ALA A 1 142 ? 6.23992   3.50293   0.38257   1.000 14.48612 ? 141 ALA A CA  1 
ATOM   1161 C  C   . ALA A 1 142 ? 7.11452   4.47057   1.16055   1.000 17.99637 ? 141 ALA A C   1 
ATOM   1162 O  O   . ALA A 1 142 ? 8.04315   5.05632   0.59678   1.000 19.94904 ? 141 ALA A O   1 
ATOM   1163 C  CB  . ALA A 1 142 ? 7.05757   2.29105   -0.05288  1.000 19.66147 ? 141 ALA A CB  1 
ATOM   1164 N  N   . SER A 1 143 ? 6.81986   4.61691   2.45348   1.000 20.55000 ? 142 SER A N   1 
ATOM   1165 C  CA  . SER A 1 143 ? 7.50514   5.56074   3.33086   1.000 18.55139 ? 142 SER A CA  1 
ATOM   1166 C  C   . SER A 1 143 ? 7.26716   7.00639   2.91741   1.000 31.61471 ? 142 SER A C   1 
ATOM   1167 O  O   . SER A 1 143 ? 6.37016   7.30060   2.11856   1.000 26.05846 ? 142 SER A O   1 
ATOM   1168 C  CB  . SER A 1 143 ? 9.00577   5.27458   3.36357   1.000 25.76344 ? 142 SER A CB  1 
ATOM   1169 O  OG  . SER A 1 143 ? 9.27449   4.18038   4.21425   1.000 36.06692 ? 142 SER A OG  1 
ATOM   1170 N  N   . GLY A 1 144 ? 8.06620   7.91970   3.46554   1.000 35.99188 ? 143 GLY A N   1 
ATOM   1171 C  CA  . GLY A 1 144 ? 7.96396   9.30708   3.07588   1.000 41.77607 ? 143 GLY A CA  1 
ATOM   1172 C  C   . GLY A 1 144 ? 8.73094   9.60721   1.80067   1.000 45.86175 ? 143 GLY A C   1 
ATOM   1173 O  O   . GLY A 1 144 ? 9.66667   8.88551   1.45216   1.000 44.99213 ? 143 GLY A O   1 
ATOM   1174 N  N   . LYS A 1 145 ? 8.28770   10.68153  1.13333   1.000 49.58211 ? 144 LYS A N   1 
ATOM   1175 C  CA  . LYS A 1 145 ? 8.82870   11.27557  -0.10957  1.000 46.92240 ? 144 LYS A CA  1 
ATOM   1176 C  C   . LYS A 1 145 ? 7.65461   11.65710  -1.00798  1.000 46.36380 ? 144 LYS A C   1 
ATOM   1177 O  O   . LYS A 1 145 ? 7.50510   12.81259  -1.40625  1.000 55.51974 ? 144 LYS A O   1 
ATOM   1178 C  CB  . LYS A 1 145 ? 9.77681   10.34702  -0.87873  1.000 44.50761 ? 144 LYS A CB  1 
ATOM   1179 C  CG  . LYS A 1 145 ? 11.01376  11.00836  -1.45934  0.000 39.40168 ? 144 LYS A CG  1 
ATOM   1180 C  CD  . LYS A 1 145 ? 12.04494  9.95140   -1.82904  0.000 36.11711 ? 144 LYS A CD  1 
ATOM   1181 C  CE  . LYS A 1 145 ? 12.81544  10.34010  -3.07970  0.000 35.50971 ? 144 LYS A CE  1 
ATOM   1182 N  NZ  . LYS A 1 145 ? 14.14394  9.67345   -3.15635  0.000 34.76190 ? 144 LYS A NZ  1 
HETATM 1183 S  S   . SO4 B 2 .   ? 4.08960   10.67546  8.58773   0.716 46.01668 ? 201 SO4 A S   1 
HETATM 1184 O  O1  . SO4 B 2 .   ? 5.29228   10.36630  9.35936   0.716 44.25509 ? 201 SO4 A O1  1 
HETATM 1185 O  O2  . SO4 B 2 .   ? 4.34503   10.44404  7.16829   0.716 48.45486 ? 201 SO4 A O2  1 
HETATM 1186 O  O3  . SO4 B 2 .   ? 2.98597   9.82193   9.02500   0.716 39.58973 ? 201 SO4 A O3  1 
HETATM 1187 O  O4  . SO4 B 2 .   ? 3.73115   12.07805  8.78799   0.716 44.79794 ? 201 SO4 A O4  1 
HETATM 1188 C  C1  . GOL C 3 .   ? -14.84075 14.27569  -0.97601  0.907 38.74454 ? 202 GOL A C1  1 
HETATM 1189 O  O1  . GOL C 3 .   ? -15.55688 15.33725  -1.54375  0.907 31.61983 ? 202 GOL A O1  1 
HETATM 1190 C  C2  . GOL C 3 .   ? -14.79897 14.53871  0.53886   0.907 34.04648 ? 202 GOL A C2  1 
HETATM 1191 O  O2  . GOL C 3 .   ? -13.75876 15.37306  0.88424   0.907 30.12211 ? 202 GOL A O2  1 
HETATM 1192 C  C3  . GOL C 3 .   ? -14.66054 13.15308  1.20429   0.907 35.02015 ? 202 GOL A C3  1 
HETATM 1193 O  O3  . GOL C 3 .   ? -14.69516 13.37757  2.58941   0.907 30.56254 ? 202 GOL A O3  1 
HETATM 1194 C  C1  . GOL D 3 .   ? -18.51313 12.23078  -2.34344  1.000 32.51450 ? 203 GOL A C1  1 
HETATM 1195 O  O1  . GOL D 3 .   ? -18.99206 13.23343  -1.51641  1.000 19.77513 ? 203 GOL A O1  1 
HETATM 1196 C  C2  . GOL D 3 .   ? -18.44520 10.98864  -1.44262  1.000 32.56720 ? 203 GOL A C2  1 
HETATM 1197 O  O2  . GOL D 3 .   ? -17.94013 11.28471  -0.16898  1.000 36.39513 ? 203 GOL A O2  1 
HETATM 1198 C  C3  . GOL D 3 .   ? -17.52530 10.02065  -2.18477  1.000 32.96294 ? 203 GOL A C3  1 
HETATM 1199 O  O3  . GOL D 3 .   ? -17.72791 8.80258   -1.53406  1.000 36.21135 ? 203 GOL A O3  1 
HETATM 1200 C  C1  . GOL E 3 .   ? 12.83815  -8.01210  4.31614   1.000 27.82592 ? 204 GOL A C1  1 
HETATM 1201 O  O1  . GOL E 3 .   ? 13.02783  -8.06143  2.93059   1.000 21.85819 ? 204 GOL A O1  1 
HETATM 1202 C  C2  . GOL E 3 .   ? 14.16232  -8.49040  4.95449   1.000 37.92128 ? 204 GOL A C2  1 
HETATM 1203 O  O2  . GOL E 3 .   ? 15.15767  -7.54298  4.81630   1.000 47.32490 ? 204 GOL A O2  1 
HETATM 1204 C  C3  . GOL E 3 .   ? 13.82117  -8.72774  6.42973   1.000 40.99233 ? 204 GOL A C3  1 
HETATM 1205 O  O3  . GOL E 3 .   ? 12.66642  -9.52036  6.46731   1.000 42.47320 ? 204 GOL A O3  1 
HETATM 1206 C  C1  . GOL F 3 .   ? 9.18799   9.86627   -7.16679  1.000 28.04208 ? 205 GOL A C1  1 
HETATM 1207 O  O1  . GOL F 3 .   ? 8.17173   10.80641  -6.90249  1.000 30.69426 ? 205 GOL A O1  1 
HETATM 1208 C  C2  . GOL F 3 .   ? 9.23346   8.87751   -5.96032  1.000 29.04551 ? 205 GOL A C2  1 
HETATM 1209 O  O2  . GOL F 3 .   ? 8.03232   8.17487   -5.82399  1.000 28.45624 ? 205 GOL A O2  1 
HETATM 1210 C  C3  . GOL F 3 .   ? 9.53047   9.75349   -4.72314  1.000 30.19579 ? 205 GOL A C3  1 
HETATM 1211 O  O3  . GOL F 3 .   ? 9.88253   8.88233   -3.67992  1.000 25.95788 ? 205 GOL A O3  1 
HETATM 1212 O  O   . HOH G 4 .   ? 0.93440   7.38835   5.57262   1.000 26.84848 ? 301 HOH A O   1 
HETATM 1213 O  O   . HOH G 4 .   ? 3.47990   -12.50814 -5.31907  1.000 36.71054 ? 302 HOH A O   1 
HETATM 1214 O  O   . HOH G 4 .   ? -11.43863 17.38079  -1.16248  1.000 40.78462 ? 303 HOH A O   1 
HETATM 1215 O  O   . HOH G 4 .   ? 6.67174   10.03523  6.66789   1.000 43.60496 ? 304 HOH A O   1 
HETATM 1216 O  O   . HOH G 4 .   ? -18.95175 8.96105   -4.58608  1.000 31.24239 ? 305 HOH A O   1 
HETATM 1217 O  O   . HOH G 4 .   ? -8.66253  11.07098  16.24656  1.000 38.47650 ? 306 HOH A O   1 
HETATM 1218 O  O   . HOH G 4 .   ? -0.22758  -16.88051 4.06840   1.000 33.53381 ? 307 HOH A O   1 
HETATM 1219 O  O   . HOH G 4 .   ? 14.79868  -4.88472  6.85465   1.000 25.84459 ? 308 HOH A O   1 
HETATM 1220 O  O   . HOH G 4 .   ? -9.09668  17.84134  -2.65156  1.000 34.48965 ? 309 HOH A O   1 
HETATM 1221 O  O   . HOH G 4 .   ? -10.05138 8.55200   11.15504  1.000 20.67652 ? 310 HOH A O   1 
HETATM 1222 O  O   . HOH G 4 .   ? 13.74084  8.45191   -5.48699  1.000 36.42281 ? 311 HOH A O   1 
HETATM 1223 O  O   . HOH G 4 .   ? -1.90130  -15.73494 2.15622   1.000 23.41238 ? 312 HOH A O   1 
HETATM 1224 O  O   . HOH G 4 .   ? 11.92843  -12.40588 -1.90785  1.000 22.25538 ? 313 HOH A O   1 
HETATM 1225 O  O   . HOH G 4 .   ? -0.37971  -7.26392  -7.91979  1.000 40.68765 ? 314 HOH A O   1 
HETATM 1226 O  O   . HOH G 4 .   ? 4.41307   -20.55645 3.38677   1.000 43.21267 ? 315 HOH A O   1 
HETATM 1227 O  O   . HOH G 4 .   ? 3.57397   5.14220   -13.71272 1.000 25.95696 ? 316 HOH A O   1 
HETATM 1228 O  O   . HOH G 4 .   ? -7.78849  -1.76325  11.03140  1.000 26.14489 ? 317 HOH A O   1 
HETATM 1229 O  O   . HOH G 4 .   ? -5.09173  -1.94070  11.65142  1.000 21.04602 ? 318 HOH A O   1 
HETATM 1230 O  O   . HOH G 4 .   ? -12.28027 11.06213  -14.45869 1.000 34.31673 ? 319 HOH A O   1 
HETATM 1231 O  O   . HOH G 4 .   ? 8.50372   13.07767  -5.56987  1.000 37.00919 ? 320 HOH A O   1 
HETATM 1232 O  O   . HOH G 4 .   ? 17.78781  -16.92430 2.88732   1.000 39.62029 ? 321 HOH A O   1 
HETATM 1233 O  O   . HOH G 4 .   ? 1.19302   2.24711   -13.02009 1.000 37.46323 ? 322 HOH A O   1 
HETATM 1234 O  O   . HOH G 4 .   ? 0.24522   -0.04609  -12.66741 1.000 35.58203 ? 323 HOH A O   1 
HETATM 1235 O  O   . HOH G 4 .   ? 15.42411  -1.67718  -7.04959  1.000 17.20100 ? 324 HOH A O   1 
HETATM 1236 O  O   . HOH G 4 .   ? 9.81527   0.02341   -13.58718 1.000 24.77894 ? 325 HOH A O   1 
HETATM 1237 O  O   . HOH G 4 .   ? -16.61683 -0.22461  -2.96813  1.000 44.53250 ? 326 HOH A O   1 
HETATM 1238 O  O   . HOH G 4 .   ? -8.45845  -8.15805  4.24567   1.000 26.72546 ? 327 HOH A O   1 
HETATM 1239 O  O   . HOH G 4 .   ? -11.19936 14.76801  -0.09085  1.000 26.40065 ? 328 HOH A O   1 
HETATM 1240 O  O   . HOH G 4 .   ? -7.07666  -1.36670  3.39466   1.000 20.58976 ? 329 HOH A O   1 
HETATM 1241 O  O   . HOH G 4 .   ? 12.91733  -16.12006 14.03087  1.000 43.44428 ? 330 HOH A O   1 
HETATM 1242 O  O   . HOH G 4 .   ? -0.18271  -17.56372 -4.52417  1.000 24.28325 ? 331 HOH A O   1 
HETATM 1243 O  O   . HOH G 4 .   ? -17.37308 9.43775   6.55187   1.000 17.34769 ? 332 HOH A O   1 
HETATM 1244 O  O   . HOH G 4 .   ? -13.03109 15.26180  3.68744   1.000 35.45869 ? 333 HOH A O   1 
HETATM 1245 O  O   . HOH G 4 .   ? -13.18837 3.75396   -11.51168 1.000 23.52116 ? 334 HOH A O   1 
HETATM 1246 O  O   . HOH G 4 .   ? 3.12261   -9.05232  13.75526  1.000 29.83874 ? 335 HOH A O   1 
HETATM 1247 O  O   . HOH G 4 .   ? 11.12164  -5.49214  -11.97037 1.000 34.03050 ? 336 HOH A O   1 
HETATM 1248 O  O   . HOH G 4 .   ? 11.60589  -7.42016  -10.06821 1.000 28.94373 ? 337 HOH A O   1 
HETATM 1249 O  O   . HOH G 4 .   ? 1.39583   -5.51993  -3.77257  1.000 16.60602 ? 338 HOH A O   1 
HETATM 1250 O  O   . HOH G 4 .   ? 14.87888  -9.37652  -3.43952  1.000 23.57549 ? 339 HOH A O   1 
HETATM 1251 O  O   . HOH G 4 .   ? -15.39020 14.32782  -4.11362  1.000 22.83529 ? 340 HOH A O   1 
HETATM 1252 O  O   . HOH G 4 .   ? -10.68662 4.11947   16.47746  1.000 20.08952 ? 341 HOH A O   1 
HETATM 1253 O  O   . HOH G 4 .   ? 6.46192   11.31565  -9.13689  1.000 26.45266 ? 342 HOH A O   1 
HETATM 1254 O  O   . HOH G 4 .   ? 6.65633   -13.08990 13.49680  1.000 31.19565 ? 343 HOH A O   1 
HETATM 1255 O  O   . HOH G 4 .   ? -10.55021 10.29769  8.89432   1.000 38.09590 ? 344 HOH A O   1 
HETATM 1256 O  O   . HOH G 4 .   ? 0.88900   -8.85340  12.66133  1.000 33.59125 ? 345 HOH A O   1 
HETATM 1257 O  O   . HOH G 4 .   ? 2.35023   -4.22800  -12.93418 1.000 40.85819 ? 346 HOH A O   1 
HETATM 1258 O  O   . HOH G 4 .   ? -8.99627  17.24498  -6.43229  1.000 28.58390 ? 347 HOH A O   1 
HETATM 1259 O  O   . HOH G 4 .   ? -8.79037  0.45286   9.25217   1.000 24.00924 ? 348 HOH A O   1 
HETATM 1260 O  O   . HOH G 4 .   ? -3.64834  -16.14917 4.18792   1.000 30.03080 ? 349 HOH A O   1 
HETATM 1261 O  O   . HOH G 4 .   ? -5.48167  12.78623  -11.87925 1.000 18.30567 ? 350 HOH A O   1 
HETATM 1262 O  O   . HOH G 4 .   ? -1.66171  15.70446  -1.10840  1.000 24.26948 ? 351 HOH A O   1 
HETATM 1263 O  O   . HOH G 4 .   ? -10.57374 2.04877   10.07958  1.000 26.26350 ? 352 HOH A O   1 
HETATM 1264 O  O   . HOH G 4 .   ? -0.35673  16.66014  -7.88088  1.000 33.87314 ? 353 HOH A O   1 
HETATM 1265 O  O   . HOH G 4 .   ? 8.77854   0.92951   -6.60545  1.000 15.34293 ? 354 HOH A O   1 
HETATM 1266 O  O   . HOH G 4 .   ? -19.06681 8.06561   -7.96759  1.000 41.44884 ? 355 HOH A O   1 
HETATM 1267 O  O   . HOH G 4 .   ? 6.97485   12.66481  2.70271   1.000 43.22030 ? 356 HOH A O   1 
HETATM 1268 O  O   . HOH G 4 .   ? -5.56847  13.36898  11.57679  1.000 42.99674 ? 357 HOH A O   1 
HETATM 1269 O  O   . HOH G 4 .   ? -9.04781  -3.58567  -3.71427  1.000 21.99615 ? 358 HOH A O   1 
HETATM 1270 O  O   . HOH G 4 .   ? 6.45348   6.15648   7.32026   1.000 31.57119 ? 359 HOH A O   1 
HETATM 1271 O  O   . HOH G 4 .   ? 3.52021   -1.33378  -14.67674 1.000 40.15350 ? 360 HOH A O   1 
HETATM 1272 O  O   . HOH G 4 .   ? 10.73256  -10.20308 -10.54116 1.000 32.54418 ? 361 HOH A O   1 
HETATM 1273 O  O   . HOH G 4 .   ? -12.81921 1.28779   9.13073   1.000 41.63270 ? 362 HOH A O   1 
HETATM 1274 O  O   . HOH G 4 .   ? -4.20177  2.93264   -18.03867 1.000 34.17722 ? 363 HOH A O   1 
HETATM 1275 O  O   . HOH G 4 .   ? -12.03236 7.39208   14.91685  1.000 24.38850 ? 364 HOH A O   1 
HETATM 1276 O  O   . HOH G 4 .   ? 10.47516  3.55043   0.23054   1.000 18.22329 ? 365 HOH A O   1 
HETATM 1277 O  O   . HOH G 4 .   ? 1.53291   0.59519   14.47690  1.000 21.94387 ? 366 HOH A O   1 
HETATM 1278 O  O   . HOH G 4 .   ? -8.34510  -4.88344  2.16333   1.000 30.93673 ? 367 HOH A O   1 
HETATM 1279 O  O   . HOH G 4 .   ? -2.54380  -5.05294  -3.96709  1.000 26.97092 ? 368 HOH A O   1 
HETATM 1280 O  O   . HOH G 4 .   ? 11.69612  8.23439   -9.09270  1.000 28.10446 ? 369 HOH A O   1 
HETATM 1281 O  O   . HOH G 4 .   ? 6.84784   3.26952   -14.81877 1.000 34.66884 ? 370 HOH A O   1 
HETATM 1282 O  O   . HOH G 4 .   ? 6.96417   -18.46202 8.68322   1.000 39.71140 ? 371 HOH A O   1 
HETATM 1283 O  O   . HOH G 4 .   ? 8.77496   -8.36594  -11.27152 1.000 28.46108 ? 372 HOH A O   1 
HETATM 1284 O  O   . HOH G 4 .   ? 4.18443   14.51288  -6.34987  1.000 23.16718 ? 373 HOH A O   1 
HETATM 1285 O  O   . HOH G 4 .   ? 11.56590  -12.28459 7.30723   1.000 19.57753 ? 374 HOH A O   1 
HETATM 1286 O  O   . HOH G 4 .   ? -3.64116  1.75188   -0.88162  1.000 21.70356 ? 375 HOH A O   1 
HETATM 1287 O  O   . HOH G 4 .   ? -3.95332  10.95445  12.40107  1.000 26.68052 ? 376 HOH A O   1 
HETATM 1288 O  O   . HOH G 4 .   ? -5.85470  11.57251  -16.71533 1.000 34.48260 ? 377 HOH A O   1 
HETATM 1289 O  O   . HOH G 4 .   ? 1.89089   16.45083  -6.01069  1.000 33.46293 ? 378 HOH A O   1 
HETATM 1290 O  O   . HOH G 4 .   ? -14.68469 -1.02599  -5.50678  1.000 34.98007 ? 379 HOH A O   1 
HETATM 1291 O  O   . HOH G 4 .   ? 3.66116   -5.84599  -11.59614 1.000 41.19430 ? 380 HOH A O   1 
HETATM 1292 O  O   . HOH G 4 .   ? -6.78279  -0.79585  14.66698  1.000 26.40575 ? 381 HOH A O   1 
HETATM 1293 O  O   . HOH G 4 .   ? -3.09454  13.35136  -13.22604 1.000 20.31939 ? 382 HOH A O   1 
HETATM 1294 O  O   . HOH G 4 .   ? 5.43311   2.83933   16.98147  1.000 40.03398 ? 383 HOH A O   1 
HETATM 1295 O  O   . HOH G 4 .   ? -0.05742  7.34090   17.12654  1.000 35.77193 ? 384 HOH A O   1 
HETATM 1296 O  O   . HOH G 4 .   ? 6.96875   7.16323   -10.69021 1.000 22.95937 ? 385 HOH A O   1 
HETATM 1297 O  O   . HOH G 4 .   ? 16.07520  6.99815   -3.96108  1.000 43.19052 ? 386 HOH A O   1 
HETATM 1298 O  O   . HOH G 4 .   ? 16.52073  -15.31510 4.03972   1.000 36.16660 ? 387 HOH A O   1 
HETATM 1299 O  O   . HOH G 4 .   ? 7.77676   7.93288   8.10274   1.000 44.96367 ? 388 HOH A O   1 
HETATM 1300 O  O   . HOH G 4 .   ? 4.82207   -18.83559 4.77283   1.000 39.56787 ? 389 HOH A O   1 
HETATM 1301 O  O   . HOH G 4 .   ? -1.73199  11.82556  -17.24011 1.000 31.63952 ? 390 HOH A O   1 
HETATM 1302 O  O   . HOH G 4 .   ? 3.37036   4.31816   18.28704  1.000 31.18982 ? 391 HOH A O   1 
HETATM 1303 O  O   . HOH G 4 .   ? -3.56463  13.16780  -16.07749 1.000 25.45839 ? 392 HOH A O   1 
HETATM 1304 O  O   . HOH G 4 .   ? 7.74073   10.03711  -11.04890 0.50  20.94378 ? 393 HOH A O   1 
HETATM 1305 O  O   . HOH G 4 .   ? -20.28330 11.05000  -5.73108  1.000 28.96024 ? 394 HOH A O   1 
# 
